data_9MV0
#
_entry.id   9MV0
#
_cell.length_a   1.00
_cell.length_b   1.00
_cell.length_c   1.00
_cell.angle_alpha   90.00
_cell.angle_beta   90.00
_cell.angle_gamma   90.00
#
_symmetry.space_group_name_H-M   'P 1'
#
loop_
_entity.id
_entity.type
_entity.pdbx_description
1 polymer 'Angiotensin-converting enzyme'
2 polymer 'Spike glycoprotein'
3 branched 2-acetamido-2-deoxy-beta-D-glucopyranose-(1-4)-2-acetamido-2-deoxy-beta-D-glucopyranose
4 non-polymer 2-acetamido-2-deoxy-beta-D-glucopyranose
#
loop_
_entity_poly.entity_id
_entity_poly.type
_entity_poly.pdbx_seq_one_letter_code
_entity_poly.pdbx_strand_id
1 'polypeptide(L)'
;MSSSSWLLLSLVAVAGAQYTTEEEARRFLVKFNHEAENLSHESALASWDYNTNITDENAKKMNEADNKWSDFYKEQSKIA
QGFPLQEIKDPIIKLQLQILQQNGSSVLTAEKRKRLSTILTTMSTIYSTGKVCNPNNPQQCFTLSGLEDIMEKSKDYHER
LWVWEGWRSEVGKQLRPLYEEYVELKNEMARGNNYKDYGDYWRGDYETEGEKGYNYSRNYLMEDVDRIFLEIKPLYEQLH
AYVRAKLMKAYPSHISPTGCLPAHLLGDMWGRFWTNLYNLTVPLEKEPNIDVTDTMKKQSWDAEKIFKEAEKFYSSVGLP
NMTPGFWRDSMLTEPSDGRQVVCHPTAWDLGKNDFRIKMCTKVTMDDFLTAHHEMGHIQYDMAYANQSYLLRNGANEGFH
EAVGEVMSLSVATPKHLKGMGLLPSDFSENNETEINFLLKQALTIVGTLPFTYMLEKWRWMVFEGKIPKEQWMEKWWEMK
REIVGVVEPLPHDETYCDPASLFHVANDYSFIRYFTRTILEFQFQEALCRTAKHQGPLHKCDISNSTEAGKKLNDMLKLG
KSTPWTYALEKIAETKEMDAKPLLNYFNPLFRWLKEQNGNSVGWSVDSSPYSNQSIKVRISLKSALGEKAYEWNENEMYL
FQSSVAYAMRVYFLKAKNESIPFRAEDVRVSDEKKRVSFKFFVTSPTNMSDIIPRSEVEDAIRMSRSRINDAFRLDDNTL
EFLGVQPTLGPPYQPPVTIWLIVFGVVMGVVVIGIGVLIFTGIRDRKKRNQAENEENPYSSVNLSKGENNPGFQSGDDVQ
TSF
;
A,C
2 'polypeptide(L)'
;MIRSVLVLMCSLTFIGNLTRGQSVDMGHNGTGSCLDSQVQPDYFESVHTTWPMPIDTSKAEGVIYPNGKSYSNITLTYTG
LYPKANDLGKQYLFSDGHSAPGRLNNLFVSNYSSQVESFDDGFVVRIGAAANKTGTTVISQSTFKPIKKIYPAFLLGHSV
GNYTPSNRTGRYLNHTLVILPDGCGTILHAFYCVLHPRTQQNCAGETNFKSLSLWDTPASDCVSGSYNQEATLGAFKVYF
DLINCTFRYNYTITEDENAEWFGITQDTQGVHLYSSRKENVFRNNMFHFATLPVYQKILYYTVIPRSIRSPFNDRKAWAA
FYIYKLHPLTYLLNFDVEGYITKAVDCGYDDLAQLQCSYESFEVETGVYSVSSFEASPRGEFIEQATTQECDFTPMLTGT
PPPIYNFKRLVFTNCNYNLTKLLSLFQVSEFSCHQVSPSSLATGCYSSLTVDYFAYSTDMSSYLQPGSAGAIVQFNYKQD
FSNPTCRVLATVPQNLTTITKPSNYAYLTECYKTSAYGKNYLYNAPGAYTPCLSLASRGFSTKYQSHSDGELTTTGYIYP
VTGNLQMAFIISVQYGTDTNSVCPMQALRNDTSIEDKLDVCVEYSLHGITGRGVFHNCTSVGLRNQRFVYDTFDNLVGYH
SDNGNYYCVRPCVSVPVSVIYDKASNSHATLFGSVACSHVTTMMSQFSRMTKTNLLARTTPGPLQTTVGCAMGFINSSMV
VDECQLPLGQSLCAIPPTTSSRVRRATSGASDVFQIATLNFTSPLTLAPINSTGFVVAVPTNFTFGVTQEFIETTIQKIT
VDCKQYVCNGFKKCEDLLKEYGQFCSKINQALHGANLRQDESIANLFSSIKTQNTQPLQAGLNGDFNLTMLQIPQVTTGE
RKYRSTIEDLLFNKVTIADPGYMQGYDECMQQGPQSARDLICAQYVAGYKVLPPLYDPYMEAAYTSSLLGSIAGASWTAG
LSSFAAIPFAQSIFYRLNGVGITQQVLSENQKIIANKFNQALGAMQTGFTTTNLAFNKVQDAVNANAMALSKLAAELSNT
FGAISSSISDILARLDTVEQEAQIDRLINGRLTSLNAFVAQQLVRTEAAARSAQLAQDKVNECVKSQSKRNGFCGTGTHI
VSFAINAPNGLYFFHVGYQPTSHVNATAAYGLCNTENPQKCIAPIDGYFVLNQTTSTVADSDQQWYYTGSSFFHPEPITE
ANSKYVSMDVKFENLTNRLPPPLLSNSTDLDFKEELEEFFKNVSSQGPNFQEISKINTTLLNLNTELMVLSEVVKQLNES
YIDLKELGNYTFYQKWPWYIWLGFIAGLVALALCVFFILCCTGCGTSCLGKLKCNRCCDSYDEYEVEKIHVH
;
B,D
#
loop_
_chem_comp.id
_chem_comp.type
_chem_comp.name
_chem_comp.formula
NAG D-saccharide, beta linking 2-acetamido-2-deoxy-beta-D-glucopyranose 'C8 H15 N O6'
#
# COMPACT_ATOMS: atom_id res chain seq x y z
N TYR A 19 -40.05 43.59 -38.50
CA TYR A 19 -38.66 43.95 -38.89
C TYR A 19 -37.63 43.11 -38.14
N THR A 20 -38.10 42.08 -37.44
CA THR A 20 -37.22 41.19 -36.69
C THR A 20 -36.98 39.87 -37.41
N THR A 21 -38.00 39.29 -38.03
CA THR A 21 -37.85 38.06 -38.79
C THR A 21 -37.13 37.02 -37.93
N GLU A 22 -35.88 36.69 -38.26
CA GLU A 22 -35.04 35.87 -37.39
C GLU A 22 -33.59 36.36 -37.34
N GLU A 23 -33.29 37.55 -37.86
CA GLU A 23 -31.92 38.04 -37.79
C GLU A 23 -31.49 38.31 -36.35
N GLU A 24 -32.43 38.47 -35.42
CA GLU A 24 -32.06 38.55 -34.01
C GLU A 24 -31.31 37.29 -33.59
N ALA A 25 -31.79 36.13 -34.04
CA ALA A 25 -31.07 34.90 -33.80
C ALA A 25 -29.68 34.96 -34.45
N ARG A 26 -29.60 35.49 -35.67
CA ARG A 26 -28.31 35.56 -36.35
C ARG A 26 -27.31 36.36 -35.51
N ARG A 27 -27.71 37.54 -35.04
CA ARG A 27 -26.79 38.36 -34.26
C ARG A 27 -26.44 37.69 -32.94
N PHE A 28 -27.41 37.10 -32.24
CA PHE A 28 -27.11 36.44 -30.98
C PHE A 28 -26.13 35.28 -31.19
N LEU A 29 -26.34 34.54 -32.28
CA LEU A 29 -25.41 33.48 -32.66
C LEU A 29 -24.00 34.03 -32.83
N VAL A 30 -23.86 35.10 -33.61
CA VAL A 30 -22.54 35.70 -33.79
C VAL A 30 -21.97 36.12 -32.45
N LYS A 31 -22.83 36.59 -31.55
CA LYS A 31 -22.37 37.04 -30.25
C LYS A 31 -21.71 35.92 -29.47
N PHE A 32 -22.37 34.76 -29.32
CA PHE A 32 -21.68 33.75 -28.51
C PHE A 32 -20.51 33.18 -29.29
N ASN A 33 -20.58 33.25 -30.63
CA ASN A 33 -19.46 32.77 -31.43
C ASN A 33 -18.21 33.56 -31.13
N HIS A 34 -18.33 34.87 -30.91
CA HIS A 34 -17.17 35.67 -30.56
C HIS A 34 -16.39 35.09 -29.38
N GLU A 35 -17.08 34.80 -28.27
CA GLU A 35 -16.41 34.54 -27.01
C GLU A 35 -16.43 33.09 -26.55
N ALA A 36 -17.04 32.18 -27.31
CA ALA A 36 -17.03 30.78 -26.90
C ALA A 36 -15.66 30.15 -27.14
N GLU A 37 -15.07 30.41 -28.31
CA GLU A 37 -13.88 29.68 -28.73
C GLU A 37 -12.71 29.93 -27.79
N ASN A 38 -12.45 31.19 -27.44
CA ASN A 38 -11.28 31.49 -26.62
C ASN A 38 -11.39 30.81 -25.26
N LEU A 39 -12.53 30.97 -24.59
CA LEU A 39 -12.71 30.38 -23.27
C LEU A 39 -12.59 28.87 -23.33
N SER A 40 -13.19 28.25 -24.36
CA SER A 40 -12.99 26.82 -24.55
C SER A 40 -11.51 26.50 -24.67
N HIS A 41 -10.76 27.36 -25.36
CA HIS A 41 -9.34 27.12 -25.54
C HIS A 41 -8.61 27.12 -24.20
N GLU A 42 -8.87 28.12 -23.36
CA GLU A 42 -8.17 28.12 -22.06
C GLU A 42 -8.56 26.91 -21.22
N SER A 43 -9.85 26.56 -21.21
CA SER A 43 -10.27 25.40 -20.42
C SER A 43 -9.56 24.15 -20.91
N ALA A 44 -9.50 23.95 -22.23
CA ALA A 44 -8.91 22.74 -22.77
C ALA A 44 -7.40 22.71 -22.55
N LEU A 45 -6.73 23.85 -22.67
CA LEU A 45 -5.29 23.85 -22.43
C LEU A 45 -5.00 23.59 -20.96
N ALA A 46 -5.85 24.08 -20.05
CA ALA A 46 -5.68 23.73 -18.64
C ALA A 46 -5.83 22.23 -18.42
N SER A 47 -6.84 21.63 -19.06
CA SER A 47 -7.01 20.18 -18.93
C SER A 47 -5.78 19.43 -19.44
N TRP A 48 -5.26 19.85 -20.60
CA TRP A 48 -4.04 19.22 -21.12
C TRP A 48 -2.87 19.41 -20.15
N ASP A 49 -2.72 20.61 -19.61
CA ASP A 49 -1.62 20.88 -18.69
C ASP A 49 -1.68 19.93 -17.51
N TYR A 50 -2.87 19.70 -16.95
CA TYR A 50 -2.99 18.71 -15.89
C TYR A 50 -2.62 17.32 -16.40
N ASN A 51 -3.18 16.93 -17.54
CA ASN A 51 -2.98 15.57 -18.03
C ASN A 51 -1.52 15.27 -18.32
N THR A 52 -0.72 16.28 -18.62
CA THR A 52 0.70 16.08 -18.87
C THR A 52 1.50 16.08 -17.58
N ASN A 53 1.29 17.07 -16.72
CA ASN A 53 1.97 17.18 -15.43
C ASN A 53 0.92 17.04 -14.33
N ILE A 54 1.20 16.16 -13.37
CA ILE A 54 0.26 15.89 -12.28
C ILE A 54 0.74 16.68 -11.06
N THR A 55 -0.02 17.70 -10.69
CA THR A 55 0.31 18.52 -9.54
C THR A 55 -0.98 19.01 -8.88
N ASP A 56 -0.88 19.32 -7.59
CA ASP A 56 -2.06 19.75 -6.84
C ASP A 56 -2.62 21.06 -7.37
N GLU A 57 -1.75 22.03 -7.67
CA GLU A 57 -2.23 23.32 -8.14
C GLU A 57 -3.00 23.20 -9.45
N ASN A 58 -2.68 22.19 -10.25
CA ASN A 58 -3.42 21.98 -11.49
C ASN A 58 -4.88 21.66 -11.22
N ALA A 59 -5.16 20.96 -10.12
CA ALA A 59 -6.55 20.71 -9.76
C ALA A 59 -7.29 22.02 -9.50
N LYS A 60 -6.67 22.94 -8.77
CA LYS A 60 -7.29 24.23 -8.53
C LYS A 60 -7.46 25.00 -9.84
N LYS A 61 -6.47 24.90 -10.73
CA LYS A 61 -6.57 25.57 -12.02
C LYS A 61 -7.77 25.06 -12.82
N MET A 62 -7.90 23.74 -12.92
CA MET A 62 -9.05 23.20 -13.67
C MET A 62 -10.35 23.58 -12.99
N ASN A 63 -10.38 23.59 -11.66
CA ASN A 63 -11.61 23.94 -10.96
C ASN A 63 -12.01 25.38 -11.27
N GLU A 64 -11.07 26.32 -11.11
CA GLU A 64 -11.38 27.72 -11.36
C GLU A 64 -11.65 28.00 -12.83
N ALA A 65 -11.22 27.12 -13.74
CA ALA A 65 -11.58 27.29 -15.14
C ALA A 65 -12.97 26.73 -15.43
N ASP A 66 -13.22 25.48 -15.03
CA ASP A 66 -14.46 24.82 -15.38
C ASP A 66 -15.65 25.41 -14.65
N ASN A 67 -15.45 25.95 -13.44
CA ASN A 67 -16.58 26.57 -12.74
C ASN A 67 -17.12 27.75 -13.53
N LYS A 68 -16.23 28.63 -13.98
CA LYS A 68 -16.68 29.78 -14.77
C LYS A 68 -17.13 29.36 -16.16
N TRP A 69 -16.53 28.29 -16.72
CA TRP A 69 -16.97 27.79 -18.01
C TRP A 69 -18.41 27.29 -17.95
N SER A 70 -18.73 26.52 -16.90
CA SER A 70 -20.10 26.08 -16.71
C SER A 70 -21.02 27.24 -16.33
N ASP A 71 -20.50 28.24 -15.63
CA ASP A 71 -21.31 29.43 -15.34
C ASP A 71 -21.69 30.14 -16.63
N PHE A 72 -20.75 30.25 -17.57
CA PHE A 72 -21.08 30.84 -18.85
C PHE A 72 -22.09 29.97 -19.60
N TYR A 73 -21.93 28.65 -19.56
CA TYR A 73 -22.97 27.78 -20.11
C TYR A 73 -24.34 28.12 -19.52
N LYS A 74 -24.43 28.23 -18.20
CA LYS A 74 -25.73 28.38 -17.57
C LYS A 74 -26.34 29.74 -17.90
N GLU A 75 -25.53 30.80 -17.87
CA GLU A 75 -26.07 32.12 -18.18
C GLU A 75 -26.51 32.21 -19.64
N GLN A 76 -25.72 31.69 -20.57
CA GLN A 76 -26.12 31.76 -21.97
C GLN A 76 -27.35 30.89 -22.23
N SER A 77 -27.44 29.73 -21.58
CA SER A 77 -28.62 28.89 -21.74
C SER A 77 -29.87 29.58 -21.19
N LYS A 78 -29.78 30.16 -20.00
CA LYS A 78 -30.94 30.82 -19.41
C LYS A 78 -31.35 32.07 -20.18
N ILE A 79 -30.40 32.77 -20.79
CA ILE A 79 -30.75 33.91 -21.63
C ILE A 79 -31.23 33.50 -23.01
N ALA A 80 -30.90 32.29 -23.46
CA ALA A 80 -31.32 31.82 -24.78
C ALA A 80 -32.64 31.06 -24.74
N GLN A 81 -33.19 30.78 -23.54
CA GLN A 81 -34.38 29.95 -23.46
C GLN A 81 -35.64 30.66 -23.92
N GLY A 82 -35.74 31.97 -23.66
CA GLY A 82 -36.99 32.69 -23.94
C GLY A 82 -37.33 32.79 -25.42
N PHE A 83 -36.35 32.66 -26.29
CA PHE A 83 -36.60 32.85 -27.71
C PHE A 83 -37.51 31.75 -28.25
N PRO A 84 -38.49 32.09 -29.08
CA PRO A 84 -39.39 31.07 -29.63
C PRO A 84 -38.68 30.19 -30.65
N LEU A 85 -39.26 29.01 -30.87
CA LEU A 85 -38.70 28.01 -31.78
C LEU A 85 -39.55 27.78 -33.02
N GLN A 86 -40.88 27.82 -32.90
CA GLN A 86 -41.73 27.49 -34.03
C GLN A 86 -41.57 28.48 -35.19
N GLU A 87 -41.05 29.67 -34.93
CA GLU A 87 -40.89 30.68 -35.96
C GLU A 87 -39.61 30.50 -36.77
N ILE A 88 -38.78 29.52 -36.43
CA ILE A 88 -37.55 29.27 -37.15
C ILE A 88 -37.86 28.46 -38.41
N LYS A 89 -37.35 28.91 -39.55
CA LYS A 89 -37.58 28.25 -40.83
C LYS A 89 -36.34 27.58 -41.39
N ASP A 90 -35.18 28.23 -41.32
CA ASP A 90 -33.97 27.68 -41.90
C ASP A 90 -33.49 26.51 -41.02
N PRO A 91 -33.34 25.31 -41.58
CA PRO A 91 -32.90 24.18 -40.74
C PRO A 91 -31.53 24.36 -40.14
N ILE A 92 -30.63 25.08 -40.81
CA ILE A 92 -29.26 25.18 -40.33
C ILE A 92 -29.23 25.86 -38.96
N ILE A 93 -29.90 27.00 -38.84
CA ILE A 93 -29.95 27.67 -37.54
C ILE A 93 -30.92 26.96 -36.61
N LYS A 94 -31.93 26.29 -37.16
CA LYS A 94 -32.89 25.57 -36.32
C LYS A 94 -32.20 24.47 -35.53
N LEU A 95 -31.26 23.77 -36.16
CA LEU A 95 -30.53 22.71 -35.46
C LEU A 95 -29.78 23.29 -34.26
N GLN A 96 -29.05 24.38 -34.49
CA GLN A 96 -28.30 25.00 -33.41
C GLN A 96 -29.22 25.47 -32.29
N LEU A 97 -30.34 26.09 -32.65
CA LEU A 97 -31.26 26.58 -31.63
C LEU A 97 -31.86 25.43 -30.83
N GLN A 98 -32.27 24.36 -31.50
CA GLN A 98 -32.84 23.22 -30.81
C GLN A 98 -31.82 22.57 -29.88
N ILE A 99 -30.58 22.43 -30.35
CA ILE A 99 -29.53 21.90 -29.48
C ILE A 99 -29.34 22.82 -28.27
N LEU A 100 -29.37 24.13 -28.50
CA LEU A 100 -29.11 25.08 -27.43
C LEU A 100 -30.30 25.19 -26.48
N GLN A 101 -31.52 25.27 -27.02
CA GLN A 101 -32.71 25.51 -26.21
C GLN A 101 -33.14 24.19 -25.58
N GLN A 102 -32.41 23.80 -24.53
CA GLN A 102 -32.66 22.57 -23.80
C GLN A 102 -32.63 22.86 -22.31
N ASN A 103 -33.62 22.35 -21.58
CA ASN A 103 -33.73 22.56 -20.14
C ASN A 103 -33.47 21.29 -19.35
N GLY A 104 -34.10 20.18 -19.71
CA GLY A 104 -33.77 18.90 -19.11
C GLY A 104 -33.93 18.90 -17.59
N SER A 105 -32.89 18.43 -16.91
CA SER A 105 -32.94 18.25 -15.46
C SER A 105 -33.21 19.55 -14.71
N SER A 106 -33.17 20.70 -15.39
CA SER A 106 -33.44 21.96 -14.71
C SER A 106 -34.87 22.03 -14.20
N VAL A 107 -35.76 21.15 -14.66
CA VAL A 107 -37.14 21.16 -14.22
C VAL A 107 -37.32 20.26 -13.00
N LEU A 108 -36.20 19.85 -12.39
CA LEU A 108 -36.22 18.96 -11.24
C LEU A 108 -35.86 19.75 -9.98
N THR A 109 -36.51 19.42 -8.87
CA THR A 109 -36.29 20.14 -7.63
C THR A 109 -35.00 19.64 -6.98
N ALA A 110 -34.33 20.52 -6.23
CA ALA A 110 -32.93 20.30 -5.87
C ALA A 110 -32.71 19.00 -5.10
N GLU A 111 -33.61 18.67 -4.16
CA GLU A 111 -33.32 17.55 -3.26
C GLU A 111 -33.14 16.25 -4.04
N LYS A 112 -34.03 15.99 -4.99
CA LYS A 112 -33.91 14.75 -5.75
C LYS A 112 -32.71 14.79 -6.70
N ARG A 113 -32.36 15.98 -7.21
CA ARG A 113 -31.15 16.08 -8.02
C ARG A 113 -29.91 15.70 -7.22
N LYS A 114 -29.79 16.24 -6.01
CA LYS A 114 -28.64 15.88 -5.17
C LYS A 114 -28.70 14.43 -4.74
N ARG A 115 -29.91 13.89 -4.52
CA ARG A 115 -30.03 12.47 -4.21
C ARG A 115 -29.52 11.62 -5.36
N LEU A 116 -29.88 11.99 -6.60
CA LEU A 116 -29.42 11.26 -7.77
C LEU A 116 -27.90 11.33 -7.87
N SER A 117 -27.33 12.51 -7.67
CA SER A 117 -25.88 12.64 -7.74
C SER A 117 -25.21 11.78 -6.67
N THR A 118 -25.73 11.82 -5.45
CA THR A 118 -25.15 11.05 -4.36
C THR A 118 -25.21 9.56 -4.64
N ILE A 119 -26.36 9.07 -5.14
CA ILE A 119 -26.50 7.65 -5.38
C ILE A 119 -25.59 7.22 -6.54
N LEU A 120 -25.45 8.05 -7.56
CA LEU A 120 -24.53 7.73 -8.64
C LEU A 120 -23.10 7.63 -8.13
N THR A 121 -22.68 8.58 -7.29
CA THR A 121 -21.34 8.53 -6.73
C THR A 121 -21.16 7.28 -5.87
N THR A 122 -22.19 6.94 -5.07
CA THR A 122 -22.11 5.75 -4.24
C THR A 122 -21.96 4.49 -5.09
N MET A 123 -22.71 4.40 -6.18
CA MET A 123 -22.60 3.24 -7.05
C MET A 123 -21.21 3.15 -7.66
N SER A 124 -20.67 4.28 -8.12
CA SER A 124 -19.33 4.28 -8.68
C SER A 124 -18.32 3.79 -7.64
N THR A 125 -18.39 4.35 -6.44
CA THR A 125 -17.44 3.98 -5.40
C THR A 125 -17.55 2.49 -5.06
N ILE A 126 -18.78 1.99 -4.89
CA ILE A 126 -18.93 0.59 -4.51
C ILE A 126 -18.43 -0.32 -5.61
N TYR A 127 -18.60 0.07 -6.87
CA TYR A 127 -18.04 -0.74 -7.95
C TYR A 127 -16.52 -0.70 -7.95
N SER A 128 -15.93 0.43 -7.57
CA SER A 128 -14.48 0.59 -7.70
C SER A 128 -13.70 -0.26 -6.71
N THR A 129 -14.33 -0.75 -5.64
CA THR A 129 -13.62 -1.36 -4.51
C THR A 129 -14.15 -2.75 -4.22
N GLY A 130 -14.31 -3.57 -5.27
CA GLY A 130 -14.72 -4.93 -5.07
C GLY A 130 -13.63 -5.80 -4.49
N LYS A 131 -14.04 -6.98 -3.99
CA LYS A 131 -13.09 -7.94 -3.45
C LYS A 131 -13.78 -9.28 -3.18
N VAL A 132 -13.11 -10.38 -3.52
CA VAL A 132 -13.63 -11.72 -3.29
C VAL A 132 -12.52 -12.58 -2.73
N CYS A 133 -12.81 -13.28 -1.64
CA CYS A 133 -11.79 -13.97 -0.88
C CYS A 133 -12.23 -15.41 -0.66
N ASN A 134 -11.27 -16.35 -0.78
CA ASN A 134 -11.63 -17.75 -0.64
C ASN A 134 -11.69 -18.18 0.83
N PRO A 135 -12.56 -19.14 1.16
CA PRO A 135 -12.57 -19.65 2.54
C PRO A 135 -11.27 -20.33 2.94
N ASN A 136 -10.55 -20.94 2.00
CA ASN A 136 -9.35 -21.70 2.35
C ASN A 136 -8.29 -20.80 2.97
N ASN A 137 -8.08 -19.63 2.39
CA ASN A 137 -7.05 -18.68 2.84
C ASN A 137 -7.66 -17.29 2.93
N PRO A 138 -8.55 -17.07 3.91
CA PRO A 138 -9.32 -15.82 3.92
C PRO A 138 -8.49 -14.55 4.05
N GLN A 139 -7.18 -14.65 4.22
CA GLN A 139 -6.35 -13.45 4.34
C GLN A 139 -5.75 -13.01 3.02
N GLN A 140 -5.86 -13.80 1.96
CA GLN A 140 -5.34 -13.46 0.64
C GLN A 140 -6.49 -13.36 -0.35
N CYS A 141 -6.53 -12.26 -1.08
CA CYS A 141 -7.54 -12.08 -2.12
C CYS A 141 -7.28 -10.76 -2.84
N PHE A 142 -8.09 -10.50 -3.86
CA PHE A 142 -7.69 -9.62 -4.94
C PHE A 142 -8.71 -8.49 -5.12
N THR A 143 -8.32 -7.54 -5.98
CA THR A 143 -9.19 -6.48 -6.47
C THR A 143 -9.50 -6.80 -7.94
N LEU A 144 -10.29 -5.93 -8.59
CA LEU A 144 -10.75 -6.23 -9.94
C LEU A 144 -9.58 -6.51 -10.89
N SER A 145 -8.44 -5.87 -10.69
CA SER A 145 -7.33 -6.01 -11.64
C SER A 145 -6.74 -7.42 -11.60
N GLY A 146 -6.21 -7.82 -10.45
CA GLY A 146 -5.70 -9.17 -10.33
C GLY A 146 -6.78 -10.21 -10.55
N LEU A 147 -8.02 -9.88 -10.19
CA LEU A 147 -9.14 -10.79 -10.46
C LEU A 147 -9.28 -11.06 -11.95
N GLU A 148 -9.26 -10.00 -12.76
CA GLU A 148 -9.33 -10.16 -14.21
C GLU A 148 -8.11 -10.91 -14.74
N ASP A 149 -6.94 -10.64 -14.17
CA ASP A 149 -5.75 -11.36 -14.59
C ASP A 149 -5.92 -12.86 -14.36
N ILE A 150 -6.40 -13.25 -13.18
CA ILE A 150 -6.63 -14.67 -12.89
C ILE A 150 -7.67 -15.23 -13.85
N MET A 151 -8.75 -14.49 -14.09
CA MET A 151 -9.77 -14.95 -15.02
C MET A 151 -9.16 -15.23 -16.39
N GLU A 152 -8.26 -14.36 -16.84
CA GLU A 152 -7.68 -14.49 -18.17
C GLU A 152 -6.68 -15.63 -18.24
N LYS A 153 -5.94 -15.89 -17.17
CA LYS A 153 -4.86 -16.87 -17.22
C LYS A 153 -5.29 -18.25 -16.74
N SER A 154 -6.19 -18.33 -15.77
CA SER A 154 -6.52 -19.61 -15.16
C SER A 154 -7.07 -20.59 -16.18
N LYS A 155 -6.96 -21.89 -15.85
CA LYS A 155 -7.42 -22.96 -16.72
C LYS A 155 -8.18 -24.05 -15.96
N ASP A 156 -8.65 -23.76 -14.75
CA ASP A 156 -9.38 -24.73 -13.94
C ASP A 156 -10.87 -24.42 -13.96
N TYR A 157 -11.67 -25.44 -14.27
CA TYR A 157 -13.12 -25.27 -14.29
C TYR A 157 -13.64 -24.85 -12.92
N HIS A 158 -13.25 -25.58 -11.88
CA HIS A 158 -13.79 -25.32 -10.55
C HIS A 158 -13.44 -23.92 -10.07
N GLU A 159 -12.17 -23.55 -10.15
CA GLU A 159 -11.75 -22.24 -9.64
C GLU A 159 -12.41 -21.11 -10.40
N ARG A 160 -12.50 -21.24 -11.72
CA ARG A 160 -13.12 -20.19 -12.52
C ARG A 160 -14.59 -20.03 -12.17
N LEU A 161 -15.32 -21.14 -12.08
CA LEU A 161 -16.72 -21.07 -11.68
C LEU A 161 -16.84 -20.42 -10.32
N TRP A 162 -16.00 -20.84 -9.38
CA TRP A 162 -16.01 -20.25 -8.05
C TRP A 162 -15.86 -18.74 -8.10
N VAL A 163 -14.82 -18.25 -8.79
CA VAL A 163 -14.52 -16.83 -8.76
C VAL A 163 -15.64 -16.03 -9.41
N TRP A 164 -16.18 -16.52 -10.53
CA TRP A 164 -17.29 -15.81 -11.15
C TRP A 164 -18.47 -15.72 -10.21
N GLU A 165 -18.84 -16.84 -9.59
CA GLU A 165 -19.98 -16.84 -8.68
C GLU A 165 -19.74 -15.89 -7.52
N GLY A 166 -18.54 -15.91 -6.95
CA GLY A 166 -18.25 -15.07 -5.81
C GLY A 166 -18.38 -13.59 -6.14
N TRP A 167 -17.76 -13.18 -7.26
CA TRP A 167 -17.86 -11.78 -7.65
C TRP A 167 -19.31 -11.37 -7.87
N ARG A 168 -20.05 -12.21 -8.61
CA ARG A 168 -21.43 -11.84 -8.90
C ARG A 168 -22.24 -11.69 -7.63
N SER A 169 -22.12 -12.65 -6.72
CA SER A 169 -22.88 -12.58 -5.48
C SER A 169 -22.51 -11.33 -4.69
N GLU A 170 -21.20 -11.13 -4.46
CA GLU A 170 -20.78 -10.03 -3.60
C GLU A 170 -21.24 -8.69 -4.17
N VAL A 171 -21.03 -8.46 -5.47
CA VAL A 171 -21.39 -7.16 -6.02
C VAL A 171 -22.91 -7.00 -6.10
N GLY A 172 -23.62 -8.06 -6.46
CA GLY A 172 -25.06 -7.95 -6.62
C GLY A 172 -25.77 -7.65 -5.32
N LYS A 173 -25.39 -8.34 -4.24
CA LYS A 173 -26.14 -8.22 -2.99
C LYS A 173 -26.20 -6.78 -2.48
N GLN A 174 -25.28 -5.91 -2.90
CA GLN A 174 -25.22 -4.54 -2.40
C GLN A 174 -25.63 -3.51 -3.44
N LEU A 175 -26.37 -3.92 -4.47
CA LEU A 175 -26.71 -3.02 -5.57
C LEU A 175 -28.18 -3.05 -5.94
N ARG A 176 -29.02 -3.79 -5.20
CA ARG A 176 -30.43 -3.90 -5.60
C ARG A 176 -31.20 -2.61 -5.30
N PRO A 177 -31.34 -2.19 -4.03
CA PRO A 177 -32.18 -1.02 -3.77
C PRO A 177 -31.65 0.26 -4.41
N LEU A 178 -30.33 0.44 -4.44
CA LEU A 178 -29.78 1.64 -5.05
C LEU A 178 -30.17 1.74 -6.51
N TYR A 179 -29.97 0.66 -7.27
CA TYR A 179 -30.31 0.68 -8.68
C TYR A 179 -31.81 0.82 -8.88
N GLU A 180 -32.61 0.19 -8.03
CA GLU A 180 -34.06 0.33 -8.14
C GLU A 180 -34.48 1.78 -8.00
N GLU A 181 -33.97 2.46 -6.97
CA GLU A 181 -34.30 3.87 -6.80
C GLU A 181 -33.76 4.71 -7.95
N TYR A 182 -32.57 4.35 -8.45
CA TYR A 182 -31.99 5.09 -9.57
C TYR A 182 -32.91 5.03 -10.79
N VAL A 183 -33.38 3.83 -11.13
CA VAL A 183 -34.24 3.70 -12.30
C VAL A 183 -35.57 4.40 -12.06
N GLU A 184 -36.10 4.32 -10.83
CA GLU A 184 -37.34 5.01 -10.53
C GLU A 184 -37.21 6.50 -10.77
N LEU A 185 -36.16 7.11 -10.20
CA LEU A 185 -35.96 8.55 -10.34
C LEU A 185 -35.70 8.94 -11.78
N LYS A 186 -34.92 8.14 -12.51
CA LYS A 186 -34.66 8.44 -13.91
C LYS A 186 -35.94 8.42 -14.73
N ASN A 187 -36.79 7.42 -14.49
CA ASN A 187 -38.06 7.36 -15.22
C ASN A 187 -38.93 8.55 -14.87
N GLU A 188 -38.96 8.94 -13.59
CA GLU A 188 -39.74 10.11 -13.22
C GLU A 188 -39.22 11.36 -13.92
N MET A 189 -37.90 11.52 -13.98
CA MET A 189 -37.31 12.67 -14.66
C MET A 189 -37.69 12.69 -16.13
N ALA A 190 -37.55 11.54 -16.81
CA ALA A 190 -37.89 11.48 -18.22
C ALA A 190 -39.36 11.81 -18.44
N ARG A 191 -40.24 11.27 -17.58
CA ARG A 191 -41.66 11.58 -17.70
C ARG A 191 -41.92 13.07 -17.53
N GLY A 192 -41.25 13.69 -16.56
CA GLY A 192 -41.42 15.11 -16.32
C GLY A 192 -40.77 16.00 -17.37
N ASN A 193 -39.89 15.45 -18.20
CA ASN A 193 -39.23 16.23 -19.25
C ASN A 193 -40.00 16.19 -20.57
N ASN A 194 -41.29 15.86 -20.54
CA ASN A 194 -42.17 15.80 -21.70
C ASN A 194 -41.96 14.55 -22.54
N TYR A 195 -41.02 13.68 -22.18
CA TYR A 195 -40.79 12.44 -22.91
C TYR A 195 -41.49 11.28 -22.22
N LYS A 196 -41.89 10.29 -23.02
CA LYS A 196 -42.65 9.16 -22.49
C LYS A 196 -41.83 8.37 -21.48
N ASP A 197 -40.58 8.07 -21.80
CA ASP A 197 -39.72 7.30 -20.91
C ASP A 197 -38.26 7.61 -21.21
N TYR A 198 -37.40 7.25 -20.26
CA TYR A 198 -35.97 7.40 -20.48
C TYR A 198 -35.53 6.68 -21.74
N GLY A 199 -36.14 5.53 -22.04
CA GLY A 199 -35.85 4.86 -23.29
C GLY A 199 -36.14 5.75 -24.48
N ASP A 200 -37.25 6.49 -24.43
CA ASP A 200 -37.52 7.47 -25.47
C ASP A 200 -36.44 8.54 -25.50
N TYR A 201 -36.01 9.01 -24.33
CA TYR A 201 -35.02 10.08 -24.29
C TYR A 201 -33.73 9.67 -24.98
N TRP A 202 -33.24 8.46 -24.69
CA TRP A 202 -32.09 7.96 -25.44
C TRP A 202 -32.45 7.77 -26.90
N ARG A 203 -33.66 7.29 -27.18
CA ARG A 203 -34.15 7.17 -28.55
C ARG A 203 -34.47 8.52 -29.17
N GLY A 204 -34.46 9.60 -28.38
CA GLY A 204 -34.64 10.93 -28.92
C GLY A 204 -33.37 11.43 -29.60
N ASP A 205 -32.45 10.52 -29.88
CA ASP A 205 -31.21 10.83 -30.54
C ASP A 205 -30.97 9.80 -31.63
N TYR A 206 -29.90 10.03 -32.40
CA TYR A 206 -29.35 9.07 -33.35
C TYR A 206 -30.17 8.93 -34.62
N GLU A 207 -31.39 9.48 -34.68
CA GLU A 207 -31.99 9.87 -35.94
C GLU A 207 -32.43 11.32 -35.91
N THR A 208 -33.36 11.67 -35.02
CA THR A 208 -33.78 13.05 -34.76
C THR A 208 -33.83 13.92 -36.02
N GLU A 209 -34.28 13.37 -37.14
CA GLU A 209 -34.36 14.14 -38.38
C GLU A 209 -35.00 13.31 -39.46
N GLY A 210 -35.12 13.90 -40.65
CA GLY A 210 -35.71 13.26 -41.80
C GLY A 210 -36.81 14.11 -42.41
N GLU A 211 -36.68 14.45 -43.68
CA GLU A 211 -37.64 15.33 -44.33
C GLU A 211 -37.43 15.33 -45.83
N LYS A 212 -38.55 15.29 -46.57
CA LYS A 212 -38.63 15.51 -48.01
C LYS A 212 -37.96 14.41 -48.83
N GLY A 213 -37.24 13.51 -48.17
CA GLY A 213 -36.78 12.28 -48.79
C GLY A 213 -36.70 11.14 -47.80
N TYR A 214 -37.07 11.43 -46.55
CA TYR A 214 -36.70 10.56 -45.42
C TYR A 214 -37.88 10.54 -44.44
N ASN A 215 -38.64 9.45 -44.49
CA ASN A 215 -39.87 9.30 -43.71
C ASN A 215 -39.61 8.87 -42.28
N TYR A 216 -38.36 8.58 -41.91
CA TYR A 216 -38.11 7.73 -40.77
C TYR A 216 -38.14 8.52 -39.45
N SER A 217 -38.62 7.87 -38.41
CA SER A 217 -38.75 8.46 -37.09
C SER A 217 -38.06 7.57 -36.07
N ARG A 218 -38.17 7.96 -34.80
CA ARG A 218 -37.44 7.31 -33.72
C ARG A 218 -37.77 5.82 -33.61
N ASN A 219 -39.05 5.48 -33.66
CA ASN A 219 -39.47 4.11 -33.38
C ASN A 219 -39.00 3.12 -34.43
N TYR A 220 -38.65 3.58 -35.65
CA TYR A 220 -38.28 2.65 -36.70
C TYR A 220 -36.98 1.91 -36.39
N LEU A 221 -36.12 2.50 -35.56
CA LEU A 221 -34.83 1.88 -35.24
C LEU A 221 -35.03 0.48 -34.67
N MET A 222 -36.12 0.27 -33.94
CA MET A 222 -36.36 -1.04 -33.33
C MET A 222 -36.44 -2.12 -34.40
N GLU A 223 -37.31 -1.93 -35.39
CA GLU A 223 -37.44 -2.95 -36.42
C GLU A 223 -36.21 -2.97 -37.33
N ASP A 224 -35.52 -1.85 -37.50
CA ASP A 224 -34.28 -1.89 -38.27
C ASP A 224 -33.28 -2.86 -37.64
N VAL A 225 -33.01 -2.70 -36.35
CA VAL A 225 -32.04 -3.56 -35.69
C VAL A 225 -32.58 -4.99 -35.63
N ASP A 226 -33.89 -5.14 -35.45
CA ASP A 226 -34.46 -6.49 -35.41
C ASP A 226 -34.21 -7.23 -36.72
N ARG A 227 -34.49 -6.56 -37.85
CA ARG A 227 -34.27 -7.19 -39.15
C ARG A 227 -32.79 -7.49 -39.36
N ILE A 228 -31.92 -6.56 -38.97
CA ILE A 228 -30.49 -6.77 -39.17
C ILE A 228 -30.02 -8.01 -38.41
N PHE A 229 -30.44 -8.13 -37.14
CA PHE A 229 -30.04 -9.28 -36.35
C PHE A 229 -30.62 -10.57 -36.91
N LEU A 230 -31.89 -10.55 -37.34
CA LEU A 230 -32.48 -11.73 -37.93
C LEU A 230 -31.68 -12.18 -39.14
N GLU A 231 -31.28 -11.24 -39.99
CA GLU A 231 -30.48 -11.59 -41.15
C GLU A 231 -29.13 -12.16 -40.74
N ILE A 232 -28.47 -11.56 -39.76
CA ILE A 232 -27.12 -11.99 -39.39
C ILE A 232 -27.11 -13.32 -38.63
N LYS A 233 -28.25 -13.77 -38.12
CA LYS A 233 -28.27 -14.94 -37.25
C LYS A 233 -27.54 -16.15 -37.80
N PRO A 234 -27.76 -16.60 -39.04
CA PRO A 234 -27.24 -17.93 -39.45
C PRO A 234 -25.74 -18.08 -39.31
N LEU A 235 -24.98 -17.04 -39.65
CA LEU A 235 -23.52 -17.14 -39.54
C LEU A 235 -23.12 -17.34 -38.07
N TYR A 236 -23.73 -16.58 -37.17
CA TYR A 236 -23.41 -16.76 -35.76
C TYR A 236 -23.82 -18.14 -35.28
N GLU A 237 -24.93 -18.65 -35.78
CA GLU A 237 -25.34 -20.00 -35.40
C GLU A 237 -24.30 -21.02 -35.81
N GLN A 238 -23.80 -20.91 -37.04
CA GLN A 238 -22.78 -21.86 -37.49
C GLN A 238 -21.50 -21.73 -36.66
N LEU A 239 -21.07 -20.50 -36.40
CA LEU A 239 -19.87 -20.30 -35.58
C LEU A 239 -20.06 -20.88 -34.18
N HIS A 240 -21.26 -20.68 -33.62
CA HIS A 240 -21.55 -21.24 -32.30
C HIS A 240 -21.49 -22.75 -32.33
N ALA A 241 -21.99 -23.37 -33.40
CA ALA A 241 -21.90 -24.82 -33.53
C ALA A 241 -20.44 -25.27 -33.51
N TYR A 242 -19.59 -24.59 -34.28
CA TYR A 242 -18.18 -24.98 -34.32
C TYR A 242 -17.53 -24.79 -32.96
N VAL A 243 -17.81 -23.67 -32.29
CA VAL A 243 -17.20 -23.41 -30.99
C VAL A 243 -17.62 -24.45 -29.97
N ARG A 244 -18.92 -24.80 -29.96
CA ARG A 244 -19.37 -25.84 -29.05
C ARG A 244 -18.69 -27.16 -29.34
N ALA A 245 -18.58 -27.52 -30.62
CA ALA A 245 -17.92 -28.77 -30.97
C ALA A 245 -16.48 -28.78 -30.48
N LYS A 246 -15.79 -27.66 -30.60
CA LYS A 246 -14.38 -27.64 -30.20
C LYS A 246 -14.19 -27.57 -28.68
N LEU A 247 -15.10 -26.90 -27.97
CA LEU A 247 -14.87 -26.62 -26.55
C LEU A 247 -14.84 -27.88 -25.70
N MET A 248 -15.50 -28.96 -26.11
CA MET A 248 -15.57 -30.14 -25.27
C MET A 248 -14.22 -30.82 -25.11
N LYS A 249 -13.21 -30.45 -25.90
CA LYS A 249 -11.88 -31.03 -25.74
C LYS A 249 -11.33 -30.74 -24.34
N ALA A 250 -11.46 -29.50 -23.88
CA ALA A 250 -10.80 -29.11 -22.64
C ALA A 250 -11.49 -29.71 -21.42
N TYR A 251 -12.83 -29.67 -21.38
CA TYR A 251 -13.60 -30.04 -20.19
C TYR A 251 -14.62 -31.11 -20.57
N PRO A 252 -14.25 -32.38 -20.54
CA PRO A 252 -15.21 -33.43 -20.88
C PRO A 252 -16.30 -33.57 -19.81
N SER A 253 -17.39 -34.21 -20.22
CA SER A 253 -18.51 -34.50 -19.31
C SER A 253 -19.07 -33.23 -18.69
N HIS A 254 -19.10 -32.15 -19.46
CA HIS A 254 -19.71 -30.90 -19.01
C HIS A 254 -20.58 -30.22 -20.06
N ILE A 255 -20.50 -30.60 -21.33
CA ILE A 255 -21.18 -29.90 -22.40
C ILE A 255 -22.15 -30.86 -23.08
N SER A 256 -23.42 -30.52 -23.07
CA SER A 256 -24.40 -31.31 -23.78
C SER A 256 -24.20 -31.16 -25.29
N PRO A 257 -24.35 -32.24 -26.07
CA PRO A 257 -24.20 -32.10 -27.53
C PRO A 257 -25.17 -31.11 -28.14
N THR A 258 -26.38 -31.00 -27.59
CA THR A 258 -27.39 -30.08 -28.10
C THR A 258 -27.74 -28.97 -27.12
N GLY A 259 -27.05 -28.90 -25.98
CA GLY A 259 -27.32 -27.87 -24.99
C GLY A 259 -26.51 -26.62 -25.22
N CYS A 260 -26.65 -25.69 -24.28
CA CYS A 260 -25.93 -24.42 -24.33
C CYS A 260 -24.57 -24.59 -23.66
N LEU A 261 -23.87 -23.48 -23.41
CA LEU A 261 -22.56 -23.50 -22.80
C LEU A 261 -22.59 -22.85 -21.43
N PRO A 262 -21.71 -23.27 -20.52
CA PRO A 262 -21.62 -22.57 -19.22
C PRO A 262 -21.17 -21.13 -19.41
N ALA A 263 -21.71 -20.25 -18.57
CA ALA A 263 -21.41 -18.84 -18.68
C ALA A 263 -19.95 -18.54 -18.38
N HIS A 264 -19.38 -19.19 -17.36
CA HIS A 264 -18.03 -18.87 -16.92
C HIS A 264 -16.95 -19.42 -17.85
N LEU A 265 -17.31 -20.27 -18.81
CA LEU A 265 -16.32 -20.89 -19.68
C LEU A 265 -16.01 -20.06 -20.91
N LEU A 266 -16.58 -18.87 -21.05
CA LEU A 266 -16.33 -18.02 -22.20
C LEU A 266 -15.00 -17.29 -22.11
N GLY A 267 -14.14 -17.68 -21.17
CA GLY A 267 -12.79 -17.17 -21.12
C GLY A 267 -12.63 -15.73 -20.68
N ASP A 268 -13.72 -14.97 -20.59
CA ASP A 268 -13.66 -13.57 -20.19
C ASP A 268 -14.64 -13.34 -19.05
N MET A 269 -14.45 -12.21 -18.35
CA MET A 269 -15.22 -11.95 -17.14
C MET A 269 -16.71 -12.03 -17.41
N TRP A 270 -17.18 -11.39 -18.49
CA TRP A 270 -18.60 -11.39 -18.84
C TRP A 270 -18.88 -12.18 -20.10
N GLY A 271 -18.12 -11.94 -21.17
CA GLY A 271 -18.37 -12.57 -22.45
C GLY A 271 -18.48 -11.56 -23.57
N ARG A 272 -18.02 -10.33 -23.31
CA ARG A 272 -18.08 -9.29 -24.35
C ARG A 272 -17.15 -9.61 -25.52
N PHE A 273 -16.04 -10.29 -25.25
CA PHE A 273 -15.08 -10.65 -26.28
C PHE A 273 -14.70 -12.11 -26.13
N TRP A 274 -14.64 -12.83 -27.25
CA TRP A 274 -14.29 -14.24 -27.26
C TRP A 274 -12.85 -14.47 -27.67
N THR A 275 -12.09 -13.40 -27.95
CA THR A 275 -10.77 -13.56 -28.57
C THR A 275 -9.87 -14.48 -27.77
N ASN A 276 -10.01 -14.49 -26.44
CA ASN A 276 -9.13 -15.30 -25.62
C ASN A 276 -9.30 -16.79 -25.86
N LEU A 277 -10.36 -17.21 -26.54
CA LEU A 277 -10.55 -18.61 -26.89
C LEU A 277 -9.73 -19.03 -28.10
N TYR A 278 -9.09 -18.09 -28.80
CA TYR A 278 -8.40 -18.45 -30.03
C TYR A 278 -7.37 -19.53 -29.79
N ASN A 279 -6.64 -19.47 -28.68
CA ASN A 279 -5.63 -20.48 -28.41
C ASN A 279 -6.20 -21.89 -28.45
N LEU A 280 -7.47 -22.05 -28.04
CA LEU A 280 -8.07 -23.36 -27.94
C LEU A 280 -8.71 -23.83 -29.24
N THR A 281 -9.10 -22.90 -30.11
CA THR A 281 -9.76 -23.25 -31.37
C THR A 281 -8.82 -23.16 -32.56
N VAL A 282 -7.51 -23.05 -32.32
CA VAL A 282 -6.57 -23.02 -33.44
C VAL A 282 -6.70 -24.31 -34.25
N PRO A 283 -6.88 -24.24 -35.57
CA PRO A 283 -7.00 -25.49 -36.34
C PRO A 283 -5.81 -26.41 -36.18
N LEU A 284 -4.60 -25.86 -36.10
CA LEU A 284 -3.39 -26.66 -35.97
C LEU A 284 -2.22 -25.73 -35.70
N GLU A 285 -1.20 -26.24 -35.03
CA GLU A 285 -0.01 -25.47 -34.70
C GLU A 285 1.13 -25.71 -35.67
N LYS A 286 0.91 -26.47 -36.74
CA LYS A 286 1.99 -26.78 -37.67
C LYS A 286 2.47 -25.54 -38.41
N GLU A 287 1.55 -24.64 -38.78
CA GLU A 287 1.90 -23.50 -39.61
C GLU A 287 2.11 -22.27 -38.72
N PRO A 288 3.32 -21.73 -38.61
CA PRO A 288 3.50 -20.50 -37.84
C PRO A 288 2.83 -19.32 -38.51
N ASN A 289 2.43 -18.35 -37.69
CA ASN A 289 1.77 -17.15 -38.17
C ASN A 289 2.82 -16.10 -38.56
N ILE A 290 2.33 -14.92 -38.95
CA ILE A 290 3.20 -13.83 -39.38
C ILE A 290 3.87 -13.21 -38.16
N ASP A 291 5.19 -13.08 -38.20
CA ASP A 291 5.94 -12.46 -37.11
C ASP A 291 7.16 -11.78 -37.73
N VAL A 292 7.11 -10.46 -37.87
CA VAL A 292 8.19 -9.70 -38.47
C VAL A 292 8.71 -8.67 -37.48
N THR A 293 8.53 -8.94 -36.19
CA THR A 293 9.06 -8.05 -35.17
C THR A 293 10.58 -7.93 -35.24
N ASP A 294 11.25 -8.95 -35.78
CA ASP A 294 12.71 -8.96 -35.78
C ASP A 294 13.27 -7.79 -36.57
N THR A 295 12.70 -7.50 -37.73
CA THR A 295 13.25 -6.45 -38.58
C THR A 295 13.21 -5.10 -37.89
N MET A 296 12.05 -4.72 -37.36
CA MET A 296 11.94 -3.44 -36.67
C MET A 296 12.76 -3.42 -35.39
N LYS A 297 12.78 -4.54 -34.66
CA LYS A 297 13.54 -4.58 -33.41
C LYS A 297 15.03 -4.38 -33.67
N LYS A 298 15.58 -5.03 -34.70
CA LYS A 298 16.99 -4.84 -35.01
C LYS A 298 17.25 -3.47 -35.63
N GLN A 299 16.31 -2.96 -36.41
CA GLN A 299 16.45 -1.61 -36.95
C GLN A 299 16.19 -0.55 -35.89
N SER A 300 15.34 -0.86 -34.90
CA SER A 300 15.07 0.04 -33.79
C SER A 300 14.54 1.39 -34.30
N TRP A 301 13.38 1.33 -34.95
CA TRP A 301 12.75 2.56 -35.45
C TRP A 301 12.46 3.51 -34.31
N ASP A 302 12.80 4.78 -34.50
CA ASP A 302 12.48 5.80 -33.53
C ASP A 302 10.98 6.07 -33.51
N ALA A 303 10.50 6.63 -32.40
CA ALA A 303 9.09 6.93 -32.27
C ALA A 303 8.60 7.82 -33.41
N GLU A 304 9.45 8.74 -33.87
CA GLU A 304 9.05 9.64 -34.94
C GLU A 304 9.03 8.96 -36.30
N LYS A 305 9.79 7.88 -36.48
CA LYS A 305 9.83 7.21 -37.78
C LYS A 305 8.46 6.66 -38.16
N ILE A 306 7.78 6.01 -37.20
CA ILE A 306 6.47 5.45 -37.50
C ILE A 306 5.47 6.55 -37.82
N PHE A 307 5.52 7.66 -37.08
CA PHE A 307 4.62 8.76 -37.36
C PHE A 307 4.87 9.34 -38.74
N LYS A 308 6.14 9.50 -39.12
CA LYS A 308 6.45 10.03 -40.44
C LYS A 308 5.98 9.08 -41.54
N GLU A 309 6.18 7.78 -41.34
CA GLU A 309 5.74 6.82 -42.33
C GLU A 309 4.21 6.83 -42.48
N ALA A 310 3.50 6.93 -41.35
CA ALA A 310 2.04 7.01 -41.42
C ALA A 310 1.59 8.28 -42.11
N GLU A 311 2.28 9.40 -41.85
CA GLU A 311 1.95 10.64 -42.54
C GLU A 311 2.15 10.47 -44.05
N LYS A 312 3.25 9.83 -44.45
CA LYS A 312 3.48 9.58 -45.87
C LYS A 312 2.37 8.72 -46.46
N PHE A 313 1.98 7.66 -45.75
CA PHE A 313 0.89 6.81 -46.22
C PHE A 313 -0.37 7.61 -46.44
N TYR A 314 -0.80 8.38 -45.43
CA TYR A 314 -2.03 9.14 -45.57
C TYR A 314 -1.94 10.18 -46.67
N SER A 315 -0.82 10.89 -46.77
CA SER A 315 -0.67 11.85 -47.85
C SER A 315 -0.67 11.18 -49.22
N SER A 316 -0.33 9.89 -49.28
CA SER A 316 -0.34 9.18 -50.55
C SER A 316 -1.72 9.11 -51.17
N VAL A 317 -2.78 9.35 -50.40
CA VAL A 317 -4.15 9.32 -50.93
C VAL A 317 -4.67 10.71 -51.27
N GLY A 318 -3.94 11.76 -50.94
CA GLY A 318 -4.27 13.11 -51.35
C GLY A 318 -4.74 14.03 -50.24
N LEU A 319 -5.12 13.51 -49.08
CA LEU A 319 -5.58 14.38 -48.01
C LEU A 319 -4.42 15.25 -47.51
N PRO A 320 -4.71 16.48 -47.08
CA PRO A 320 -3.65 17.38 -46.64
C PRO A 320 -2.92 16.83 -45.41
N ASN A 321 -1.62 17.13 -45.35
CA ASN A 321 -0.80 16.72 -44.21
C ASN A 321 -0.90 17.74 -43.09
N MET A 322 -0.52 17.31 -41.89
CA MET A 322 -0.64 18.15 -40.71
C MET A 322 0.30 19.34 -40.79
N THR A 323 -0.09 20.41 -40.11
CA THR A 323 0.70 21.63 -40.11
C THR A 323 2.05 21.39 -39.40
N PRO A 324 3.09 22.13 -39.77
CA PRO A 324 4.37 21.95 -39.08
C PRO A 324 4.30 22.22 -37.59
N GLY A 325 3.44 23.13 -37.15
CA GLY A 325 3.35 23.44 -35.73
C GLY A 325 3.02 22.23 -34.88
N PHE A 326 2.37 21.23 -35.46
CA PHE A 326 2.02 20.04 -34.70
C PHE A 326 3.27 19.31 -34.18
N TRP A 327 4.30 19.22 -35.02
CA TRP A 327 5.49 18.47 -34.65
C TRP A 327 6.23 19.08 -33.47
N ARG A 328 5.98 20.34 -33.13
CA ARG A 328 6.67 20.98 -32.02
C ARG A 328 5.96 20.69 -30.70
N ASP A 329 4.69 21.07 -30.59
CA ASP A 329 3.90 20.86 -29.37
C ASP A 329 3.26 19.48 -29.47
N SER A 330 3.89 18.48 -28.85
CA SER A 330 3.39 17.12 -28.94
C SER A 330 3.90 16.34 -27.73
N MET A 331 3.50 15.08 -27.66
CA MET A 331 3.84 14.19 -26.55
C MET A 331 4.23 12.83 -27.10
N LEU A 332 5.08 12.82 -28.13
CA LEU A 332 5.38 11.58 -28.83
C LEU A 332 5.98 10.53 -27.90
N THR A 333 6.94 10.93 -27.08
CA THR A 333 7.77 10.00 -26.32
C THR A 333 7.41 10.03 -24.84
N GLU A 334 8.04 9.11 -24.10
CA GLU A 334 7.86 9.06 -22.66
C GLU A 334 8.42 10.32 -22.02
N PRO A 335 7.71 10.91 -21.05
CA PRO A 335 8.22 12.16 -20.45
C PRO A 335 9.58 12.02 -19.80
N SER A 336 9.88 10.85 -19.24
CA SER A 336 11.14 10.65 -18.51
C SER A 336 11.29 11.69 -17.39
N ASP A 337 10.18 11.98 -16.71
CA ASP A 337 10.14 12.96 -15.64
C ASP A 337 9.30 12.41 -14.49
N GLY A 338 9.46 13.02 -13.32
CA GLY A 338 8.74 12.58 -12.15
C GLY A 338 7.24 12.63 -12.30
N ARG A 339 6.73 13.50 -13.17
CA ARG A 339 5.30 13.60 -13.39
C ARG A 339 4.80 12.33 -14.08
N GLN A 340 4.01 11.53 -13.36
CA GLN A 340 3.49 10.30 -13.92
C GLN A 340 2.28 10.58 -14.81
N VAL A 341 2.21 9.87 -15.93
CA VAL A 341 1.14 10.01 -16.90
C VAL A 341 0.66 8.63 -17.33
N VAL A 342 -0.55 8.60 -17.89
CA VAL A 342 -1.14 7.36 -18.39
C VAL A 342 -0.95 7.29 -19.90
N CYS A 343 -0.89 6.07 -20.42
CA CYS A 343 -0.55 5.83 -21.82
C CYS A 343 -1.78 5.69 -22.72
N HIS A 344 -2.98 5.84 -22.18
CA HIS A 344 -4.18 5.69 -22.98
C HIS A 344 -4.15 6.67 -24.15
N PRO A 345 -4.08 6.19 -25.40
CA PRO A 345 -4.00 7.12 -26.54
C PRO A 345 -5.21 8.04 -26.58
N THR A 346 -4.97 9.29 -26.94
CA THR A 346 -6.02 10.29 -27.08
C THR A 346 -5.65 11.24 -28.20
N ALA A 347 -6.66 11.73 -28.92
CA ALA A 347 -6.49 12.71 -29.98
C ALA A 347 -7.10 14.02 -29.48
N TRP A 348 -6.32 14.81 -28.76
CA TRP A 348 -6.80 16.05 -28.18
C TRP A 348 -6.99 17.08 -29.29
N ASP A 349 -8.23 17.50 -29.49
CA ASP A 349 -8.56 18.56 -30.44
C ASP A 349 -8.89 19.81 -29.63
N LEU A 350 -7.97 20.77 -29.63
CA LEU A 350 -8.11 21.98 -28.84
C LEU A 350 -8.73 23.13 -29.61
N GLY A 351 -8.85 23.02 -30.92
CA GLY A 351 -9.34 24.10 -31.76
C GLY A 351 -8.23 25.07 -32.13
N LYS A 352 -8.58 26.00 -33.01
CA LYS A 352 -7.64 27.01 -33.50
C LYS A 352 -6.39 26.36 -34.07
N ASN A 353 -6.58 25.25 -34.79
CA ASN A 353 -5.47 24.53 -35.41
C ASN A 353 -4.42 24.12 -34.37
N ASP A 354 -4.88 23.72 -33.20
CA ASP A 354 -4.00 23.22 -32.13
C ASP A 354 -4.33 21.73 -31.94
N PHE A 355 -3.51 20.87 -32.56
CA PHE A 355 -3.72 19.43 -32.52
C PHE A 355 -2.55 18.77 -31.84
N ARG A 356 -2.84 17.86 -30.91
CA ARG A 356 -1.81 17.21 -30.11
C ARG A 356 -2.20 15.76 -29.89
N ILE A 357 -1.20 14.89 -29.81
CA ILE A 357 -1.38 13.46 -29.59
C ILE A 357 -0.65 13.08 -28.31
N LYS A 358 -1.35 12.39 -27.41
CA LYS A 358 -0.79 11.96 -26.14
C LYS A 358 -0.74 10.44 -26.12
N MET A 359 0.47 9.89 -26.07
CA MET A 359 0.64 8.45 -25.98
C MET A 359 2.13 8.15 -25.82
N CYS A 360 2.42 7.02 -25.19
CA CYS A 360 3.78 6.53 -25.05
C CYS A 360 4.03 5.49 -26.13
N THR A 361 5.18 5.61 -26.80
CA THR A 361 5.47 4.86 -28.01
C THR A 361 6.48 3.76 -27.74
N LYS A 362 6.18 2.55 -28.18
CA LYS A 362 7.13 1.45 -28.18
C LYS A 362 7.19 0.85 -29.58
N VAL A 363 7.86 -0.29 -29.73
CA VAL A 363 8.04 -0.92 -31.04
C VAL A 363 7.25 -2.22 -31.03
N THR A 364 6.00 -2.15 -31.49
CA THR A 364 5.15 -3.33 -31.62
C THR A 364 4.10 -3.06 -32.69
N MET A 365 3.58 -4.14 -33.27
CA MET A 365 2.54 -4.00 -34.29
C MET A 365 1.29 -3.36 -33.71
N ASP A 366 0.90 -3.74 -32.49
CA ASP A 366 -0.27 -3.14 -31.87
C ASP A 366 -0.07 -1.64 -31.70
N ASP A 367 1.12 -1.22 -31.28
CA ASP A 367 1.40 0.20 -31.20
C ASP A 367 1.30 0.86 -32.57
N PHE A 368 1.76 0.17 -33.61
CA PHE A 368 1.67 0.71 -34.96
C PHE A 368 0.23 0.97 -35.35
N LEU A 369 -0.65 -0.02 -35.16
CA LEU A 369 -2.03 0.14 -35.56
C LEU A 369 -2.74 1.17 -34.68
N THR A 370 -2.38 1.25 -33.40
CA THR A 370 -3.00 2.25 -32.54
C THR A 370 -2.60 3.65 -32.96
N ALA A 371 -1.33 3.85 -33.31
CA ALA A 371 -0.89 5.15 -33.82
C ALA A 371 -1.62 5.49 -35.11
N HIS A 372 -1.79 4.51 -35.99
CA HIS A 372 -2.56 4.76 -37.21
C HIS A 372 -3.98 5.16 -36.89
N HIS A 373 -4.60 4.49 -35.92
CA HIS A 373 -5.97 4.83 -35.53
C HIS A 373 -6.06 6.25 -34.99
N GLU A 374 -5.14 6.63 -34.11
CA GLU A 374 -5.17 7.98 -33.55
C GLU A 374 -4.94 9.02 -34.63
N MET A 375 -4.00 8.77 -35.54
CA MET A 375 -3.77 9.73 -36.62
C MET A 375 -4.98 9.84 -37.52
N GLY A 376 -5.67 8.73 -37.79
CA GLY A 376 -6.91 8.81 -38.51
C GLY A 376 -7.93 9.68 -37.80
N HIS A 377 -8.05 9.49 -36.49
CA HIS A 377 -8.95 10.33 -35.69
C HIS A 377 -8.64 11.80 -35.91
N ILE A 378 -7.38 12.18 -35.75
CA ILE A 378 -7.03 13.60 -35.78
C ILE A 378 -7.19 14.17 -37.18
N GLN A 379 -6.82 13.40 -38.22
CA GLN A 379 -6.96 13.93 -39.56
C GLN A 379 -8.42 14.07 -39.96
N TYR A 380 -9.28 13.15 -39.50
CA TYR A 380 -10.71 13.36 -39.72
C TYR A 380 -11.19 14.61 -39.00
N ASP A 381 -10.75 14.82 -37.76
CA ASP A 381 -11.19 15.99 -37.02
C ASP A 381 -10.76 17.28 -37.71
N MET A 382 -9.56 17.30 -38.28
CA MET A 382 -9.02 18.53 -38.85
C MET A 382 -9.89 19.06 -39.99
N ALA A 383 -10.41 18.16 -40.84
CA ALA A 383 -10.96 18.58 -42.12
C ALA A 383 -12.13 19.54 -42.00
N TYR A 384 -12.85 19.56 -40.88
CA TYR A 384 -14.08 20.33 -40.76
C TYR A 384 -13.94 21.52 -39.81
N ALA A 385 -12.72 21.98 -39.55
CA ALA A 385 -12.52 22.98 -38.50
C ALA A 385 -13.24 24.29 -38.77
N ASN A 386 -13.57 24.59 -40.02
CA ASN A 386 -14.08 25.92 -40.36
C ASN A 386 -15.60 26.03 -40.30
N GLN A 387 -16.32 24.96 -39.98
CA GLN A 387 -17.78 25.02 -39.96
C GLN A 387 -18.29 26.00 -38.91
N SER A 388 -18.10 25.67 -37.64
CA SER A 388 -18.64 26.46 -36.54
C SER A 388 -18.07 25.93 -35.23
N TYR A 389 -18.61 26.38 -34.09
CA TYR A 389 -18.32 25.74 -32.82
C TYR A 389 -19.35 24.66 -32.48
N LEU A 390 -20.62 25.05 -32.41
CA LEU A 390 -21.65 24.11 -31.95
C LEU A 390 -21.73 22.87 -32.81
N LEU A 391 -21.38 22.99 -34.09
CA LEU A 391 -21.42 21.85 -35.01
C LEU A 391 -20.12 21.07 -35.03
N ARG A 392 -19.18 21.40 -34.15
CA ARG A 392 -17.91 20.67 -34.07
C ARG A 392 -18.18 19.32 -33.41
N ASN A 393 -18.59 18.36 -34.24
CA ASN A 393 -18.96 17.04 -33.74
C ASN A 393 -19.26 16.15 -34.92
N GLY A 394 -19.33 14.85 -34.66
CA GLY A 394 -19.76 13.91 -35.68
C GLY A 394 -21.27 13.94 -35.86
N ALA A 395 -21.70 13.39 -37.00
CA ALA A 395 -23.14 13.35 -37.28
C ALA A 395 -23.86 12.44 -36.32
N ASN A 396 -23.24 11.35 -35.90
CA ASN A 396 -23.86 10.41 -34.97
C ASN A 396 -22.77 9.93 -34.01
N GLU A 397 -23.06 8.86 -33.27
CA GLU A 397 -22.12 8.30 -32.33
C GLU A 397 -21.20 7.23 -32.95
N GLY A 398 -21.34 6.98 -34.24
CA GLY A 398 -20.60 5.89 -34.87
C GLY A 398 -19.56 6.31 -35.87
N PHE A 399 -19.81 7.41 -36.58
CA PHE A 399 -18.90 7.82 -37.65
C PHE A 399 -17.50 8.07 -37.12
N HIS A 400 -17.40 8.72 -35.96
CA HIS A 400 -16.10 9.20 -35.50
C HIS A 400 -15.12 8.05 -35.31
N GLU A 401 -15.56 6.96 -34.69
CA GLU A 401 -14.71 5.78 -34.57
C GLU A 401 -14.63 4.98 -35.86
N ALA A 402 -15.69 5.03 -36.67
CA ALA A 402 -15.70 4.26 -37.92
C ALA A 402 -14.61 4.75 -38.87
N VAL A 403 -14.40 6.06 -38.92
CA VAL A 403 -13.40 6.62 -39.83
C VAL A 403 -12.02 6.05 -39.51
N GLY A 404 -11.67 6.00 -38.22
CA GLY A 404 -10.40 5.40 -37.84
C GLY A 404 -10.38 3.91 -38.06
N GLU A 405 -11.49 3.23 -37.78
CA GLU A 405 -11.50 1.78 -37.84
C GLU A 405 -11.33 1.27 -39.27
N VAL A 406 -11.92 1.97 -40.25
CA VAL A 406 -11.78 1.51 -41.63
C VAL A 406 -10.32 1.57 -42.06
N MET A 407 -9.63 2.67 -41.76
CA MET A 407 -8.21 2.77 -42.11
C MET A 407 -7.39 1.73 -41.35
N SER A 408 -7.72 1.50 -40.08
CA SER A 408 -6.99 0.51 -39.32
C SER A 408 -7.14 -0.88 -39.94
N LEU A 409 -8.36 -1.22 -40.37
CA LEU A 409 -8.57 -2.49 -41.05
C LEU A 409 -7.77 -2.55 -42.35
N SER A 410 -7.77 -1.46 -43.11
CA SER A 410 -7.09 -1.47 -44.40
C SER A 410 -5.59 -1.64 -44.24
N VAL A 411 -4.98 -0.96 -43.27
CA VAL A 411 -3.52 -0.91 -43.20
C VAL A 411 -2.91 -2.26 -42.84
N ALA A 412 -3.68 -3.17 -42.25
CA ALA A 412 -3.13 -4.42 -41.75
C ALA A 412 -2.93 -5.48 -42.82
N THR A 413 -3.38 -5.23 -44.05
CA THR A 413 -3.29 -6.24 -45.08
C THR A 413 -1.84 -6.59 -45.36
N PRO A 414 -1.48 -7.88 -45.43
CA PRO A 414 -0.08 -8.25 -45.66
C PRO A 414 0.48 -7.75 -46.98
N LYS A 415 -0.36 -7.67 -48.03
CA LYS A 415 0.15 -7.28 -49.34
C LYS A 415 0.74 -5.87 -49.30
N HIS A 416 0.02 -4.94 -48.69
CA HIS A 416 0.54 -3.58 -48.57
C HIS A 416 1.83 -3.55 -47.77
N LEU A 417 1.85 -4.25 -46.64
CA LEU A 417 3.06 -4.28 -45.82
C LEU A 417 4.25 -4.79 -46.61
N LYS A 418 4.02 -5.80 -47.46
CA LYS A 418 5.08 -6.27 -48.35
C LYS A 418 5.46 -5.19 -49.35
N GLY A 419 4.49 -4.44 -49.87
CA GLY A 419 4.75 -3.46 -50.90
C GLY A 419 5.33 -2.15 -50.43
N MET A 420 5.33 -1.87 -49.13
CA MET A 420 5.83 -0.61 -48.61
C MET A 420 7.28 -0.67 -48.17
N GLY A 421 7.91 -1.85 -48.21
CA GLY A 421 9.31 -1.98 -47.85
C GLY A 421 9.58 -3.09 -46.85
N LEU A 422 8.67 -3.26 -45.88
CA LEU A 422 8.80 -4.33 -44.91
C LEU A 422 8.22 -5.62 -45.48
N LEU A 423 8.37 -6.71 -44.71
CA LEU A 423 7.85 -8.01 -45.12
C LEU A 423 8.33 -8.36 -46.52
N PRO A 424 9.61 -8.72 -46.67
CA PRO A 424 10.13 -9.05 -48.00
C PRO A 424 9.29 -10.12 -48.69
N SER A 425 9.54 -10.28 -49.98
CA SER A 425 8.80 -11.21 -50.82
C SER A 425 9.05 -12.67 -50.47
N ASP A 426 9.83 -12.99 -49.44
CA ASP A 426 10.08 -14.38 -49.06
C ASP A 426 8.93 -14.93 -48.23
N PHE A 427 7.70 -14.82 -48.74
CA PHE A 427 6.53 -15.35 -48.03
C PHE A 427 5.44 -15.63 -49.06
N SER A 428 5.05 -16.89 -49.16
CA SER A 428 4.02 -17.33 -50.10
C SER A 428 2.77 -17.67 -49.32
N GLU A 429 1.74 -16.82 -49.44
CA GLU A 429 0.48 -17.07 -48.74
C GLU A 429 -0.23 -18.27 -49.34
N ASN A 430 -0.94 -19.01 -48.48
CA ASN A 430 -1.68 -20.19 -48.87
C ASN A 430 -3.17 -19.95 -48.67
N ASN A 431 -3.97 -20.99 -48.92
CA ASN A 431 -5.41 -20.92 -48.80
C ASN A 431 -5.90 -21.31 -47.40
N GLU A 432 -5.05 -21.16 -46.38
CA GLU A 432 -5.47 -21.45 -45.02
C GLU A 432 -5.06 -20.33 -44.08
N THR A 433 -3.95 -19.64 -44.38
CA THR A 433 -3.52 -18.53 -43.53
C THR A 433 -4.55 -17.42 -43.52
N GLU A 434 -5.05 -17.04 -44.70
CA GLU A 434 -6.13 -16.05 -44.75
C GLU A 434 -7.35 -16.53 -44.00
N ILE A 435 -7.60 -17.84 -43.99
CA ILE A 435 -8.70 -18.38 -43.20
C ILE A 435 -8.47 -18.12 -41.72
N ASN A 436 -7.23 -18.33 -41.26
CA ASN A 436 -6.92 -18.06 -39.86
C ASN A 436 -7.11 -16.58 -39.54
N PHE A 437 -6.67 -15.70 -40.43
CA PHE A 437 -6.86 -14.27 -40.21
C PHE A 437 -8.34 -13.93 -40.14
N LEU A 438 -9.13 -14.50 -41.04
CA LEU A 438 -10.56 -14.23 -41.03
C LEU A 438 -11.21 -14.73 -39.74
N LEU A 439 -10.80 -15.91 -39.28
CA LEU A 439 -11.35 -16.43 -38.03
C LEU A 439 -10.98 -15.53 -36.85
N LYS A 440 -9.73 -15.06 -36.82
CA LYS A 440 -9.31 -14.16 -35.76
C LYS A 440 -10.15 -12.89 -35.76
N GLN A 441 -10.37 -12.31 -36.95
CA GLN A 441 -11.21 -11.12 -37.03
C GLN A 441 -12.63 -11.42 -36.58
N ALA A 442 -13.18 -12.56 -37.01
CA ALA A 442 -14.57 -12.88 -36.72
C ALA A 442 -14.79 -13.12 -35.24
N LEU A 443 -13.82 -13.69 -34.54
CA LEU A 443 -14.03 -13.99 -33.13
C LEU A 443 -14.23 -12.73 -32.29
N THR A 444 -13.93 -11.55 -32.83
CA THR A 444 -14.18 -10.29 -32.15
C THR A 444 -15.24 -9.43 -32.82
N ILE A 445 -15.29 -9.41 -34.15
CA ILE A 445 -16.20 -8.51 -34.84
C ILE A 445 -17.64 -8.95 -34.65
N VAL A 446 -17.90 -10.25 -34.65
CA VAL A 446 -19.27 -10.76 -34.60
C VAL A 446 -19.66 -11.27 -33.21
N GLY A 447 -18.70 -11.66 -32.37
CA GLY A 447 -19.06 -12.26 -31.10
C GLY A 447 -19.87 -11.34 -30.22
N THR A 448 -19.57 -10.05 -30.24
CA THR A 448 -20.20 -9.11 -29.31
C THR A 448 -21.58 -8.65 -29.76
N LEU A 449 -21.98 -8.93 -31.00
CA LEU A 449 -23.25 -8.40 -31.49
C LEU A 449 -24.44 -8.97 -30.72
N PRO A 450 -24.59 -10.28 -30.55
CA PRO A 450 -25.74 -10.78 -29.79
C PRO A 450 -25.78 -10.26 -28.37
N PHE A 451 -24.62 -10.20 -27.70
CA PHE A 451 -24.59 -9.72 -26.33
C PHE A 451 -25.03 -8.27 -26.26
N THR A 452 -24.52 -7.43 -27.15
CA THR A 452 -24.91 -6.02 -27.15
C THR A 452 -26.41 -5.89 -27.38
N TYR A 453 -26.94 -6.63 -28.37
CA TYR A 453 -28.36 -6.56 -28.67
C TYR A 453 -29.19 -6.96 -27.45
N MET A 454 -28.83 -8.07 -26.82
CA MET A 454 -29.60 -8.57 -25.68
C MET A 454 -29.57 -7.58 -24.53
N LEU A 455 -28.38 -7.09 -24.17
CA LEU A 455 -28.27 -6.17 -23.05
C LEU A 455 -29.07 -4.90 -23.31
N GLU A 456 -28.97 -4.36 -24.52
CA GLU A 456 -29.67 -3.12 -24.81
C GLU A 456 -31.18 -3.33 -24.72
N LYS A 457 -31.67 -4.44 -25.28
CA LYS A 457 -33.10 -4.72 -25.25
C LYS A 457 -33.60 -4.87 -23.82
N TRP A 458 -32.85 -5.60 -22.99
CA TRP A 458 -33.25 -5.79 -21.61
C TRP A 458 -33.29 -4.46 -20.86
N ARG A 459 -32.28 -3.62 -21.06
CA ARG A 459 -32.27 -2.34 -20.37
C ARG A 459 -33.47 -1.49 -20.78
N TRP A 460 -33.76 -1.43 -22.08
CA TRP A 460 -34.94 -0.70 -22.53
C TRP A 460 -36.19 -1.21 -21.80
N MET A 461 -36.51 -2.50 -21.97
CA MET A 461 -37.79 -2.98 -21.43
C MET A 461 -37.85 -2.82 -19.92
N VAL A 462 -36.73 -2.92 -19.22
CA VAL A 462 -36.76 -2.61 -17.80
C VAL A 462 -37.11 -1.14 -17.59
N PHE A 463 -36.55 -0.26 -18.41
CA PHE A 463 -36.75 1.18 -18.20
C PHE A 463 -38.20 1.58 -18.39
N GLU A 464 -38.81 1.22 -19.54
CA GLU A 464 -40.14 1.78 -19.76
C GLU A 464 -41.18 1.18 -18.81
N GLY A 465 -40.87 0.07 -18.15
CA GLY A 465 -41.75 -0.52 -17.18
C GLY A 465 -42.70 -1.58 -17.71
N LYS A 466 -42.37 -2.23 -18.83
CA LYS A 466 -43.24 -3.27 -19.34
C LYS A 466 -43.35 -4.43 -18.36
N ILE A 467 -42.24 -4.81 -17.73
CA ILE A 467 -42.24 -5.89 -16.76
C ILE A 467 -42.05 -5.32 -15.36
N PRO A 468 -42.69 -5.86 -14.33
CA PRO A 468 -42.48 -5.35 -12.97
C PRO A 468 -41.10 -5.70 -12.46
N LYS A 469 -40.74 -5.08 -11.33
CA LYS A 469 -39.40 -5.27 -10.78
C LYS A 469 -39.16 -6.72 -10.37
N GLU A 470 -40.21 -7.42 -9.96
CA GLU A 470 -40.04 -8.75 -9.40
C GLU A 470 -39.64 -9.80 -10.43
N GLN A 471 -39.69 -9.46 -11.72
CA GLN A 471 -39.44 -10.40 -12.79
C GLN A 471 -38.10 -10.15 -13.50
N TRP A 472 -37.28 -9.24 -12.97
CA TRP A 472 -36.04 -8.87 -13.62
C TRP A 472 -35.17 -10.10 -13.90
N MET A 473 -34.75 -10.77 -12.83
CA MET A 473 -33.77 -11.85 -12.99
C MET A 473 -34.38 -13.07 -13.66
N GLU A 474 -35.67 -13.32 -13.45
CA GLU A 474 -36.29 -14.45 -14.14
C GLU A 474 -36.41 -14.18 -15.64
N LYS A 475 -36.51 -12.92 -16.04
CA LYS A 475 -36.50 -12.59 -17.46
C LYS A 475 -35.09 -12.70 -18.04
N TRP A 476 -34.09 -12.23 -17.28
CA TRP A 476 -32.74 -12.11 -17.82
C TRP A 476 -32.20 -13.45 -18.28
N TRP A 477 -32.27 -14.47 -17.43
CA TRP A 477 -31.68 -15.75 -17.79
C TRP A 477 -32.45 -16.43 -18.90
N GLU A 478 -33.77 -16.29 -18.93
CA GLU A 478 -34.53 -16.75 -20.08
C GLU A 478 -33.95 -16.15 -21.36
N MET A 479 -33.74 -14.83 -21.36
CA MET A 479 -33.21 -14.19 -22.55
C MET A 479 -31.86 -14.75 -22.92
N LYS A 480 -30.95 -14.84 -21.95
CA LYS A 480 -29.63 -15.38 -22.24
C LYS A 480 -29.70 -16.80 -22.79
N ARG A 481 -30.67 -17.60 -22.36
CA ARG A 481 -30.89 -18.90 -22.98
C ARG A 481 -31.37 -18.77 -24.41
N GLU A 482 -32.18 -17.77 -24.72
CA GLU A 482 -32.83 -17.66 -26.03
C GLU A 482 -31.87 -17.20 -27.11
N ILE A 483 -31.30 -16.00 -26.99
CA ILE A 483 -30.60 -15.37 -28.10
C ILE A 483 -29.13 -15.76 -28.12
N VAL A 484 -28.39 -15.38 -27.08
CA VAL A 484 -26.94 -15.51 -27.13
C VAL A 484 -26.52 -16.97 -27.14
N GLY A 485 -27.10 -17.77 -26.26
CA GLY A 485 -26.75 -19.18 -26.19
C GLY A 485 -25.84 -19.53 -25.03
N VAL A 486 -26.13 -18.98 -23.85
CA VAL A 486 -25.37 -19.23 -22.63
C VAL A 486 -26.35 -19.58 -21.52
N VAL A 487 -25.98 -20.56 -20.69
CA VAL A 487 -26.83 -21.03 -19.61
C VAL A 487 -26.12 -20.80 -18.28
N GLU A 488 -26.90 -20.40 -17.29
CA GLU A 488 -26.34 -20.08 -15.98
C GLU A 488 -25.72 -21.33 -15.35
N PRO A 489 -24.63 -21.19 -14.60
CA PRO A 489 -24.05 -22.37 -13.95
C PRO A 489 -24.85 -22.86 -12.76
N LEU A 490 -25.33 -21.95 -11.92
CA LEU A 490 -26.10 -22.31 -10.74
C LEU A 490 -27.34 -21.44 -10.66
N PRO A 491 -28.45 -21.97 -10.14
CA PRO A 491 -29.68 -21.18 -10.07
C PRO A 491 -29.48 -19.94 -9.20
N HIS A 492 -30.12 -18.84 -9.61
CA HIS A 492 -30.04 -17.58 -8.91
C HIS A 492 -31.44 -17.12 -8.54
N ASP A 493 -31.60 -16.62 -7.32
CA ASP A 493 -32.89 -16.17 -6.84
C ASP A 493 -33.13 -14.73 -7.28
N GLU A 494 -34.19 -14.11 -6.75
CA GLU A 494 -34.56 -12.76 -7.16
C GLU A 494 -33.68 -11.68 -6.54
N THR A 495 -33.16 -11.89 -5.33
CA THR A 495 -32.42 -10.84 -4.65
C THR A 495 -31.16 -10.42 -5.39
N TYR A 496 -30.65 -11.26 -6.28
CA TYR A 496 -29.46 -10.92 -7.05
C TYR A 496 -29.75 -9.74 -7.97
N CYS A 497 -28.69 -9.10 -8.45
CA CYS A 497 -28.79 -8.00 -9.41
C CYS A 497 -27.70 -8.13 -10.46
N ASP A 498 -27.56 -9.32 -11.03
CA ASP A 498 -26.49 -9.62 -11.97
C ASP A 498 -26.21 -8.49 -12.97
N PRO A 499 -27.18 -7.97 -13.71
CA PRO A 499 -26.84 -7.03 -14.80
C PRO A 499 -26.14 -5.77 -14.33
N ALA A 500 -26.21 -5.44 -13.04
CA ALA A 500 -25.55 -4.24 -12.55
C ALA A 500 -24.05 -4.43 -12.31
N SER A 501 -23.56 -5.67 -12.34
CA SER A 501 -22.14 -5.91 -12.10
C SER A 501 -21.27 -5.44 -13.25
N LEU A 502 -21.84 -5.14 -14.40
CA LEU A 502 -21.06 -4.66 -15.54
C LEU A 502 -20.58 -3.24 -15.29
N PHE A 503 -19.75 -2.73 -16.20
CA PHE A 503 -19.25 -1.37 -16.05
C PHE A 503 -20.24 -0.35 -16.61
N HIS A 504 -20.63 -0.51 -17.87
CA HIS A 504 -21.49 0.49 -18.51
C HIS A 504 -22.86 0.58 -17.85
N VAL A 505 -23.30 -0.48 -17.16
CA VAL A 505 -24.57 -0.40 -16.45
C VAL A 505 -24.49 0.59 -15.29
N ALA A 506 -23.35 0.64 -14.61
CA ALA A 506 -23.20 1.42 -13.40
C ALA A 506 -22.75 2.85 -13.66
N ASN A 507 -22.62 3.26 -14.92
CA ASN A 507 -22.16 4.60 -15.25
C ASN A 507 -23.11 5.31 -16.20
N ASP A 508 -24.33 4.80 -16.35
CA ASP A 508 -25.36 5.43 -17.18
C ASP A 508 -24.81 5.92 -18.52
N TYR A 509 -24.06 5.08 -19.20
CA TYR A 509 -23.56 5.40 -20.54
C TYR A 509 -24.42 4.69 -21.58
N SER A 510 -24.85 5.44 -22.60
CA SER A 510 -25.61 4.84 -23.68
C SER A 510 -24.79 3.72 -24.31
N PHE A 511 -25.47 2.61 -24.64
CA PHE A 511 -24.80 1.38 -25.03
C PHE A 511 -25.42 0.83 -26.32
N ILE A 512 -25.66 1.71 -27.29
CA ILE A 512 -26.15 1.29 -28.59
C ILE A 512 -25.15 1.52 -29.70
N ARG A 513 -24.15 2.39 -29.50
CA ARG A 513 -23.27 2.79 -30.59
C ARG A 513 -22.52 1.62 -31.18
N TYR A 514 -22.20 0.60 -30.39
CA TYR A 514 -21.29 -0.44 -30.85
C TYR A 514 -21.87 -1.20 -32.04
N PHE A 515 -23.14 -1.58 -31.96
CA PHE A 515 -23.76 -2.36 -33.02
C PHE A 515 -23.73 -1.62 -34.36
N THR A 516 -24.24 -0.38 -34.34
CA THR A 516 -24.33 0.39 -35.58
C THR A 516 -22.95 0.75 -36.10
N ARG A 517 -22.01 1.03 -35.20
CA ARG A 517 -20.63 1.28 -35.62
C ARG A 517 -20.05 0.07 -36.33
N THR A 518 -20.26 -1.12 -35.77
CA THR A 518 -19.71 -2.32 -36.39
C THR A 518 -20.31 -2.53 -37.77
N ILE A 519 -21.60 -2.27 -37.94
CA ILE A 519 -22.21 -2.42 -39.27
C ILE A 519 -21.65 -1.39 -40.25
N LEU A 520 -21.66 -0.11 -39.85
CA LEU A 520 -21.24 0.96 -40.74
C LEU A 520 -19.78 0.79 -41.16
N GLU A 521 -18.97 0.18 -40.31
CA GLU A 521 -17.57 -0.06 -40.68
C GLU A 521 -17.49 -0.78 -42.02
N PHE A 522 -18.05 -1.98 -42.09
CA PHE A 522 -17.95 -2.74 -43.33
C PHE A 522 -18.81 -2.13 -44.43
N GLN A 523 -19.88 -1.44 -44.07
CA GLN A 523 -20.64 -0.71 -45.10
C GLN A 523 -19.73 0.25 -45.86
N PHE A 524 -19.01 1.11 -45.12
CA PHE A 524 -18.08 2.03 -45.76
C PHE A 524 -16.97 1.29 -46.48
N GLN A 525 -16.45 0.22 -45.87
CA GLN A 525 -15.36 -0.51 -46.51
C GLN A 525 -15.77 -0.95 -47.90
N GLU A 526 -16.91 -1.64 -48.02
CA GLU A 526 -17.35 -2.11 -49.33
C GLU A 526 -17.64 -0.94 -50.26
N ALA A 527 -18.34 0.08 -49.77
CA ALA A 527 -18.71 1.19 -50.64
C ALA A 527 -17.48 1.86 -51.23
N LEU A 528 -16.48 2.14 -50.41
CA LEU A 528 -15.27 2.77 -50.90
C LEU A 528 -14.48 1.85 -51.82
N CYS A 529 -14.32 0.59 -51.44
CA CYS A 529 -13.58 -0.34 -52.30
C CYS A 529 -14.24 -0.50 -53.65
N ARG A 530 -15.55 -0.24 -53.75
CA ARG A 530 -16.21 -0.31 -55.05
C ARG A 530 -15.55 0.62 -56.05
N THR A 531 -15.14 1.81 -55.61
CA THR A 531 -14.48 2.75 -56.52
C THR A 531 -13.13 2.23 -56.97
N ALA A 532 -12.40 1.57 -56.08
CA ALA A 532 -11.05 1.10 -56.41
C ALA A 532 -11.04 0.02 -57.48
N LYS A 533 -12.17 -0.61 -57.75
CA LYS A 533 -12.26 -1.66 -58.78
C LYS A 533 -11.33 -2.82 -58.44
N HIS A 534 -11.61 -3.46 -57.31
CA HIS A 534 -10.89 -4.67 -56.92
C HIS A 534 -11.42 -5.87 -57.69
N GLN A 535 -10.66 -6.96 -57.64
CA GLN A 535 -10.99 -8.17 -58.38
C GLN A 535 -11.39 -9.33 -57.48
N GLY A 536 -10.56 -9.67 -56.50
CA GLY A 536 -10.80 -10.83 -55.66
C GLY A 536 -11.65 -10.51 -54.44
N PRO A 537 -11.54 -11.33 -53.40
CA PRO A 537 -12.35 -11.10 -52.19
C PRO A 537 -12.07 -9.75 -51.56
N LEU A 538 -13.11 -9.18 -50.95
CA LEU A 538 -13.00 -7.83 -50.41
C LEU A 538 -11.89 -7.70 -49.38
N HIS A 539 -11.50 -8.79 -48.72
CA HIS A 539 -10.45 -8.71 -47.72
C HIS A 539 -9.08 -8.40 -48.32
N LYS A 540 -8.95 -8.45 -49.65
CA LYS A 540 -7.71 -8.12 -50.32
C LYS A 540 -7.71 -6.70 -50.88
N CYS A 541 -8.70 -5.88 -50.53
CA CYS A 541 -8.78 -4.52 -51.05
C CYS A 541 -7.65 -3.67 -50.48
N ASP A 542 -7.33 -2.60 -51.21
CA ASP A 542 -6.25 -1.71 -50.83
C ASP A 542 -6.66 -0.26 -51.07
N ILE A 543 -6.00 0.63 -50.34
CA ILE A 543 -6.22 2.07 -50.45
C ILE A 543 -4.94 2.71 -50.94
N SER A 544 -4.23 2.01 -51.82
CA SER A 544 -2.93 2.46 -52.31
C SER A 544 -3.14 3.66 -53.25
N ASN A 545 -2.07 4.04 -53.94
CA ASN A 545 -2.06 5.26 -54.75
C ASN A 545 -3.37 5.45 -55.48
N SER A 546 -4.04 6.57 -55.20
CA SER A 546 -5.31 6.90 -55.82
C SER A 546 -5.73 8.29 -55.33
N THR A 547 -6.60 8.92 -56.10
CA THR A 547 -7.12 10.25 -55.76
C THR A 547 -8.63 10.34 -55.73
N GLU A 548 -9.33 9.63 -56.62
CA GLU A 548 -10.79 9.68 -56.62
C GLU A 548 -11.35 9.16 -55.30
N ALA A 549 -10.76 8.09 -54.76
CA ALA A 549 -11.18 7.62 -53.45
C ALA A 549 -10.94 8.67 -52.38
N GLY A 550 -9.79 9.33 -52.43
CA GLY A 550 -9.55 10.42 -51.50
C GLY A 550 -10.53 11.56 -51.66
N LYS A 551 -10.88 11.88 -52.91
CA LYS A 551 -11.88 12.92 -53.15
C LYS A 551 -13.22 12.54 -52.55
N LYS A 552 -13.65 11.29 -52.73
CA LYS A 552 -14.90 10.84 -52.13
C LYS A 552 -14.83 10.93 -50.61
N LEU A 553 -13.70 10.51 -50.04
CA LEU A 553 -13.57 10.54 -48.58
C LEU A 553 -13.64 11.97 -48.06
N ASN A 554 -12.96 12.90 -48.73
CA ASN A 554 -13.04 14.29 -48.32
C ASN A 554 -14.46 14.82 -48.44
N ASP A 555 -15.16 14.45 -49.53
CA ASP A 555 -16.54 14.87 -49.69
C ASP A 555 -17.40 14.36 -48.54
N MET A 556 -17.15 13.13 -48.11
CA MET A 556 -17.87 12.60 -46.96
C MET A 556 -17.57 13.40 -45.70
N LEU A 557 -16.28 13.59 -45.41
CA LEU A 557 -15.89 14.13 -44.11
C LEU A 557 -16.26 15.61 -43.95
N LYS A 558 -16.11 16.41 -45.01
CA LYS A 558 -16.23 17.85 -44.83
C LYS A 558 -17.63 18.29 -44.40
N LEU A 559 -18.65 17.46 -44.58
CA LEU A 559 -20.01 17.90 -44.26
C LEU A 559 -20.15 18.23 -42.78
N GLY A 560 -19.62 17.38 -41.90
CA GLY A 560 -19.82 17.61 -40.49
C GLY A 560 -21.28 17.37 -40.09
N LYS A 561 -21.71 18.09 -39.06
CA LYS A 561 -23.04 17.94 -38.51
C LYS A 561 -24.09 18.79 -39.22
N SER A 562 -23.70 19.55 -40.24
CA SER A 562 -24.64 20.45 -40.90
C SER A 562 -25.71 19.71 -41.69
N THR A 563 -25.58 18.41 -41.91
CA THR A 563 -26.50 17.67 -42.76
C THR A 563 -26.92 16.38 -42.07
N PRO A 564 -28.10 15.85 -42.41
CA PRO A 564 -28.47 14.53 -41.92
C PRO A 564 -27.50 13.45 -42.37
N TRP A 565 -27.29 12.46 -41.50
CA TRP A 565 -26.34 11.39 -41.79
C TRP A 565 -26.80 10.52 -42.95
N THR A 566 -28.11 10.28 -43.07
CA THR A 566 -28.61 9.55 -44.22
C THR A 566 -28.14 10.18 -45.52
N TYR A 567 -28.07 11.51 -45.55
CA TYR A 567 -27.53 12.19 -46.72
C TYR A 567 -26.08 11.79 -46.96
N ALA A 568 -25.30 11.66 -45.90
CA ALA A 568 -23.91 11.23 -46.05
C ALA A 568 -23.83 9.82 -46.61
N LEU A 569 -24.64 8.90 -46.07
CA LEU A 569 -24.64 7.54 -46.59
C LEU A 569 -25.00 7.53 -48.07
N GLU A 570 -26.04 8.29 -48.45
CA GLU A 570 -26.36 8.43 -49.86
C GLU A 570 -25.16 8.97 -50.64
N LYS A 571 -24.39 9.88 -50.01
CA LYS A 571 -23.25 10.46 -50.69
C LYS A 571 -22.22 9.38 -51.04
N ILE A 572 -21.95 8.47 -50.11
CA ILE A 572 -21.10 7.31 -50.39
C ILE A 572 -21.93 6.04 -50.57
N ALA A 573 -22.64 5.60 -49.53
CA ALA A 573 -23.34 4.33 -49.61
C ALA A 573 -24.44 4.34 -50.66
N GLU A 574 -24.95 5.51 -51.03
CA GLU A 574 -26.02 5.61 -52.03
C GLU A 574 -27.24 4.80 -51.62
N THR A 575 -27.40 4.57 -50.32
CA THR A 575 -28.54 3.85 -49.77
C THR A 575 -28.98 4.54 -48.50
N LYS A 576 -30.30 4.57 -48.27
CA LYS A 576 -30.84 5.32 -47.15
C LYS A 576 -30.81 4.55 -45.84
N GLU A 577 -30.45 3.27 -45.86
CA GLU A 577 -30.44 2.46 -44.65
C GLU A 577 -29.25 1.51 -44.69
N MET A 578 -29.02 0.84 -43.56
CA MET A 578 -27.90 -0.08 -43.41
C MET A 578 -28.31 -1.50 -43.78
N ASP A 579 -27.31 -2.34 -44.00
CA ASP A 579 -27.56 -3.73 -44.38
C ASP A 579 -26.40 -4.59 -43.92
N ALA A 580 -26.67 -5.89 -43.79
CA ALA A 580 -25.65 -6.87 -43.44
C ALA A 580 -25.11 -7.61 -44.65
N LYS A 581 -25.60 -7.31 -45.85
CA LYS A 581 -25.13 -8.01 -47.04
C LYS A 581 -23.63 -7.84 -47.24
N PRO A 582 -23.06 -6.64 -47.15
CA PRO A 582 -21.58 -6.56 -47.22
C PRO A 582 -20.89 -7.38 -46.15
N LEU A 583 -21.45 -7.43 -44.93
CA LEU A 583 -20.81 -8.18 -43.87
C LEU A 583 -20.74 -9.66 -44.20
N LEU A 584 -21.87 -10.25 -44.57
CA LEU A 584 -21.87 -11.68 -44.90
C LEU A 584 -21.05 -11.96 -46.15
N ASN A 585 -21.03 -11.02 -47.11
CA ASN A 585 -20.19 -11.19 -48.28
C ASN A 585 -18.71 -11.24 -47.89
N TYR A 586 -18.32 -10.38 -46.95
CA TYR A 586 -16.93 -10.36 -46.51
C TYR A 586 -16.52 -11.68 -45.87
N PHE A 587 -17.47 -12.41 -45.31
CA PHE A 587 -17.19 -13.67 -44.63
C PHE A 587 -17.53 -14.89 -45.47
N ASN A 588 -17.88 -14.69 -46.75
CA ASN A 588 -18.33 -15.81 -47.57
C ASN A 588 -17.34 -16.97 -47.56
N PRO A 589 -16.03 -16.76 -47.76
CA PRO A 589 -15.11 -17.89 -47.65
C PRO A 589 -15.17 -18.58 -46.30
N LEU A 590 -15.32 -17.82 -45.22
CA LEU A 590 -15.44 -18.43 -43.90
C LEU A 590 -16.71 -19.26 -43.80
N PHE A 591 -17.82 -18.75 -44.35
CA PHE A 591 -19.06 -19.50 -44.30
C PHE A 591 -18.93 -20.83 -45.05
N ARG A 592 -18.34 -20.79 -46.25
CA ARG A 592 -18.19 -22.02 -47.01
C ARG A 592 -17.24 -22.99 -46.30
N TRP A 593 -16.17 -22.48 -45.70
CA TRP A 593 -15.26 -23.35 -44.96
C TRP A 593 -15.96 -24.02 -43.80
N LEU A 594 -16.79 -23.27 -43.06
CA LEU A 594 -17.48 -23.83 -41.91
C LEU A 594 -18.63 -24.75 -42.31
N LYS A 595 -19.19 -24.58 -43.51
CA LYS A 595 -20.30 -25.42 -43.91
C LYS A 595 -19.93 -26.90 -43.97
N GLU A 596 -18.63 -27.21 -44.05
CA GLU A 596 -18.17 -28.59 -44.17
C GLU A 596 -17.85 -29.23 -42.83
N GLN A 597 -18.14 -28.56 -41.71
CA GLN A 597 -17.78 -29.07 -40.40
C GLN A 597 -18.97 -29.38 -39.51
N ASN A 598 -20.08 -28.66 -39.66
CA ASN A 598 -21.27 -28.85 -38.83
C ASN A 598 -22.49 -29.04 -39.71
N GLY A 599 -22.37 -29.90 -40.73
CA GLY A 599 -23.43 -30.14 -41.68
C GLY A 599 -24.48 -31.12 -41.23
N ASN A 600 -24.45 -31.55 -39.97
CA ASN A 600 -25.40 -32.53 -39.45
C ASN A 600 -26.33 -31.97 -38.40
N SER A 601 -25.85 -31.14 -37.48
CA SER A 601 -26.67 -30.65 -36.39
C SER A 601 -26.20 -29.26 -35.99
N VAL A 602 -27.16 -28.41 -35.61
CA VAL A 602 -26.87 -27.06 -35.12
C VAL A 602 -28.14 -26.55 -34.46
N GLY A 603 -27.96 -25.80 -33.37
CA GLY A 603 -29.05 -25.23 -32.63
C GLY A 603 -28.91 -25.50 -31.15
N TRP A 604 -30.00 -25.27 -30.42
CA TRP A 604 -29.98 -25.45 -28.97
C TRP A 604 -31.41 -25.57 -28.47
N SER A 605 -31.53 -26.05 -27.23
CA SER A 605 -32.81 -26.11 -26.54
C SER A 605 -32.68 -25.34 -25.23
N VAL A 606 -33.72 -24.57 -24.90
CA VAL A 606 -33.64 -23.63 -23.78
C VAL A 606 -33.96 -24.33 -22.46
N ASP A 607 -34.01 -25.66 -22.48
CA ASP A 607 -34.39 -26.43 -21.29
C ASP A 607 -33.19 -27.03 -20.57
N SER A 608 -32.30 -27.71 -21.28
CA SER A 608 -31.21 -28.43 -20.65
C SER A 608 -30.33 -27.49 -19.83
N SER A 609 -29.60 -28.06 -18.89
CA SER A 609 -28.70 -27.30 -18.03
C SER A 609 -27.79 -28.29 -17.30
N PRO A 610 -26.64 -27.83 -16.80
CA PRO A 610 -25.76 -28.75 -16.07
C PRO A 610 -26.43 -29.43 -14.89
N TYR A 611 -27.27 -28.72 -14.16
CA TYR A 611 -27.96 -29.28 -13.00
C TYR A 611 -29.35 -29.79 -13.38
N SER A 612 -29.41 -30.63 -14.41
CA SER A 612 -30.67 -31.17 -14.90
C SER A 612 -30.82 -32.67 -14.67
N ASN A 613 -29.75 -33.43 -14.85
CA ASN A 613 -29.77 -34.86 -14.60
C ASN A 613 -29.46 -35.21 -13.15
N GLN A 614 -29.27 -34.20 -12.29
CA GLN A 614 -28.90 -34.42 -10.90
C GLN A 614 -30.01 -34.10 -9.91
N SER A 615 -30.88 -33.16 -10.22
CA SER A 615 -31.92 -32.77 -9.29
C SER A 615 -33.01 -33.85 -9.22
N ILE A 616 -33.99 -33.60 -8.36
CA ILE A 616 -35.12 -34.50 -8.16
C ILE A 616 -36.40 -33.69 -8.28
N LYS A 617 -37.47 -34.36 -8.71
CA LYS A 617 -38.69 -33.65 -9.09
C LYS A 617 -39.33 -32.95 -7.90
N VAL A 618 -39.25 -33.54 -6.70
CA VAL A 618 -39.82 -32.97 -5.49
C VAL A 618 -41.24 -32.48 -5.77
N ARG A 619 -42.12 -33.38 -6.21
CA ARG A 619 -43.51 -33.04 -6.49
C ARG A 619 -44.12 -32.29 -5.31
N ILE A 620 -45.11 -31.45 -5.61
CA ILE A 620 -45.75 -30.59 -4.62
C ILE A 620 -47.21 -30.98 -4.51
N SER A 621 -47.66 -31.21 -3.27
CA SER A 621 -49.07 -31.46 -3.01
C SER A 621 -49.83 -30.14 -2.94
N LEU A 622 -51.10 -30.17 -3.34
CA LEU A 622 -51.91 -28.97 -3.40
C LEU A 622 -52.37 -28.56 -2.01
N LYS A 623 -52.37 -27.24 -1.76
CA LYS A 623 -52.83 -26.73 -0.49
C LYS A 623 -54.30 -27.03 -0.27
N SER A 624 -55.13 -26.85 -1.31
CA SER A 624 -56.55 -27.13 -1.18
C SER A 624 -56.83 -28.59 -0.90
N ALA A 625 -56.02 -29.50 -1.43
CA ALA A 625 -56.18 -30.91 -1.11
C ALA A 625 -56.05 -31.16 0.39
N LEU A 626 -55.10 -30.49 1.05
CA LEU A 626 -55.01 -30.56 2.50
C LEU A 626 -56.17 -29.81 3.14
N GLY A 627 -56.31 -28.52 2.82
CA GLY A 627 -57.42 -27.73 3.33
C GLY A 627 -57.22 -27.28 4.76
N GLU A 628 -57.34 -28.20 5.71
CA GLU A 628 -57.17 -27.88 7.12
C GLU A 628 -55.70 -27.83 7.48
N LYS A 629 -55.33 -26.87 8.31
CA LYS A 629 -53.93 -26.64 8.67
C LYS A 629 -53.11 -26.35 7.41
N ALA A 630 -53.71 -25.67 6.46
CA ALA A 630 -53.07 -25.30 5.20
C ALA A 630 -52.86 -23.80 5.15
N TYR A 631 -51.96 -23.37 4.27
CA TYR A 631 -51.50 -22.00 4.22
C TYR A 631 -50.70 -21.77 2.96
N GLU A 632 -50.73 -20.53 2.47
CA GLU A 632 -49.84 -20.11 1.39
C GLU A 632 -48.44 -19.89 1.93
N TRP A 633 -47.44 -20.01 1.05
CA TRP A 633 -46.05 -19.93 1.50
C TRP A 633 -45.75 -18.60 2.18
N ASN A 634 -46.07 -17.49 1.51
CA ASN A 634 -45.60 -16.17 1.90
C ASN A 634 -44.17 -16.25 2.43
N GLU A 635 -43.31 -16.87 1.62
CA GLU A 635 -41.90 -17.08 1.98
C GLU A 635 -41.85 -17.82 3.31
N ASN A 636 -40.67 -17.93 3.92
CA ASN A 636 -40.55 -18.36 5.31
C ASN A 636 -40.85 -19.85 5.48
N GLU A 637 -41.13 -20.57 4.40
CA GLU A 637 -41.60 -21.95 4.52
C GLU A 637 -40.68 -22.92 3.80
N MET A 638 -40.24 -22.57 2.61
CA MET A 638 -39.06 -23.24 2.06
C MET A 638 -37.89 -23.10 3.01
N TYR A 639 -37.90 -22.04 3.83
CA TYR A 639 -37.00 -21.99 4.98
C TYR A 639 -37.07 -23.30 5.77
N LEU A 640 -38.27 -23.68 6.20
CA LEU A 640 -38.43 -24.90 6.99
C LEU A 640 -38.05 -26.13 6.18
N PHE A 641 -38.44 -26.17 4.91
CA PHE A 641 -38.10 -27.32 4.08
C PHE A 641 -36.59 -27.51 4.01
N GLN A 642 -35.86 -26.43 3.76
CA GLN A 642 -34.41 -26.51 3.67
C GLN A 642 -33.81 -26.94 4.99
N SER A 643 -34.26 -26.34 6.09
CA SER A 643 -33.70 -26.71 7.39
C SER A 643 -33.95 -28.19 7.68
N SER A 644 -35.15 -28.67 7.40
CA SER A 644 -35.51 -30.06 7.69
C SER A 644 -34.69 -31.02 6.84
N VAL A 645 -34.55 -30.73 5.54
CA VAL A 645 -33.76 -31.63 4.70
C VAL A 645 -32.30 -31.59 5.11
N ALA A 646 -31.80 -30.43 5.53
CA ALA A 646 -30.42 -30.37 6.02
C ALA A 646 -30.24 -31.24 7.26
N TYR A 647 -31.19 -31.18 8.19
CA TYR A 647 -31.11 -32.05 9.36
C TYR A 647 -31.14 -33.52 8.94
N ALA A 648 -32.01 -33.86 7.99
CA ALA A 648 -32.10 -35.23 7.52
C ALA A 648 -30.78 -35.70 6.92
N MET A 649 -30.13 -34.87 6.12
CA MET A 649 -28.85 -35.24 5.54
C MET A 649 -27.78 -35.39 6.61
N ARG A 650 -27.77 -34.47 7.59
CA ARG A 650 -26.80 -34.57 8.67
C ARG A 650 -26.94 -35.89 9.40
N VAL A 651 -28.16 -36.27 9.77
CA VAL A 651 -28.34 -37.56 10.43
C VAL A 651 -28.08 -38.72 9.48
N TYR A 652 -28.30 -38.54 8.18
CA TYR A 652 -28.04 -39.62 7.23
C TYR A 652 -26.56 -39.97 7.20
N PHE A 653 -25.69 -38.96 7.16
CA PHE A 653 -24.26 -39.27 7.16
C PHE A 653 -23.84 -39.93 8.47
N LEU A 654 -24.42 -39.51 9.59
CA LEU A 654 -24.13 -40.17 10.86
C LEU A 654 -24.70 -41.59 10.92
N LYS A 655 -25.70 -41.89 10.09
CA LYS A 655 -26.36 -43.19 10.18
C LYS A 655 -25.40 -44.33 9.88
N ALA A 656 -24.70 -44.25 8.74
CA ALA A 656 -23.78 -45.31 8.35
C ALA A 656 -22.43 -44.75 7.95
N LYS A 657 -22.40 -43.53 7.41
CA LYS A 657 -21.15 -42.96 6.92
C LYS A 657 -20.22 -42.55 8.06
N ASN A 658 -20.77 -42.25 9.24
CA ASN A 658 -19.96 -41.89 10.39
C ASN A 658 -19.01 -40.75 10.06
N GLU A 659 -19.57 -39.66 9.53
CA GLU A 659 -18.80 -38.49 9.14
C GLU A 659 -19.45 -37.24 9.71
N SER A 660 -18.66 -36.19 9.89
CA SER A 660 -19.06 -35.02 10.67
C SER A 660 -19.14 -33.76 9.80
N ILE A 661 -19.80 -33.84 8.65
CA ILE A 661 -19.96 -32.69 7.78
C ILE A 661 -21.01 -31.75 8.40
N PRO A 662 -20.64 -30.51 8.78
CA PRO A 662 -21.67 -29.61 9.34
C PRO A 662 -22.48 -28.88 8.27
N PHE A 663 -23.48 -29.58 7.73
CA PHE A 663 -24.34 -28.97 6.72
C PHE A 663 -25.06 -27.75 7.31
N ARG A 664 -25.28 -26.76 6.47
CA ARG A 664 -25.83 -25.47 6.87
C ARG A 664 -27.21 -25.28 6.25
N ALA A 665 -27.81 -24.13 6.53
CA ALA A 665 -29.14 -23.84 6.02
C ALA A 665 -29.11 -23.54 4.53
N GLU A 666 -28.17 -22.70 4.10
CA GLU A 666 -28.09 -22.30 2.69
C GLU A 666 -27.32 -23.33 1.87
N ASP A 667 -27.75 -24.58 1.97
CA ASP A 667 -27.19 -25.67 1.18
C ASP A 667 -28.26 -26.35 0.32
N VAL A 668 -29.41 -25.71 0.16
CA VAL A 668 -30.50 -26.21 -0.68
C VAL A 668 -30.80 -25.13 -1.72
N ARG A 669 -30.83 -25.53 -2.99
CA ARG A 669 -30.98 -24.59 -4.10
C ARG A 669 -32.40 -24.63 -4.61
N VAL A 670 -33.17 -23.57 -4.34
CA VAL A 670 -34.51 -23.43 -4.90
C VAL A 670 -34.40 -23.04 -6.36
N SER A 671 -35.38 -23.47 -7.16
CA SER A 671 -35.30 -23.25 -8.60
C SER A 671 -36.66 -23.50 -9.24
N ASP A 672 -36.90 -22.81 -10.36
CA ASP A 672 -38.04 -23.06 -11.23
C ASP A 672 -39.36 -23.11 -10.48
N GLU A 673 -39.62 -22.12 -9.62
CA GLU A 673 -40.85 -22.14 -8.83
C GLU A 673 -42.03 -21.63 -9.64
N LYS A 674 -43.17 -22.27 -9.45
CA LYS A 674 -44.47 -21.74 -9.85
C LYS A 674 -45.34 -21.71 -8.61
N LYS A 675 -45.90 -20.55 -8.30
CA LYS A 675 -46.55 -20.36 -7.00
C LYS A 675 -47.53 -21.49 -6.70
N ARG A 676 -47.24 -22.25 -5.66
CA ARG A 676 -48.07 -23.36 -5.19
C ARG A 676 -48.24 -24.44 -6.25
N VAL A 677 -47.31 -24.54 -7.20
CA VAL A 677 -47.50 -25.47 -8.32
C VAL A 677 -46.33 -26.43 -8.45
N SER A 678 -45.14 -26.04 -8.00
CA SER A 678 -43.98 -26.92 -8.18
C SER A 678 -42.75 -26.30 -7.55
N PHE A 679 -41.79 -27.15 -7.22
CA PHE A 679 -40.45 -26.78 -6.77
C PHE A 679 -39.42 -27.58 -7.57
N LYS A 680 -38.16 -27.38 -7.23
CA LYS A 680 -37.07 -28.23 -7.67
C LYS A 680 -35.84 -27.83 -6.89
N PHE A 681 -35.00 -28.83 -6.55
CA PHE A 681 -33.89 -28.56 -5.66
C PHE A 681 -32.85 -29.66 -5.77
N PHE A 682 -31.63 -29.31 -5.38
CA PHE A 682 -30.55 -30.26 -5.18
C PHE A 682 -29.59 -29.64 -4.18
N VAL A 683 -28.80 -30.47 -3.52
CA VAL A 683 -27.97 -30.04 -2.41
C VAL A 683 -26.50 -30.16 -2.79
N THR A 684 -25.69 -29.29 -2.20
CA THR A 684 -24.27 -29.20 -2.51
C THR A 684 -23.46 -29.16 -1.22
N SER A 685 -22.18 -29.52 -1.33
CA SER A 685 -21.32 -29.57 -0.16
C SER A 685 -21.08 -28.17 0.38
N PRO A 686 -20.65 -28.06 1.64
CA PRO A 686 -20.46 -26.72 2.23
C PRO A 686 -19.43 -25.86 1.49
N THR A 687 -18.38 -26.45 0.92
CA THR A 687 -17.27 -25.65 0.42
C THR A 687 -16.68 -26.13 -0.90
N ASN A 688 -17.27 -27.10 -1.58
CA ASN A 688 -16.77 -27.58 -2.87
C ASN A 688 -17.91 -27.72 -3.87
N MET A 689 -18.77 -26.69 -3.95
CA MET A 689 -20.01 -26.80 -4.71
C MET A 689 -19.69 -26.88 -6.20
N SER A 690 -19.57 -28.11 -6.69
CA SER A 690 -19.58 -28.35 -8.13
C SER A 690 -20.73 -29.26 -8.56
N ASP A 691 -20.77 -30.51 -8.07
CA ASP A 691 -21.90 -31.39 -8.37
C ASP A 691 -22.24 -32.33 -7.21
N ILE A 692 -21.65 -32.14 -6.03
CA ILE A 692 -21.55 -33.18 -5.02
C ILE A 692 -22.94 -33.52 -4.47
N ILE A 693 -23.04 -34.62 -3.73
CA ILE A 693 -24.29 -35.10 -3.15
C ILE A 693 -25.25 -35.50 -4.26
N PRO A 694 -24.99 -36.60 -4.98
CA PRO A 694 -25.87 -36.98 -6.09
C PRO A 694 -27.27 -37.36 -5.67
N ARG A 695 -28.07 -37.82 -6.63
CA ARG A 695 -29.51 -38.03 -6.41
C ARG A 695 -29.77 -39.11 -5.36
N SER A 696 -29.11 -40.26 -5.49
CA SER A 696 -29.49 -41.43 -4.70
C SER A 696 -29.33 -41.17 -3.21
N GLU A 697 -28.25 -40.51 -2.81
CA GLU A 697 -28.00 -40.30 -1.38
C GLU A 697 -29.10 -39.45 -0.76
N VAL A 698 -29.41 -38.31 -1.39
CA VAL A 698 -30.45 -37.45 -0.85
C VAL A 698 -31.80 -38.15 -0.89
N GLU A 699 -32.06 -38.96 -1.92
CA GLU A 699 -33.31 -39.69 -1.98
C GLU A 699 -33.45 -40.63 -0.80
N ASP A 700 -32.40 -41.40 -0.51
CA ASP A 700 -32.44 -42.29 0.64
C ASP A 700 -32.62 -41.52 1.94
N ALA A 701 -31.89 -40.41 2.08
CA ALA A 701 -32.00 -39.64 3.32
C ALA A 701 -33.41 -39.12 3.54
N ILE A 702 -34.03 -38.56 2.49
CA ILE A 702 -35.37 -38.02 2.64
C ILE A 702 -36.38 -39.15 2.88
N ARG A 703 -36.19 -40.31 2.25
CA ARG A 703 -37.09 -41.43 2.50
C ARG A 703 -36.99 -41.90 3.94
N MET A 704 -35.78 -41.88 4.51
CA MET A 704 -35.58 -42.42 5.85
C MET A 704 -36.45 -41.68 6.87
N SER A 705 -36.48 -40.35 6.80
CA SER A 705 -37.14 -39.56 7.83
C SER A 705 -38.65 -39.82 7.79
N ARG A 706 -39.37 -39.13 8.66
CA ARG A 706 -40.79 -39.39 8.87
C ARG A 706 -41.50 -38.04 8.93
N SER A 707 -42.76 -38.05 9.39
CA SER A 707 -43.64 -36.88 9.35
C SER A 707 -43.12 -35.70 10.15
N ARG A 708 -41.93 -35.81 10.74
CA ARG A 708 -41.35 -34.67 11.42
C ARG A 708 -41.17 -33.48 10.49
N ILE A 709 -41.13 -33.72 9.18
CA ILE A 709 -41.05 -32.64 8.21
C ILE A 709 -42.43 -32.22 7.73
N ASN A 710 -43.22 -33.19 7.27
CA ASN A 710 -44.57 -32.91 6.77
C ASN A 710 -45.44 -34.16 6.85
N GLN B 389 26.37 55.04 -60.92
CA GLN B 389 26.03 54.44 -59.59
C GLN B 389 26.10 52.93 -59.64
N GLU B 390 26.07 52.29 -58.46
CA GLU B 390 26.23 50.85 -58.34
C GLU B 390 24.99 50.25 -57.69
N CYS B 391 24.60 49.06 -58.16
CA CYS B 391 23.49 48.32 -57.58
C CYS B 391 23.99 47.63 -56.31
N ASP B 392 23.89 48.34 -55.20
CA ASP B 392 24.34 47.84 -53.92
C ASP B 392 23.18 47.85 -52.92
N PHE B 393 23.19 46.85 -52.04
CA PHE B 393 22.18 46.75 -50.98
C PHE B 393 22.87 46.83 -49.64
N THR B 394 23.85 47.73 -49.52
CA THR B 394 24.61 47.86 -48.29
C THR B 394 23.74 48.08 -47.06
N PRO B 395 22.74 48.97 -47.07
CA PRO B 395 22.00 49.25 -45.83
C PRO B 395 21.11 48.10 -45.39
N MET B 396 21.12 46.98 -46.10
CA MET B 396 20.36 45.82 -45.66
C MET B 396 20.87 45.30 -44.33
N LEU B 397 22.19 45.28 -44.14
CA LEU B 397 22.79 44.83 -42.89
C LEU B 397 22.61 45.90 -41.82
N THR B 398 21.38 46.05 -41.32
CA THR B 398 21.05 47.09 -40.36
C THR B 398 20.50 46.55 -39.05
N GLY B 399 19.65 45.52 -39.09
CA GLY B 399 19.08 44.99 -37.87
C GLY B 399 18.05 43.90 -38.07
N THR B 400 16.93 44.00 -37.37
CA THR B 400 15.93 42.94 -37.38
C THR B 400 15.30 42.82 -38.76
N PRO B 401 15.17 41.61 -39.32
CA PRO B 401 14.50 41.46 -40.61
C PRO B 401 12.99 41.56 -40.46
N PRO B 402 12.25 41.68 -41.56
CA PRO B 402 10.79 41.72 -41.47
C PRO B 402 10.24 40.42 -40.91
N PRO B 403 9.36 40.49 -39.90
CA PRO B 403 8.84 39.24 -39.30
C PRO B 403 7.76 38.55 -40.14
N TYR B 405 5.26 38.23 -41.84
CA TYR B 405 4.09 38.92 -42.40
C TYR B 405 4.48 40.26 -43.01
N ASN B 406 5.45 40.94 -42.41
CA ASN B 406 5.96 42.17 -43.00
C ASN B 406 6.68 41.86 -44.31
N PHE B 407 6.79 42.88 -45.16
CA PHE B 407 7.39 42.70 -46.48
C PHE B 407 7.95 44.04 -46.95
N LYS B 408 8.82 43.98 -47.95
CA LYS B 408 9.44 45.16 -48.52
C LYS B 408 9.72 44.93 -49.98
N ARG B 409 9.94 46.02 -50.72
CA ARG B 409 10.29 45.96 -52.13
C ARG B 409 11.33 47.03 -52.42
N LEU B 410 12.42 46.62 -53.07
CA LEU B 410 13.50 47.54 -53.42
C LEU B 410 13.93 47.28 -54.86
N VAL B 411 14.26 48.35 -55.57
CA VAL B 411 14.62 48.29 -56.98
C VAL B 411 15.77 49.26 -57.23
N PHE B 412 16.52 49.01 -58.29
CA PHE B 412 17.70 49.79 -58.64
C PHE B 412 17.56 50.34 -60.06
N THR B 413 18.63 50.96 -60.55
CA THR B 413 18.67 51.57 -61.87
C THR B 413 19.89 51.04 -62.63
N ASN B 414 20.18 51.66 -63.77
CA ASN B 414 21.38 51.32 -64.52
C ASN B 414 22.61 51.45 -63.63
N CYS B 415 23.44 50.42 -63.64
CA CYS B 415 24.43 50.22 -62.59
C CYS B 415 25.44 49.18 -63.08
N ASN B 416 26.26 48.69 -62.16
CA ASN B 416 27.11 47.54 -62.39
C ASN B 416 27.33 46.83 -61.06
N TYR B 417 27.16 45.50 -61.07
CA TYR B 417 27.27 44.70 -59.87
C TYR B 417 28.33 43.61 -60.07
N ASN B 418 29.14 43.41 -59.04
CA ASN B 418 30.23 42.44 -59.08
C ASN B 418 29.75 41.10 -58.52
N LEU B 419 30.24 40.01 -59.13
CA LEU B 419 29.94 38.68 -58.63
C LEU B 419 30.76 38.34 -57.39
N THR B 420 31.94 38.93 -57.25
CA THR B 420 32.80 38.61 -56.11
C THR B 420 32.12 38.97 -54.79
N LYS B 421 31.52 40.15 -54.71
CA LYS B 421 30.81 40.53 -53.49
C LYS B 421 29.60 39.62 -53.24
N LEU B 422 28.89 39.25 -54.30
CA LEU B 422 27.79 38.30 -54.14
C LEU B 422 28.28 37.00 -53.52
N LEU B 423 29.40 36.47 -54.02
CA LEU B 423 29.96 35.24 -53.45
C LEU B 423 30.37 35.45 -52.00
N SER B 424 31.01 36.58 -51.71
CA SER B 424 31.47 36.87 -50.35
C SER B 424 30.33 37.17 -49.39
N LEU B 425 29.11 37.35 -49.88
CA LEU B 425 27.99 37.64 -48.99
C LEU B 425 27.89 36.60 -47.89
N PHE B 426 27.89 35.32 -48.25
CA PHE B 426 27.77 34.26 -47.27
C PHE B 426 28.27 32.96 -47.88
N GLN B 427 28.62 32.02 -47.01
CA GLN B 427 29.11 30.71 -47.46
C GLN B 427 27.97 29.89 -48.04
N VAL B 428 28.35 28.77 -48.67
CA VAL B 428 27.39 27.91 -49.36
C VAL B 428 26.68 27.04 -48.32
N SER B 429 25.41 27.33 -48.07
CA SER B 429 24.57 26.46 -47.25
C SER B 429 23.69 25.62 -48.16
N GLU B 430 22.89 26.30 -48.99
CA GLU B 430 22.07 25.63 -50.00
C GLU B 430 21.40 26.70 -50.85
N PHE B 431 21.31 26.45 -52.15
CA PHE B 431 20.60 27.32 -53.07
C PHE B 431 19.82 26.48 -54.08
N SER B 432 18.59 26.88 -54.35
CA SER B 432 17.73 26.20 -55.32
C SER B 432 17.19 27.22 -56.30
N CYS B 433 17.47 27.03 -57.58
CA CYS B 433 17.02 27.92 -58.63
C CYS B 433 16.05 27.20 -59.56
N HIS B 434 15.06 27.94 -60.04
CA HIS B 434 14.00 27.38 -60.88
C HIS B 434 14.56 27.13 -62.27
N GLN B 435 15.33 26.05 -62.39
CA GLN B 435 15.92 25.61 -63.65
C GLN B 435 16.68 26.73 -64.35
N VAL B 436 17.33 27.58 -63.56
CA VAL B 436 18.19 28.64 -64.09
C VAL B 436 19.55 28.53 -63.40
N SER B 437 20.60 28.40 -64.19
CA SER B 437 21.94 28.27 -63.63
C SER B 437 22.37 29.60 -63.03
N PRO B 438 22.83 29.63 -61.78
CA PRO B 438 23.34 30.89 -61.21
C PRO B 438 24.47 31.48 -62.01
N SER B 439 25.33 30.64 -62.60
CA SER B 439 26.45 31.16 -63.39
C SER B 439 25.96 31.96 -64.59
N SER B 440 24.94 31.46 -65.28
CA SER B 440 24.41 32.18 -66.43
C SER B 440 23.86 33.54 -66.05
N LEU B 441 23.45 33.72 -64.80
CA LEU B 441 22.92 35.00 -64.35
C LEU B 441 24.02 36.05 -64.18
N ALA B 442 25.29 35.66 -64.25
CA ALA B 442 26.39 36.61 -64.07
C ALA B 442 26.50 37.60 -65.22
N THR B 443 25.80 37.36 -66.33
CA THR B 443 25.86 38.25 -67.49
C THR B 443 24.44 38.62 -67.91
N GLY B 444 24.30 39.83 -68.44
CA GLY B 444 23.02 40.29 -68.95
C GLY B 444 22.36 41.33 -68.07
N CYS B 445 22.19 42.54 -68.61
CA CYS B 445 21.48 43.61 -67.92
C CYS B 445 20.02 43.57 -68.37
N TYR B 446 19.11 43.27 -67.43
CA TYR B 446 17.70 43.10 -67.73
C TYR B 446 16.87 43.67 -66.59
N SER B 447 15.54 43.65 -66.79
CA SER B 447 14.64 44.60 -66.14
C SER B 447 14.98 44.89 -64.68
N SER B 448 14.99 43.86 -63.83
CA SER B 448 15.20 44.12 -62.41
C SER B 448 15.37 42.81 -61.66
N LEU B 449 15.93 42.91 -60.46
CA LEU B 449 15.98 41.82 -59.50
C LEU B 449 14.97 42.08 -58.39
N THR B 450 14.81 41.08 -57.53
CA THR B 450 13.86 41.15 -56.41
C THR B 450 14.50 40.45 -55.22
N VAL B 451 15.16 41.21 -54.36
CA VAL B 451 15.89 40.67 -53.21
C VAL B 451 15.07 40.91 -51.96
N ASP B 452 14.90 39.85 -51.16
CA ASP B 452 14.20 39.96 -49.89
C ASP B 452 14.72 38.87 -48.96
N TYR B 453 14.89 39.24 -47.69
CA TYR B 453 15.35 38.33 -46.66
C TYR B 453 14.25 38.17 -45.61
N PHE B 454 13.96 36.93 -45.23
CA PHE B 454 12.86 36.63 -44.33
C PHE B 454 13.34 35.72 -43.20
N ALA B 455 12.89 36.02 -41.99
CA ALA B 455 13.18 35.16 -40.86
C ALA B 455 12.53 33.80 -41.05
N TYR B 456 13.27 32.74 -40.77
CA TYR B 456 12.80 31.39 -41.01
C TYR B 456 13.62 30.44 -40.15
N SER B 457 13.49 29.14 -40.41
CA SER B 457 14.26 28.12 -39.70
C SER B 457 14.68 27.05 -40.70
N THR B 458 15.60 26.18 -40.26
CA THR B 458 16.19 25.20 -41.17
C THR B 458 15.16 24.14 -41.57
N ASP B 459 14.59 23.44 -40.59
CA ASP B 459 13.75 22.28 -40.89
C ASP B 459 12.51 22.68 -41.69
N MET B 460 11.89 23.81 -41.38
CA MET B 460 10.69 24.22 -42.09
C MET B 460 10.94 24.46 -43.58
N SER B 461 12.20 24.61 -43.98
CA SER B 461 12.52 24.69 -45.40
C SER B 461 12.07 23.45 -46.15
N SER B 462 11.93 22.31 -45.45
CA SER B 462 11.36 21.14 -46.10
C SER B 462 9.93 21.39 -46.54
N TYR B 463 9.13 22.04 -45.69
CA TYR B 463 7.78 22.42 -46.05
C TYR B 463 7.72 23.69 -46.88
N LEU B 464 8.84 24.39 -47.05
CA LEU B 464 8.85 25.56 -47.91
C LEU B 464 8.42 25.21 -49.33
N GLN B 465 8.93 24.11 -49.86
CA GLN B 465 8.57 23.71 -51.21
C GLN B 465 7.06 23.54 -51.31
N PRO B 466 6.40 24.15 -52.30
CA PRO B 466 4.93 24.03 -52.38
C PRO B 466 4.51 22.63 -52.80
N GLY B 467 4.05 21.84 -51.83
CA GLY B 467 3.52 20.52 -52.10
C GLY B 467 2.34 20.20 -51.20
N SER B 468 1.86 21.20 -50.48
CA SER B 468 0.75 21.02 -49.55
C SER B 468 0.08 22.37 -49.34
N ALA B 469 -1.13 22.33 -48.77
CA ALA B 469 -1.92 23.52 -48.51
C ALA B 469 -1.75 24.02 -47.08
N GLY B 470 -0.56 23.86 -46.51
CA GLY B 470 -0.32 24.33 -45.17
C GLY B 470 -0.58 25.82 -45.04
N ALA B 471 -0.69 26.28 -43.80
CA ALA B 471 -1.01 27.67 -43.52
C ALA B 471 0.09 28.63 -43.96
N ILE B 472 1.29 28.14 -44.27
CA ILE B 472 2.39 29.03 -44.63
C ILE B 472 2.13 29.77 -45.93
N VAL B 473 1.39 29.18 -46.87
CA VAL B 473 1.22 29.75 -48.20
C VAL B 473 -0.07 30.55 -48.33
N GLN B 474 -1.20 30.03 -47.85
CA GLN B 474 -2.47 30.74 -47.97
C GLN B 474 -2.79 31.63 -46.77
N PHE B 475 -2.20 31.36 -45.61
CA PHE B 475 -2.45 32.14 -44.40
C PHE B 475 -1.21 32.86 -43.91
N ASN B 476 -0.13 32.85 -44.68
CA ASN B 476 1.09 33.56 -44.32
C ASN B 476 1.70 34.07 -45.62
N TYR B 477 2.96 34.50 -45.56
CA TYR B 477 3.62 35.07 -46.73
C TYR B 477 3.41 34.19 -47.95
N LYS B 478 2.89 34.79 -49.01
CA LYS B 478 2.63 34.07 -50.25
C LYS B 478 3.93 33.51 -50.80
N GLN B 479 3.88 32.26 -51.26
CA GLN B 479 5.00 31.67 -52.01
C GLN B 479 4.81 31.98 -53.49
N ASP B 480 4.93 33.27 -53.79
CA ASP B 480 4.62 33.77 -55.12
C ASP B 480 5.46 33.05 -56.18
N PHE B 481 4.80 32.64 -57.26
CA PHE B 481 5.45 31.97 -58.38
C PHE B 481 5.42 32.90 -59.58
N SER B 482 6.58 33.07 -60.21
CA SER B 482 6.74 33.99 -61.33
C SER B 482 7.94 33.53 -62.14
N ASN B 483 8.43 34.40 -63.03
CA ASN B 483 9.64 34.15 -63.81
C ASN B 483 10.65 33.39 -62.94
N PRO B 484 11.31 32.34 -63.48
CA PRO B 484 12.20 31.52 -62.64
C PRO B 484 12.98 32.31 -61.59
N THR B 485 12.95 31.83 -60.35
CA THR B 485 13.55 32.50 -59.21
C THR B 485 14.52 31.55 -58.51
N CYS B 486 15.16 32.05 -57.46
CA CYS B 486 16.12 31.28 -56.69
C CYS B 486 15.83 31.44 -55.20
N ARG B 487 15.91 30.33 -54.47
CA ARG B 487 15.70 30.31 -53.03
C ARG B 487 16.99 29.88 -52.36
N VAL B 488 17.40 30.60 -51.31
CA VAL B 488 18.66 30.35 -50.62
C VAL B 488 18.38 30.29 -49.12
N LEU B 489 18.96 29.30 -48.46
CA LEU B 489 18.92 29.19 -47.00
C LEU B 489 20.26 29.63 -46.44
N ALA B 490 20.23 30.38 -45.34
CA ALA B 490 21.44 30.96 -44.77
C ALA B 490 21.41 30.87 -43.26
N THR B 491 22.59 30.78 -42.66
CA THR B 491 22.79 30.82 -41.21
C THR B 491 23.85 31.89 -40.96
N VAL B 492 23.40 33.09 -40.62
CA VAL B 492 24.27 34.27 -40.53
C VAL B 492 25.30 34.06 -39.43
N PRO B 493 26.58 34.34 -39.67
CA PRO B 493 27.56 34.27 -38.59
C PRO B 493 27.46 35.46 -37.65
N GLN B 494 28.24 35.39 -36.56
CA GLN B 494 28.14 36.38 -35.50
C GLN B 494 28.89 37.66 -35.80
N ASN B 495 29.86 37.63 -36.73
CA ASN B 495 30.73 38.77 -36.94
C ASN B 495 30.03 39.97 -37.57
N LEU B 496 28.85 39.77 -38.17
CA LEU B 496 28.05 40.88 -38.70
C LEU B 496 27.22 41.50 -37.58
N THR B 497 27.92 42.19 -36.68
CA THR B 497 27.31 42.68 -35.45
C THR B 497 26.21 43.71 -35.69
N THR B 498 26.17 44.33 -36.87
CA THR B 498 25.10 45.29 -37.14
C THR B 498 23.73 44.63 -37.08
N ILE B 499 23.62 43.37 -37.56
CA ILE B 499 22.37 42.65 -37.46
C ILE B 499 21.99 42.49 -36.00
N THR B 500 20.69 42.63 -35.71
CA THR B 500 20.17 42.47 -34.36
C THR B 500 19.25 41.26 -34.32
N LYS B 501 19.48 40.37 -33.37
CA LYS B 501 18.68 39.15 -33.26
C LYS B 501 17.28 39.51 -32.75
N PRO B 502 16.23 39.13 -33.46
CA PRO B 502 14.87 39.42 -32.97
C PRO B 502 14.54 38.61 -31.72
N SER B 503 13.57 39.12 -30.97
CA SER B 503 13.15 38.45 -29.73
C SER B 503 12.66 37.03 -30.03
N ASN B 504 11.60 36.91 -30.82
CA ASN B 504 11.04 35.62 -31.16
C ASN B 504 10.43 35.66 -32.55
N TYR B 505 10.39 34.51 -33.20
CA TYR B 505 9.75 34.39 -34.50
C TYR B 505 8.23 34.42 -34.33
N ALA B 506 7.53 34.73 -35.42
CA ALA B 506 6.07 34.79 -35.38
C ALA B 506 5.53 34.67 -36.79
N TYR B 507 4.75 33.63 -37.05
CA TYR B 507 4.06 33.44 -38.32
C TYR B 507 2.57 33.23 -38.05
N LEU B 508 1.74 33.87 -38.87
CA LEU B 508 0.30 33.83 -38.66
C LEU B 508 -0.23 32.41 -38.85
N THR B 509 -1.35 32.13 -38.20
CA THR B 509 -2.05 30.85 -38.33
C THR B 509 -3.45 31.00 -38.91
N GLU B 510 -4.27 31.89 -38.36
CA GLU B 510 -5.62 32.10 -38.86
C GLU B 510 -5.95 33.58 -38.82
N CYS B 511 -6.02 34.20 -39.99
CA CYS B 511 -6.61 35.52 -40.16
C CYS B 511 -7.76 35.39 -41.14
N TYR B 512 -8.95 35.85 -40.73
CA TYR B 512 -10.16 35.58 -41.48
C TYR B 512 -11.19 36.66 -41.21
N LYS B 513 -12.18 36.75 -42.09
CA LYS B 513 -13.27 37.71 -41.95
C LYS B 513 -14.47 36.97 -41.39
N THR B 514 -14.77 37.19 -40.12
CA THR B 514 -15.80 36.40 -39.44
C THR B 514 -17.17 36.62 -40.10
N SER B 515 -17.99 35.57 -40.08
CA SER B 515 -19.33 35.63 -40.63
C SER B 515 -20.33 34.95 -39.71
N ALA B 516 -21.56 34.75 -40.18
CA ALA B 516 -22.59 34.15 -39.33
C ALA B 516 -22.46 32.63 -39.31
N TYR B 517 -22.59 31.99 -40.48
CA TYR B 517 -22.58 30.54 -40.55
C TYR B 517 -21.21 29.93 -40.24
N GLY B 518 -20.13 30.56 -40.67
CA GLY B 518 -18.83 29.95 -40.50
C GLY B 518 -17.74 31.00 -40.43
N LYS B 519 -16.54 30.57 -40.84
CA LYS B 519 -15.34 31.39 -40.68
C LYS B 519 -15.06 32.26 -41.90
N ASN B 520 -15.36 31.76 -43.09
CA ASN B 520 -15.12 32.48 -44.35
C ASN B 520 -13.64 32.83 -44.48
N TYR B 521 -12.82 31.79 -44.56
CA TYR B 521 -11.37 31.98 -44.66
C TYR B 521 -11.01 32.80 -45.89
N LEU B 522 -10.14 33.78 -45.69
CA LEU B 522 -9.45 34.40 -46.82
C LEU B 522 -8.18 33.61 -47.13
N TYR B 523 -7.81 33.60 -48.40
CA TYR B 523 -6.64 32.86 -48.86
C TYR B 523 -5.70 33.80 -49.59
N ASN B 524 -4.42 33.74 -49.23
CA ASN B 524 -3.43 34.61 -49.84
C ASN B 524 -3.31 34.32 -51.33
N ALA B 525 -3.04 35.35 -52.10
CA ALA B 525 -2.90 35.29 -53.55
C ALA B 525 -1.61 35.94 -53.97
N PRO B 526 -1.08 35.59 -55.15
CA PRO B 526 0.15 36.22 -55.61
C PRO B 526 0.02 37.73 -55.68
N GLY B 527 1.09 38.43 -55.30
CA GLY B 527 1.09 39.88 -55.30
C GLY B 527 0.11 40.49 -54.34
N ALA B 528 -0.06 39.89 -53.17
CA ALA B 528 -0.98 40.36 -52.15
C ALA B 528 -0.32 40.61 -50.80
N TYR B 529 0.59 39.74 -50.39
CA TYR B 529 1.35 39.91 -49.14
C TYR B 529 0.42 39.98 -47.93
N THR B 530 -0.28 38.87 -47.68
CA THR B 530 -1.11 38.74 -46.49
C THR B 530 -2.06 39.91 -46.34
N PRO B 531 -3.10 40.00 -47.16
CA PRO B 531 -3.97 41.19 -47.14
C PRO B 531 -4.60 41.49 -45.79
N CYS B 532 -4.61 40.55 -44.85
CA CYS B 532 -5.26 40.78 -43.56
C CYS B 532 -4.67 42.01 -42.89
N LEU B 533 -3.39 41.96 -42.53
CA LEU B 533 -2.63 43.10 -41.98
C LEU B 533 -3.50 43.80 -40.94
N SER B 534 -3.57 45.13 -40.92
CA SER B 534 -4.41 45.86 -40.00
C SER B 534 -4.03 45.59 -38.54
N LEU B 535 -4.94 44.97 -37.78
CA LEU B 535 -4.71 44.77 -36.35
C LEU B 535 -3.54 43.84 -36.05
N ALA B 536 -3.04 43.12 -37.05
CA ALA B 536 -1.87 42.27 -36.83
C ALA B 536 -0.66 43.09 -36.38
N SER B 537 -0.66 44.38 -36.63
CA SER B 537 0.41 45.25 -36.17
C SER B 537 0.49 45.35 -34.66
N ARG B 538 -0.56 44.96 -33.94
CA ARG B 538 -0.55 45.08 -32.48
C ARG B 538 0.57 44.24 -31.88
N GLY B 539 0.76 43.03 -32.37
CA GLY B 539 1.81 42.14 -31.90
C GLY B 539 1.25 40.94 -31.18
N PHE B 540 2.15 40.00 -30.90
CA PHE B 540 1.82 38.74 -30.24
C PHE B 540 2.66 38.61 -28.99
N SER B 541 2.04 38.10 -27.92
CA SER B 541 2.72 38.04 -26.62
C SER B 541 2.61 36.66 -25.97
N THR B 542 1.59 35.89 -26.34
CA THR B 542 1.31 34.61 -25.69
C THR B 542 1.13 33.52 -26.74
N LYS B 543 1.15 32.28 -26.28
CA LYS B 543 0.91 31.15 -27.16
C LYS B 543 -0.51 31.21 -27.70
N TYR B 544 -0.64 31.04 -29.01
CA TYR B 544 -1.95 31.09 -29.67
C TYR B 544 -2.68 32.38 -29.34
N GLN B 545 -1.92 33.47 -29.16
CA GLN B 545 -2.51 34.76 -28.88
C GLN B 545 -3.43 35.15 -30.03
N SER B 546 -4.61 35.66 -29.69
CA SER B 546 -5.61 36.02 -30.68
C SER B 546 -6.28 37.33 -30.28
N HIS B 547 -6.68 38.10 -31.29
CA HIS B 547 -7.42 39.32 -31.08
C HIS B 547 -8.16 39.66 -32.37
N SER B 548 -9.32 40.30 -32.22
CA SER B 548 -10.16 40.65 -33.34
C SER B 548 -10.55 42.12 -33.24
N ASP B 549 -10.68 42.77 -34.40
CA ASP B 549 -11.09 44.16 -34.49
C ASP B 549 -12.07 44.31 -35.65
N GLY B 550 -13.09 45.14 -35.44
CA GLY B 550 -14.16 45.25 -36.42
C GLY B 550 -14.82 43.91 -36.62
N GLU B 551 -14.57 43.28 -37.77
CA GLU B 551 -14.99 41.90 -37.99
C GLU B 551 -13.85 41.05 -38.57
N LEU B 552 -12.61 41.50 -38.41
CA LEU B 552 -11.43 40.74 -38.77
C LEU B 552 -10.81 40.19 -37.50
N THR B 553 -10.50 38.89 -37.50
CA THR B 553 -9.90 38.22 -36.36
C THR B 553 -8.58 37.59 -36.77
N THR B 554 -7.57 37.72 -35.91
CA THR B 554 -6.22 37.26 -36.22
C THR B 554 -5.67 36.47 -35.04
N THR B 555 -4.89 35.44 -35.34
CA THR B 555 -4.18 34.66 -34.33
C THR B 555 -2.96 34.03 -34.97
N GLY B 556 -1.85 34.00 -34.21
CA GLY B 556 -0.60 33.51 -34.73
C GLY B 556 0.14 32.67 -33.70
N TYR B 557 1.31 32.19 -34.10
CA TYR B 557 2.12 31.30 -33.29
C TYR B 557 3.48 31.94 -33.07
N ILE B 558 3.99 31.86 -31.84
CA ILE B 558 5.26 32.44 -31.45
C ILE B 558 6.26 31.32 -31.21
N TYR B 559 7.39 31.37 -31.91
CA TYR B 559 8.42 30.35 -31.82
C TYR B 559 9.66 30.91 -31.16
N PRO B 560 9.96 30.55 -29.91
CA PRO B 560 11.19 31.04 -29.28
C PRO B 560 12.43 30.63 -30.08
N VAL B 561 13.42 31.52 -30.08
CA VAL B 561 14.64 31.34 -30.86
C VAL B 561 15.75 30.88 -29.91
N THR B 562 16.47 29.83 -30.32
CA THR B 562 17.58 29.30 -29.56
C THR B 562 18.81 29.21 -30.45
N GLY B 563 19.97 29.62 -29.92
CA GLY B 563 21.18 29.57 -30.69
C GLY B 563 21.20 30.63 -31.78
N ASN B 564 22.05 30.39 -32.78
CA ASN B 564 22.17 31.31 -33.89
C ASN B 564 20.92 31.28 -34.76
N LEU B 565 20.60 32.43 -35.36
CA LEU B 565 19.43 32.55 -36.20
C LEU B 565 19.74 32.07 -37.62
N GLN B 566 18.68 31.96 -38.42
CA GLN B 566 18.80 31.56 -39.82
C GLN B 566 17.98 32.51 -40.68
N MET B 567 18.38 32.64 -41.94
CA MET B 567 17.76 33.57 -42.87
C MET B 567 17.45 32.88 -44.18
N ALA B 568 16.40 33.35 -44.84
CA ALA B 568 15.99 32.85 -46.15
C ALA B 568 16.02 34.00 -47.14
N PHE B 569 16.64 33.78 -48.29
CA PHE B 569 16.78 34.79 -49.33
C PHE B 569 16.01 34.38 -50.57
N ILE B 570 15.28 35.33 -51.15
CA ILE B 570 14.54 35.12 -52.39
C ILE B 570 15.04 36.13 -53.42
N ILE B 571 15.36 35.62 -54.61
CA ILE B 571 15.85 36.45 -55.71
C ILE B 571 14.96 36.16 -56.91
N SER B 572 13.89 36.93 -57.07
CA SER B 572 12.99 36.79 -58.20
C SER B 572 13.44 37.75 -59.29
N VAL B 573 13.39 37.29 -60.54
CA VAL B 573 14.02 37.98 -61.66
C VAL B 573 12.97 38.49 -62.62
N GLN B 574 13.26 39.62 -63.25
CA GLN B 574 12.46 40.16 -64.34
C GLN B 574 13.36 40.36 -65.55
N TYR B 575 12.92 39.84 -66.70
CA TYR B 575 13.73 39.86 -67.90
C TYR B 575 13.54 41.17 -68.66
N GLY B 576 14.33 41.34 -69.72
CA GLY B 576 14.22 42.49 -70.58
C GLY B 576 15.14 43.63 -70.18
N THR B 577 15.89 44.16 -71.15
CA THR B 577 16.80 45.27 -70.90
C THR B 577 16.04 46.58 -70.94
N ASP B 578 16.26 47.43 -69.93
CA ASP B 578 15.58 48.71 -69.83
C ASP B 578 16.39 49.59 -68.89
N THR B 579 15.86 50.78 -68.59
CA THR B 579 16.54 51.69 -67.66
C THR B 579 16.65 51.10 -66.26
N ASN B 580 15.60 50.43 -65.80
CA ASN B 580 15.61 49.77 -64.49
C ASN B 580 16.60 48.62 -64.43
N SER B 581 17.12 48.17 -65.56
CA SER B 581 17.89 46.93 -65.61
C SER B 581 19.13 47.01 -64.74
N VAL B 582 19.43 45.89 -64.07
CA VAL B 582 20.62 45.74 -63.24
C VAL B 582 21.70 45.09 -64.09
N CYS B 583 22.83 45.79 -64.27
CA CYS B 583 23.85 45.30 -65.19
C CYS B 583 24.99 44.62 -64.42
N PRO B 584 25.64 43.64 -65.02
CA PRO B 584 26.78 42.98 -64.37
C PRO B 584 28.09 43.69 -64.69
N MET B 585 29.18 43.10 -64.18
CA MET B 585 30.53 43.54 -64.51
C MET B 585 31.54 42.48 -64.09
N TYR C 19 44.99 -40.23 37.21
CA TYR C 19 45.62 -38.96 36.75
C TYR C 19 44.65 -38.14 35.90
N THR C 20 43.36 -38.42 36.05
CA THR C 20 42.32 -37.70 35.32
C THR C 20 41.45 -36.86 36.27
N THR C 21 40.84 -37.48 37.28
CA THR C 21 40.06 -36.73 38.25
C THR C 21 39.00 -35.90 37.54
N GLU C 22 39.11 -34.56 37.59
CA GLU C 22 38.28 -33.71 36.76
C GLU C 22 39.06 -32.59 36.07
N GLU C 23 40.39 -32.57 36.19
CA GLU C 23 41.17 -31.56 35.47
C GLU C 23 40.97 -31.64 33.97
N GLU C 24 40.55 -32.80 33.45
CA GLU C 24 40.20 -32.87 32.03
C GLU C 24 39.04 -31.94 31.71
N ALA C 25 38.07 -31.85 32.61
CA ALA C 25 36.99 -30.89 32.44
C ALA C 25 37.52 -29.47 32.46
N ARG C 26 38.51 -29.19 33.32
CA ARG C 26 39.12 -27.86 33.34
C ARG C 26 39.77 -27.55 32.00
N ARG C 27 40.49 -28.52 31.45
CA ARG C 27 41.13 -28.32 30.14
C ARG C 27 40.07 -28.09 29.05
N PHE C 28 38.98 -28.84 29.10
CA PHE C 28 37.92 -28.66 28.13
C PHE C 28 37.32 -27.26 28.23
N LEU C 29 37.06 -26.81 29.46
CA LEU C 29 36.48 -25.49 29.65
C LEU C 29 37.44 -24.39 29.21
N VAL C 30 38.74 -24.61 29.39
CA VAL C 30 39.72 -23.66 28.87
C VAL C 30 39.65 -23.62 27.35
N LYS C 31 39.67 -24.79 26.71
CA LYS C 31 39.61 -24.84 25.25
C LYS C 31 38.31 -24.26 24.72
N PHE C 32 37.28 -24.22 25.57
CA PHE C 32 36.01 -23.60 25.17
C PHE C 32 36.08 -22.09 25.30
N ASN C 33 36.34 -21.61 26.52
CA ASN C 33 36.29 -20.17 26.78
C ASN C 33 37.33 -19.42 25.96
N HIS C 34 38.51 -19.99 25.77
CA HIS C 34 39.55 -19.27 25.05
C HIS C 34 39.21 -19.10 23.57
N GLU C 35 38.25 -19.88 23.05
CA GLU C 35 37.90 -19.85 21.64
C GLU C 35 36.45 -19.47 21.36
N ALA C 36 35.55 -19.59 22.33
CA ALA C 36 34.14 -19.33 22.07
C ALA C 36 33.88 -17.87 21.73
N GLU C 37 34.84 -16.98 21.97
CA GLU C 37 34.68 -15.56 21.70
C GLU C 37 35.16 -15.27 20.28
N ASN C 38 35.15 -13.99 19.91
CA ASN C 38 35.66 -13.54 18.62
C ASN C 38 34.80 -14.04 17.46
N LEU C 39 33.69 -14.71 17.78
CA LEU C 39 32.66 -14.96 16.77
C LEU C 39 31.38 -14.22 17.14
N SER C 40 31.03 -14.25 18.43
CA SER C 40 29.88 -13.50 18.91
C SER C 40 30.02 -12.02 18.60
N HIS C 41 31.24 -11.48 18.78
CA HIS C 41 31.46 -10.06 18.50
C HIS C 41 31.09 -9.73 17.06
N GLU C 42 31.59 -10.51 16.09
CA GLU C 42 31.34 -10.21 14.69
C GLU C 42 29.88 -10.42 14.33
N SER C 43 29.28 -11.51 14.83
CA SER C 43 27.88 -11.77 14.53
C SER C 43 26.99 -10.64 15.06
N ALA C 44 27.24 -10.21 16.30
CA ALA C 44 26.46 -9.13 16.88
C ALA C 44 26.74 -7.81 16.19
N LEU C 45 27.96 -7.58 15.71
CA LEU C 45 28.23 -6.39 14.93
C LEU C 45 27.41 -6.40 13.64
N ALA C 46 27.31 -7.57 13.00
CA ALA C 46 26.47 -7.68 11.81
C ALA C 46 25.01 -7.38 12.14
N SER C 47 24.52 -7.91 13.26
CA SER C 47 23.15 -7.64 13.66
C SER C 47 22.93 -6.15 13.92
N TRP C 48 23.88 -5.51 14.60
CA TRP C 48 23.86 -4.06 14.76
C TRP C 48 23.84 -3.33 13.43
N ASP C 49 24.68 -3.74 12.48
CA ASP C 49 24.72 -3.06 11.20
C ASP C 49 23.38 -3.20 10.48
N TYR C 50 22.78 -4.38 10.53
CA TYR C 50 21.46 -4.55 9.93
C TYR C 50 20.42 -3.68 10.63
N ASN C 51 20.44 -3.64 11.96
CA ASN C 51 19.45 -2.87 12.70
C ASN C 51 19.59 -1.39 12.41
N THR C 52 20.80 -0.92 12.14
CA THR C 52 21.04 0.48 11.80
C THR C 52 20.94 0.72 10.30
N ASN C 53 21.47 -0.19 9.48
CA ASN C 53 21.40 -0.09 8.03
C ASN C 53 20.54 -1.24 7.52
N ILE C 54 19.48 -0.92 6.78
CA ILE C 54 18.55 -1.91 6.27
C ILE C 54 18.94 -2.19 4.82
N THR C 55 19.61 -3.31 4.60
CA THR C 55 20.06 -3.71 3.28
C THR C 55 20.10 -5.23 3.18
N ASP C 56 20.07 -5.72 1.95
CA ASP C 56 20.10 -7.17 1.73
C ASP C 56 21.48 -7.76 2.00
N GLU C 57 22.54 -7.00 1.69
CA GLU C 57 23.88 -7.49 1.99
C GLU C 57 24.05 -7.74 3.48
N ASN C 58 23.51 -6.84 4.31
CA ASN C 58 23.53 -7.07 5.74
C ASN C 58 22.75 -8.32 6.12
N ALA C 59 21.65 -8.58 5.43
CA ALA C 59 20.87 -9.80 5.69
C ALA C 59 21.69 -11.04 5.40
N LYS C 60 22.37 -11.08 4.25
CA LYS C 60 23.18 -12.24 3.94
C LYS C 60 24.37 -12.35 4.89
N LYS C 61 24.89 -11.22 5.37
CA LYS C 61 25.93 -11.26 6.38
C LYS C 61 25.42 -11.92 7.66
N MET C 62 24.22 -11.53 8.10
CA MET C 62 23.65 -12.17 9.29
C MET C 62 23.48 -13.66 9.06
N ASN C 63 23.01 -14.04 7.88
CA ASN C 63 22.80 -15.46 7.59
C ASN C 63 24.11 -16.23 7.66
N GLU C 64 25.13 -15.75 6.93
CA GLU C 64 26.41 -16.43 6.88
C GLU C 64 27.15 -16.39 8.21
N ALA C 65 26.79 -15.49 9.12
CA ALA C 65 27.37 -15.51 10.45
C ALA C 65 26.64 -16.46 11.38
N ASP C 66 25.31 -16.36 11.43
CA ASP C 66 24.54 -17.18 12.37
C ASP C 66 24.58 -18.66 11.99
N ASN C 67 24.68 -18.98 10.70
CA ASN C 67 24.74 -20.38 10.32
C ASN C 67 25.96 -21.07 10.94
N LYS C 68 27.14 -20.47 10.82
CA LYS C 68 28.33 -21.05 11.42
C LYS C 68 28.36 -20.87 12.93
N TRP C 69 27.69 -19.84 13.45
CA TRP C 69 27.56 -19.71 14.90
C TRP C 69 26.79 -20.90 15.48
N SER C 70 25.66 -21.25 14.87
CA SER C 70 24.92 -22.43 15.29
C SER C 70 25.69 -23.71 14.98
N ASP C 71 26.48 -23.72 13.91
CA ASP C 71 27.36 -24.85 13.65
C ASP C 71 28.29 -25.10 14.83
N PHE C 72 28.94 -24.03 15.31
CA PHE C 72 29.82 -24.17 16.46
C PHE C 72 29.05 -24.61 17.70
N TYR C 73 27.88 -24.01 17.94
CA TYR C 73 27.07 -24.46 19.06
C TYR C 73 26.79 -25.95 19.00
N LYS C 74 26.33 -26.44 17.85
CA LYS C 74 25.88 -27.83 17.79
C LYS C 74 27.06 -28.79 17.81
N GLU C 75 28.19 -28.44 17.20
CA GLU C 75 29.36 -29.31 17.29
C GLU C 75 29.89 -29.36 18.71
N GLN C 76 29.89 -28.21 19.42
CA GLN C 76 30.27 -28.22 20.82
C GLN C 76 29.35 -29.11 21.63
N SER C 77 28.04 -29.00 21.39
CA SER C 77 27.10 -29.84 22.14
C SER C 77 27.35 -31.31 21.87
N LYS C 78 27.44 -31.69 20.59
CA LYS C 78 27.61 -33.10 20.25
C LYS C 78 28.93 -33.67 20.74
N ILE C 79 29.97 -32.84 20.86
CA ILE C 79 31.24 -33.34 21.39
C ILE C 79 31.28 -33.31 22.91
N ALA C 80 30.42 -32.53 23.55
CA ALA C 80 30.41 -32.41 25.01
C ALA C 80 29.44 -33.37 25.68
N GLN C 81 28.61 -34.07 24.92
CA GLN C 81 27.58 -34.92 25.54
C GLN C 81 28.19 -36.10 26.28
N GLY C 82 29.21 -36.74 25.70
CA GLY C 82 29.71 -37.98 26.24
C GLY C 82 30.28 -37.90 27.64
N PHE C 83 30.67 -36.71 28.07
CA PHE C 83 31.35 -36.58 29.36
C PHE C 83 30.37 -36.89 30.49
N PRO C 84 30.80 -37.64 31.52
CA PRO C 84 29.90 -37.96 32.62
C PRO C 84 29.62 -36.75 33.50
N LEU C 85 28.54 -36.86 34.28
CA LEU C 85 28.08 -35.78 35.15
C LEU C 85 28.20 -36.10 36.63
N GLN C 86 27.84 -37.32 37.05
CA GLN C 86 27.81 -37.64 38.48
C GLN C 86 29.20 -37.56 39.11
N GLU C 87 30.27 -37.61 38.32
CA GLU C 87 31.62 -37.56 38.84
C GLU C 87 32.09 -36.14 39.14
N ILE C 88 31.27 -35.13 38.87
CA ILE C 88 31.64 -33.74 39.10
C ILE C 88 31.26 -33.38 40.53
N LYS C 89 32.19 -32.78 41.26
CA LYS C 89 31.97 -32.36 42.64
C LYS C 89 31.90 -30.85 42.80
N ASP C 90 32.70 -30.10 42.06
CA ASP C 90 32.70 -28.65 42.19
C ASP C 90 31.44 -28.07 41.56
N PRO C 91 30.61 -27.34 42.32
CA PRO C 91 29.38 -26.83 41.72
C PRO C 91 29.61 -25.85 40.58
N ILE C 92 30.71 -25.10 40.61
CA ILE C 92 30.94 -24.07 39.60
C ILE C 92 31.05 -24.70 38.22
N ILE C 93 31.90 -25.71 38.08
CA ILE C 93 32.04 -26.39 36.80
C ILE C 93 30.80 -27.23 36.49
N LYS C 94 30.17 -27.78 37.54
CA LYS C 94 28.98 -28.61 37.31
C LYS C 94 27.87 -27.78 36.68
N LEU C 95 27.70 -26.53 37.10
CA LEU C 95 26.67 -25.68 36.51
C LEU C 95 26.90 -25.51 35.01
N GLN C 96 28.13 -25.19 34.62
CA GLN C 96 28.44 -25.00 33.21
C GLN C 96 28.23 -26.30 32.43
N LEU C 97 28.68 -27.42 32.98
CA LEU C 97 28.51 -28.69 32.28
C LEU C 97 27.05 -29.03 32.09
N GLN C 98 26.23 -28.83 33.14
CA GLN C 98 24.81 -29.11 33.03
C GLN C 98 24.15 -28.20 32.01
N ILE C 99 24.53 -26.91 31.99
CA ILE C 99 23.96 -25.99 31.02
C ILE C 99 24.32 -26.42 29.61
N LEU C 100 25.58 -26.82 29.39
CA LEU C 100 26.02 -27.18 28.05
C LEU C 100 25.43 -28.51 27.61
N GLN C 101 25.35 -29.48 28.52
CA GLN C 101 24.93 -30.84 28.17
C GLN C 101 23.41 -30.93 28.27
N GLN C 102 22.76 -31.13 27.13
CA GLN C 102 21.32 -31.28 27.08
C GLN C 102 20.92 -31.70 25.66
N ASN C 103 19.88 -32.53 25.58
CA ASN C 103 19.39 -33.02 24.29
C ASN C 103 18.22 -32.20 23.79
N GLY C 104 17.18 -32.05 24.61
CA GLY C 104 16.04 -31.24 24.22
C GLY C 104 15.35 -31.79 22.99
N SER C 105 15.03 -30.90 22.05
CA SER C 105 14.31 -31.29 20.84
C SER C 105 15.11 -32.23 19.95
N SER C 106 16.41 -32.36 20.19
CA SER C 106 17.23 -33.25 19.38
C SER C 106 16.76 -34.70 19.43
N VAL C 107 15.99 -35.07 20.47
CA VAL C 107 15.50 -36.44 20.58
C VAL C 107 14.27 -36.71 19.75
N LEU C 108 13.83 -35.75 18.94
CA LEU C 108 12.65 -35.89 18.10
C LEU C 108 13.03 -36.25 16.67
N THR C 109 12.07 -36.82 15.96
CA THR C 109 12.28 -37.16 14.56
C THR C 109 12.23 -35.92 13.69
N ALA C 110 12.86 -36.01 12.52
CA ALA C 110 12.91 -34.86 11.61
C ALA C 110 11.50 -34.45 11.18
N GLU C 111 10.64 -35.43 10.89
CA GLU C 111 9.29 -35.09 10.44
C GLU C 111 8.55 -34.27 11.49
N LYS C 112 8.60 -34.71 12.75
CA LYS C 112 7.89 -33.98 13.80
C LYS C 112 8.51 -32.61 14.02
N ARG C 113 9.84 -32.51 13.94
CA ARG C 113 10.49 -31.22 14.11
C ARG C 113 10.06 -30.24 13.03
N LYS C 114 10.04 -30.68 11.77
CA LYS C 114 9.61 -29.79 10.70
C LYS C 114 8.13 -29.45 10.84
N ARG C 115 7.31 -30.40 11.27
CA ARG C 115 5.90 -30.10 11.50
C ARG C 115 5.74 -29.03 12.56
N LEU C 116 6.50 -29.15 13.65
CA LEU C 116 6.43 -28.15 14.72
C LEU C 116 6.86 -26.78 14.21
N SER C 117 7.96 -26.72 13.47
CA SER C 117 8.41 -25.43 12.94
C SER C 117 7.36 -24.84 12.00
N THR C 118 6.80 -25.65 11.12
CA THR C 118 5.81 -25.17 10.17
C THR C 118 4.58 -24.64 10.88
N ILE C 119 4.10 -25.36 11.89
CA ILE C 119 2.89 -24.92 12.59
C ILE C 119 3.15 -23.66 13.38
N LEU C 120 4.34 -23.53 13.98
CA LEU C 120 4.66 -22.29 14.68
C LEU C 120 4.69 -21.11 13.73
N THR C 121 5.32 -21.29 12.56
CA THR C 121 5.34 -20.22 11.57
C THR C 121 3.93 -19.88 11.12
N THR C 122 3.09 -20.89 10.91
CA THR C 122 1.72 -20.65 10.49
C THR C 122 0.96 -19.85 11.54
N MET C 123 1.13 -20.20 12.82
CA MET C 123 0.45 -19.48 13.88
C MET C 123 0.91 -18.02 13.92
N SER C 124 2.22 -17.79 13.82
CA SER C 124 2.73 -16.42 13.82
C SER C 124 2.14 -15.63 12.65
N THR C 125 2.17 -16.23 11.46
CA THR C 125 1.67 -15.53 10.27
C THR C 125 0.18 -15.21 10.42
N ILE C 126 -0.62 -16.17 10.86
CA ILE C 126 -2.06 -15.93 10.97
C ILE C 126 -2.34 -14.87 12.02
N TYR C 127 -1.58 -14.85 13.11
CA TYR C 127 -1.78 -13.79 14.09
C TYR C 127 -1.43 -12.42 13.52
N SER C 128 -0.34 -12.35 12.74
CA SER C 128 0.14 -11.05 12.29
C SER C 128 -0.76 -10.39 11.25
N THR C 129 -1.71 -11.11 10.66
CA THR C 129 -2.50 -10.61 9.53
C THR C 129 -3.99 -10.74 9.81
N GLY C 130 -4.41 -10.31 10.99
CA GLY C 130 -5.82 -10.30 11.31
C GLY C 130 -6.58 -9.21 10.57
N LYS C 131 -7.90 -9.28 10.62
CA LYS C 131 -8.74 -8.27 9.99
C LYS C 131 -10.18 -8.45 10.45
N VAL C 132 -10.84 -7.34 10.76
CA VAL C 132 -12.24 -7.33 11.13
C VAL C 132 -12.86 -6.04 10.60
N CYS C 133 -14.15 -6.08 10.29
CA CYS C 133 -14.82 -4.90 9.77
C CYS C 133 -16.33 -5.14 9.69
N ASN C 134 -17.08 -4.01 9.65
CA ASN C 134 -18.51 -3.99 9.91
C ASN C 134 -19.33 -4.33 8.68
N PRO C 135 -20.51 -4.91 8.88
CA PRO C 135 -21.43 -5.11 7.75
C PRO C 135 -21.88 -3.82 7.10
N ASN C 136 -21.90 -2.71 7.84
CA ASN C 136 -22.42 -1.45 7.29
C ASN C 136 -21.58 -0.97 6.12
N ASN C 137 -20.25 -1.05 6.24
CA ASN C 137 -19.32 -0.56 5.22
C ASN C 137 -18.26 -1.62 4.97
N PRO C 138 -18.66 -2.76 4.37
CA PRO C 138 -17.71 -3.88 4.26
C PRO C 138 -16.48 -3.59 3.43
N GLN C 139 -16.51 -2.58 2.56
CA GLN C 139 -15.39 -2.33 1.67
C GLN C 139 -14.15 -1.84 2.39
N GLN C 140 -14.27 -1.39 3.64
CA GLN C 140 -13.14 -0.92 4.43
C GLN C 140 -12.98 -1.84 5.63
N CYS C 141 -11.74 -2.29 5.88
CA CYS C 141 -11.46 -3.15 7.01
C CYS C 141 -10.12 -2.78 7.60
N PHE C 142 -9.94 -3.12 8.88
CA PHE C 142 -8.79 -2.69 9.66
C PHE C 142 -7.91 -3.89 10.03
N THR C 143 -6.63 -3.60 10.27
CA THR C 143 -5.72 -4.55 10.88
C THR C 143 -5.56 -4.21 12.36
N LEU C 144 -4.76 -5.02 13.05
CA LEU C 144 -4.64 -4.87 14.50
C LEU C 144 -4.09 -3.50 14.88
N SER C 145 -3.21 -2.93 14.05
CA SER C 145 -2.53 -1.69 14.42
C SER C 145 -3.53 -0.58 14.71
N GLY C 146 -4.43 -0.31 13.76
CA GLY C 146 -5.47 0.68 14.00
C GLY C 146 -6.61 0.19 14.87
N LEU C 147 -6.82 -1.12 14.91
CA LEU C 147 -7.88 -1.66 15.75
C LEU C 147 -7.61 -1.38 17.21
N GLU C 148 -6.35 -1.54 17.64
CA GLU C 148 -6.00 -1.24 19.01
C GLU C 148 -6.21 0.23 19.33
N ASP C 149 -5.86 1.11 18.40
CA ASP C 149 -6.12 2.54 18.59
C ASP C 149 -7.61 2.81 18.75
N ILE C 150 -8.44 2.19 17.91
CA ILE C 150 -9.88 2.37 18.03
C ILE C 150 -10.37 1.91 19.39
N MET C 151 -9.89 0.75 19.85
CA MET C 151 -10.27 0.26 21.17
C MET C 151 -9.84 1.24 22.26
N GLU C 152 -8.63 1.79 22.14
CA GLU C 152 -8.12 2.70 23.15
C GLU C 152 -8.93 3.98 23.22
N LYS C 153 -9.34 4.51 22.07
CA LYS C 153 -9.98 5.83 22.04
C LYS C 153 -11.51 5.75 22.10
N SER C 154 -12.11 4.76 21.45
CA SER C 154 -13.55 4.70 21.36
C SER C 154 -14.18 4.57 22.74
N LYS C 155 -15.32 5.24 22.92
CA LYS C 155 -16.03 5.25 24.21
C LYS C 155 -17.48 4.84 24.03
N ASP C 156 -17.76 3.97 23.06
CA ASP C 156 -19.12 3.49 22.80
C ASP C 156 -19.24 2.05 23.26
N TYR C 157 -20.21 1.78 24.13
CA TYR C 157 -20.47 0.42 24.57
C TYR C 157 -20.74 -0.50 23.38
N HIS C 158 -21.66 -0.09 22.51
CA HIS C 158 -22.02 -0.92 21.36
C HIS C 158 -20.80 -1.20 20.49
N GLU C 159 -20.10 -0.15 20.08
CA GLU C 159 -18.99 -0.32 19.15
C GLU C 159 -17.87 -1.15 19.74
N ARG C 160 -17.51 -0.88 21.00
CA ARG C 160 -16.42 -1.61 21.62
C ARG C 160 -16.77 -3.09 21.78
N LEU C 161 -17.98 -3.39 22.28
CA LEU C 161 -18.39 -4.77 22.42
C LEU C 161 -18.38 -5.47 21.06
N TRP C 162 -18.92 -4.80 20.04
CA TRP C 162 -18.90 -5.34 18.70
C TRP C 162 -17.50 -5.72 18.24
N VAL C 163 -16.56 -4.77 18.34
CA VAL C 163 -15.23 -5.00 17.80
C VAL C 163 -14.54 -6.12 18.55
N TRP C 164 -14.68 -6.14 19.88
CA TRP C 164 -14.06 -7.21 20.65
C TRP C 164 -14.61 -8.57 20.21
N GLU C 165 -15.94 -8.67 20.09
CA GLU C 165 -16.53 -9.95 19.68
C GLU C 165 -16.05 -10.35 18.30
N GLY C 166 -16.00 -9.39 17.37
CA GLY C 166 -15.58 -9.72 16.02
C GLY C 166 -14.16 -10.25 15.96
N TRP C 167 -13.23 -9.55 16.62
CA TRP C 167 -11.85 -10.02 16.63
C TRP C 167 -11.75 -11.39 17.25
N ARG C 168 -12.43 -11.59 18.40
CA ARG C 168 -12.35 -12.88 19.07
C ARG C 168 -12.82 -13.99 18.15
N SER C 169 -13.99 -13.82 17.53
CA SER C 169 -14.51 -14.86 16.66
C SER C 169 -13.56 -15.13 15.51
N GLU C 170 -13.16 -14.07 14.79
CA GLU C 170 -12.35 -14.27 13.60
C GLU C 170 -11.04 -14.99 13.92
N VAL C 171 -10.33 -14.53 14.95
CA VAL C 171 -9.04 -15.15 15.25
C VAL C 171 -9.22 -16.55 15.81
N GLY C 172 -10.20 -16.75 16.71
CA GLY C 172 -10.35 -18.05 17.33
C GLY C 172 -10.73 -19.14 16.36
N LYS C 173 -11.64 -18.84 15.43
CA LYS C 173 -12.16 -19.90 14.57
C LYS C 173 -11.07 -20.59 13.75
N GLN C 174 -9.91 -19.96 13.56
CA GLN C 174 -8.85 -20.51 12.74
C GLN C 174 -7.64 -20.97 13.55
N LEU C 175 -7.81 -21.21 14.85
CA LEU C 175 -6.68 -21.52 15.72
C LEU C 175 -6.91 -22.75 16.59
N ARG C 176 -8.03 -23.45 16.44
CA ARG C 176 -8.30 -24.57 17.33
C ARG C 176 -7.43 -25.79 16.99
N PRO C 177 -7.57 -26.37 15.79
CA PRO C 177 -6.82 -27.60 15.51
C PRO C 177 -5.32 -27.41 15.56
N LEU C 178 -4.81 -26.29 15.08
CA LEU C 178 -3.38 -26.05 15.13
C LEU C 178 -2.88 -26.03 16.56
N TYR C 179 -3.60 -25.35 17.45
CA TYR C 179 -3.18 -25.30 18.84
C TYR C 179 -3.28 -26.67 19.49
N GLU C 180 -4.32 -27.44 19.16
CA GLU C 180 -4.40 -28.80 19.68
C GLU C 180 -3.19 -29.61 19.29
N GLU C 181 -2.82 -29.57 18.00
CA GLU C 181 -1.65 -30.30 17.55
C GLU C 181 -0.39 -29.82 18.25
N TYR C 182 -0.26 -28.51 18.41
CA TYR C 182 0.93 -27.94 19.03
C TYR C 182 1.07 -28.44 20.46
N VAL C 183 -0.02 -28.41 21.23
CA VAL C 183 0.04 -28.85 22.62
C VAL C 183 0.33 -30.35 22.69
N GLU C 184 -0.30 -31.13 21.81
CA GLU C 184 -0.04 -32.57 21.82
C GLU C 184 1.44 -32.86 21.57
N LEU C 185 2.01 -32.22 20.54
CA LEU C 185 3.41 -32.47 20.21
C LEU C 185 4.34 -31.99 21.32
N LYS C 186 4.03 -30.83 21.91
CA LYS C 186 4.88 -30.33 22.99
C LYS C 186 4.85 -31.27 24.18
N ASN C 187 3.67 -31.77 24.55
CA ASN C 187 3.58 -32.70 25.66
C ASN C 187 4.35 -33.98 25.34
N GLU C 188 4.22 -34.48 24.11
CA GLU C 188 4.94 -35.70 23.74
C GLU C 188 6.45 -35.51 23.85
N MET C 189 6.97 -34.42 23.28
CA MET C 189 8.42 -34.20 23.30
C MET C 189 8.91 -34.00 24.73
N ALA C 190 8.16 -33.24 25.55
CA ALA C 190 8.56 -33.06 26.93
C ALA C 190 8.59 -34.40 27.67
N ARG C 191 7.58 -35.25 27.44
CA ARG C 191 7.59 -36.58 28.05
C ARG C 191 8.79 -37.38 27.58
N GLY C 192 9.19 -37.22 26.32
CA GLY C 192 10.33 -37.93 25.79
C GLY C 192 11.68 -37.41 26.26
N ASN C 193 11.69 -36.28 26.98
CA ASN C 193 12.94 -35.67 27.46
C ASN C 193 13.14 -35.90 28.95
N ASN C 194 12.60 -36.99 29.49
CA ASN C 194 12.79 -37.33 30.90
C ASN C 194 12.14 -36.31 31.83
N TYR C 195 11.06 -35.68 31.38
CA TYR C 195 10.28 -34.76 32.19
C TYR C 195 8.82 -35.18 32.16
N LYS C 196 8.15 -35.08 33.31
CA LYS C 196 6.77 -35.53 33.41
C LYS C 196 5.86 -34.72 32.49
N ASP C 197 6.04 -33.41 32.44
CA ASP C 197 5.19 -32.55 31.61
C ASP C 197 5.95 -31.30 31.23
N TYR C 198 5.47 -30.66 30.16
CA TYR C 198 6.08 -29.41 29.70
C TYR C 198 6.07 -28.36 30.80
N GLY C 199 5.05 -28.37 31.66
CA GLY C 199 5.05 -27.45 32.79
C GLY C 199 6.28 -27.62 33.66
N ASP C 200 6.69 -28.86 33.89
CA ASP C 200 7.93 -29.09 34.64
C ASP C 200 9.12 -28.49 33.90
N TYR C 201 9.16 -28.67 32.57
CA TYR C 201 10.28 -28.13 31.80
C TYR C 201 10.37 -26.62 31.94
N TRP C 202 9.23 -25.93 31.87
CA TRP C 202 9.25 -24.49 32.09
C TRP C 202 9.66 -24.16 33.52
N ARG C 203 9.21 -24.97 34.48
CA ARG C 203 9.57 -24.74 35.87
C ARG C 203 11.04 -25.00 36.14
N GLY C 204 11.77 -25.60 35.21
CA GLY C 204 13.16 -25.94 35.43
C GLY C 204 14.12 -24.77 35.43
N ASP C 205 13.64 -23.56 35.19
CA ASP C 205 14.49 -22.37 35.17
C ASP C 205 14.52 -21.64 36.51
N TYR C 206 13.41 -21.65 37.26
CA TYR C 206 13.40 -21.06 38.59
C TYR C 206 14.10 -21.95 39.61
N GLU C 207 14.25 -23.24 39.32
CA GLU C 207 14.80 -24.17 40.29
C GLU C 207 16.25 -23.84 40.61
N THR C 208 16.65 -24.14 41.84
CA THR C 208 18.03 -23.96 42.27
C THR C 208 18.29 -24.89 43.44
N GLU C 209 19.57 -25.25 43.61
CA GLU C 209 19.96 -26.14 44.69
C GLU C 209 20.02 -25.36 45.99
N GLY C 210 20.54 -25.98 47.05
CA GLY C 210 20.61 -25.36 48.36
C GLY C 210 22.02 -25.31 48.90
N GLU C 211 22.30 -24.27 49.68
CA GLU C 211 23.61 -24.07 50.29
C GLU C 211 23.63 -24.68 51.70
N LYS C 212 23.24 -25.95 51.77
CA LYS C 212 23.17 -26.75 52.99
C LYS C 212 22.10 -26.24 53.96
N GLY C 213 21.39 -25.17 53.63
CA GLY C 213 20.34 -24.66 54.49
C GLY C 213 19.18 -24.09 53.69
N TYR C 214 19.14 -24.40 52.39
CA TYR C 214 18.11 -23.92 51.49
C TYR C 214 17.45 -25.10 50.80
N ASN C 215 16.12 -25.04 50.68
CA ASN C 215 15.33 -26.15 50.12
C ASN C 215 14.33 -25.55 49.16
N TYR C 216 14.61 -25.65 47.86
CA TYR C 216 13.76 -25.04 46.83
C TYR C 216 13.57 -26.03 45.69
N SER C 217 12.43 -26.71 45.67
CA SER C 217 12.02 -27.58 44.58
C SER C 217 10.93 -26.89 43.76
N ARG C 218 10.71 -27.41 42.57
CA ARG C 218 9.74 -26.78 41.67
C ARG C 218 8.35 -26.74 42.28
N ASN C 219 7.94 -27.83 42.93
CA ASN C 219 6.58 -27.91 43.45
C ASN C 219 6.29 -26.80 44.46
N TYR C 220 7.29 -26.41 45.26
CA TYR C 220 7.05 -25.42 46.30
C TYR C 220 6.64 -24.07 45.71
N LEU C 221 6.98 -23.83 44.44
CA LEU C 221 6.69 -22.55 43.83
C LEU C 221 5.19 -22.28 43.76
N MET C 222 4.40 -23.30 43.45
CA MET C 222 2.96 -23.12 43.34
C MET C 222 2.37 -22.63 44.66
N GLU C 223 2.68 -23.31 45.77
CA GLU C 223 2.12 -22.87 47.03
C GLU C 223 2.69 -21.52 47.47
N ASP C 224 3.94 -21.22 47.12
CA ASP C 224 4.48 -19.90 47.44
C ASP C 224 3.67 -18.80 46.75
N VAL C 225 3.47 -18.94 45.43
CA VAL C 225 2.71 -17.91 44.72
C VAL C 225 1.28 -17.88 45.20
N ASP C 226 0.71 -19.04 45.54
CA ASP C 226 -0.66 -19.07 46.03
C ASP C 226 -0.79 -18.29 47.34
N ARG C 227 0.15 -18.50 48.26
CA ARG C 227 0.13 -17.75 49.52
C ARG C 227 0.28 -16.25 49.25
N ILE C 228 1.18 -15.88 48.33
CA ILE C 228 1.38 -14.47 48.04
C ILE C 228 0.09 -13.84 47.52
N PHE C 229 -0.57 -14.53 46.59
CA PHE C 229 -1.82 -13.99 46.04
C PHE C 229 -2.90 -13.92 47.11
N LEU C 230 -3.02 -14.95 47.94
CA LEU C 230 -4.01 -14.91 49.00
C LEU C 230 -3.79 -13.72 49.90
N GLU C 231 -2.53 -13.46 50.27
CA GLU C 231 -2.24 -12.28 51.09
C GLU C 231 -2.58 -10.99 50.37
N ILE C 232 -2.25 -10.88 49.09
CA ILE C 232 -2.46 -9.61 48.39
C ILE C 232 -3.92 -9.34 48.07
N LYS C 233 -4.78 -10.37 48.15
CA LYS C 233 -6.17 -10.21 47.67
C LYS C 233 -6.89 -8.98 48.22
N PRO C 234 -6.88 -8.69 49.52
CA PRO C 234 -7.81 -7.66 50.04
C PRO C 234 -7.64 -6.30 49.40
N LEU C 235 -6.40 -5.88 49.13
CA LEU C 235 -6.19 -4.58 48.50
C LEU C 235 -6.83 -4.55 47.12
N TYR C 236 -6.63 -5.61 46.34
CA TYR C 236 -7.27 -5.65 45.02
C TYR C 236 -8.78 -5.67 45.15
N GLU C 237 -9.31 -6.34 46.17
CA GLU C 237 -10.75 -6.35 46.36
C GLU C 237 -11.27 -4.94 46.58
N GLN C 238 -10.59 -4.17 47.44
CA GLN C 238 -11.03 -2.80 47.70
C GLN C 238 -10.93 -1.94 46.45
N LEU C 239 -9.82 -2.07 45.71
CA LEU C 239 -9.66 -1.29 44.48
C LEU C 239 -10.75 -1.65 43.48
N HIS C 240 -11.07 -2.95 43.38
CA HIS C 240 -12.13 -3.39 42.49
C HIS C 240 -13.46 -2.78 42.90
N ALA C 241 -13.73 -2.72 44.20
CA ALA C 241 -14.96 -2.09 44.67
C ALA C 241 -15.02 -0.64 44.20
N TYR C 242 -13.93 0.10 44.38
CA TYR C 242 -13.94 1.50 43.97
C TYR C 242 -14.13 1.64 42.47
N VAL C 243 -13.44 0.80 41.68
CA VAL C 243 -13.55 0.90 40.23
C VAL C 243 -14.96 0.58 39.77
N ARG C 244 -15.58 -0.44 40.34
CA ARG C 244 -16.96 -0.76 39.99
C ARG C 244 -17.88 0.40 40.34
N ALA C 245 -17.70 0.97 41.54
CA ALA C 245 -18.53 2.11 41.92
C ALA C 245 -18.39 3.25 40.95
N LYS C 246 -17.17 3.49 40.45
CA LYS C 246 -16.96 4.62 39.54
C LYS C 246 -17.47 4.35 38.13
N LEU C 247 -17.35 3.11 37.65
CA LEU C 247 -17.63 2.84 36.23
C LEU C 247 -19.07 3.13 35.86
N MET C 248 -20.02 2.97 36.79
CA MET C 248 -21.41 3.09 36.43
C MET C 248 -21.79 4.50 35.98
N LYS C 249 -20.93 5.50 36.22
CA LYS C 249 -21.21 6.84 35.73
C LYS C 249 -21.31 6.86 34.21
N ALA C 250 -20.39 6.19 33.53
CA ALA C 250 -20.31 6.30 32.08
C ALA C 250 -21.45 5.54 31.40
N TYR C 251 -21.74 4.32 31.85
CA TYR C 251 -22.68 3.43 31.18
C TYR C 251 -23.74 2.97 32.18
N PRO C 252 -24.82 3.74 32.34
CA PRO C 252 -25.87 3.33 33.27
C PRO C 252 -26.64 2.11 32.76
N SER C 253 -27.31 1.45 33.69
CA SER C 253 -28.16 0.31 33.38
C SER C 253 -27.38 -0.81 32.69
N HIS C 254 -26.12 -0.98 33.11
CA HIS C 254 -25.30 -2.07 32.60
C HIS C 254 -24.51 -2.81 33.66
N ILE C 255 -24.35 -2.27 34.86
CA ILE C 255 -23.48 -2.83 35.88
C ILE C 255 -24.33 -3.18 37.10
N SER C 256 -24.29 -4.44 37.49
CA SER C 256 -24.98 -4.84 38.71
C SER C 256 -24.24 -4.30 39.93
N PRO C 257 -24.96 -3.86 40.97
CA PRO C 257 -24.27 -3.36 42.17
C PRO C 257 -23.37 -4.41 42.81
N THR C 258 -23.72 -5.70 42.71
CA THR C 258 -22.93 -6.77 43.30
C THR C 258 -22.37 -7.73 42.26
N GLY C 259 -22.57 -7.44 40.97
CA GLY C 259 -22.10 -8.30 39.91
C GLY C 259 -20.69 -7.95 39.47
N CYS C 260 -20.24 -8.65 38.43
CA CYS C 260 -18.92 -8.43 37.86
C CYS C 260 -19.00 -7.32 36.81
N LEU C 261 -17.94 -7.16 36.02
CA LEU C 261 -17.87 -6.12 35.00
C LEU C 261 -17.79 -6.74 33.61
N PRO C 262 -18.31 -6.07 32.58
CA PRO C 262 -18.12 -6.57 31.22
C PRO C 262 -16.65 -6.57 30.82
N ALA C 263 -16.27 -7.58 30.04
CA ALA C 263 -14.87 -7.70 29.64
C ALA C 263 -14.44 -6.55 28.74
N HIS C 264 -15.28 -6.17 27.78
CA HIS C 264 -14.87 -5.16 26.81
C HIS C 264 -14.78 -3.76 27.40
N LEU C 265 -15.24 -3.56 28.63
CA LEU C 265 -15.24 -2.24 29.25
C LEU C 265 -13.97 -1.94 30.02
N LEU C 266 -12.99 -2.84 30.03
CA LEU C 266 -11.76 -2.62 30.76
C LEU C 266 -10.78 -1.71 30.01
N GLY C 267 -11.25 -0.97 29.02
CA GLY C 267 -10.43 0.02 28.37
C GLY C 267 -9.46 -0.54 27.35
N ASP C 268 -8.67 -1.53 27.76
CA ASP C 268 -7.65 -2.09 26.89
C ASP C 268 -8.20 -3.30 26.14
N MET C 269 -7.47 -3.72 25.10
CA MET C 269 -7.93 -4.81 24.24
C MET C 269 -8.27 -6.04 25.05
N TRP C 270 -7.37 -6.47 25.93
CA TRP C 270 -7.56 -7.69 26.71
C TRP C 270 -7.77 -7.43 28.20
N GLY C 271 -7.36 -6.29 28.71
CA GLY C 271 -7.37 -6.04 30.13
C GLY C 271 -6.04 -6.24 30.82
N ARG C 272 -4.96 -6.45 30.07
CA ARG C 272 -3.66 -6.65 30.67
C ARG C 272 -3.14 -5.41 31.38
N PHE C 273 -3.73 -4.25 31.10
CA PHE C 273 -3.43 -3.03 31.83
C PHE C 273 -4.72 -2.24 32.03
N TRP C 274 -4.78 -1.49 33.12
CA TRP C 274 -5.95 -0.69 33.45
C TRP C 274 -5.71 0.80 33.35
N THR C 275 -4.50 1.22 32.99
CA THR C 275 -4.12 2.63 33.12
C THR C 275 -5.08 3.55 32.37
N ASN C 276 -5.68 3.08 31.28
CA ASN C 276 -6.50 3.95 30.46
C ASN C 276 -7.78 4.39 31.16
N LEU C 277 -8.13 3.79 32.30
CA LEU C 277 -9.29 4.22 33.07
C LEU C 277 -8.99 5.40 33.98
N TYR C 278 -7.75 5.86 34.02
CA TYR C 278 -7.40 6.96 34.93
C TYR C 278 -8.26 8.18 34.65
N ASN C 279 -8.48 8.50 33.38
CA ASN C 279 -9.30 9.66 33.05
C ASN C 279 -10.66 9.59 33.71
N LEU C 280 -11.29 8.41 33.72
CA LEU C 280 -12.62 8.27 34.30
C LEU C 280 -12.59 8.17 35.82
N THR C 281 -11.51 7.66 36.41
CA THR C 281 -11.44 7.51 37.87
C THR C 281 -10.71 8.67 38.55
N VAL C 282 -10.48 9.77 37.84
CA VAL C 282 -9.84 10.92 38.48
C VAL C 282 -10.77 11.47 39.56
N PRO C 283 -10.30 11.66 40.79
CA PRO C 283 -11.21 12.19 41.83
C PRO C 283 -11.80 13.55 41.49
N LEU C 284 -11.02 14.42 40.85
CA LEU C 284 -11.48 15.77 40.53
C LEU C 284 -10.44 16.42 39.63
N GLU C 285 -10.91 17.34 38.78
CA GLU C 285 -10.06 18.06 37.85
C GLU C 285 -9.66 19.44 38.35
N LYS C 286 -10.04 19.80 39.58
CA LYS C 286 -9.74 21.15 40.07
C LYS C 286 -8.24 21.36 40.22
N GLU C 287 -7.52 20.34 40.68
CA GLU C 287 -6.09 20.49 40.98
C GLU C 287 -5.26 20.04 39.79
N PRO C 288 -4.53 20.94 39.13
CA PRO C 288 -3.65 20.49 38.04
C PRO C 288 -2.51 19.63 38.55
N ASN C 289 -2.04 18.73 37.70
CA ASN C 289 -0.96 17.83 38.04
C ASN C 289 0.39 18.50 37.73
N ILE C 290 1.47 17.73 37.85
CA ILE C 290 2.81 18.25 37.60
C ILE C 290 3.03 18.33 36.09
N ASP C 291 3.45 19.51 35.63
CA ASP C 291 3.71 19.72 34.20
C ASP C 291 4.84 20.73 34.07
N VAL C 292 6.07 20.24 33.91
CA VAL C 292 7.25 21.08 33.82
C VAL C 292 7.93 20.88 32.48
N THR C 293 7.14 20.54 31.46
CA THR C 293 7.71 20.44 30.11
C THR C 293 8.29 21.77 29.64
N ASP C 294 7.80 22.89 30.20
CA ASP C 294 8.16 24.19 29.66
C ASP C 294 9.66 24.47 29.79
N THR C 295 10.26 24.10 30.93
CA THR C 295 11.65 24.48 31.17
C THR C 295 12.58 23.92 30.10
N MET C 296 12.55 22.60 29.90
CA MET C 296 13.41 21.99 28.90
C MET C 296 12.89 22.17 27.48
N LYS C 297 11.61 22.48 27.31
CA LYS C 297 11.11 22.79 25.97
C LYS C 297 11.63 24.13 25.48
N LYS C 298 11.72 25.12 26.38
CA LYS C 298 12.25 26.42 26.03
C LYS C 298 13.77 26.45 26.05
N GLN C 299 14.41 25.68 26.95
CA GLN C 299 15.86 25.58 26.94
C GLN C 299 16.37 24.57 25.91
N SER C 300 15.53 23.60 25.53
CA SER C 300 15.87 22.62 24.50
C SER C 300 17.13 21.83 24.88
N TRP C 301 17.00 21.05 25.95
CA TRP C 301 18.07 20.14 26.34
C TRP C 301 18.42 19.23 25.18
N ASP C 302 19.70 19.19 24.83
CA ASP C 302 20.14 18.31 23.75
C ASP C 302 20.27 16.88 24.26
N ALA C 303 20.29 15.94 23.31
CA ALA C 303 20.36 14.53 23.68
C ALA C 303 21.59 14.21 24.52
N GLU C 304 22.69 14.90 24.29
CA GLU C 304 23.91 14.59 25.02
C GLU C 304 23.83 15.01 26.48
N LYS C 305 23.19 16.14 26.77
CA LYS C 305 23.19 16.65 28.13
C LYS C 305 22.36 15.78 29.06
N ILE C 306 21.24 15.23 28.57
CA ILE C 306 20.46 14.33 29.41
C ILE C 306 21.27 13.09 29.78
N PHE C 307 22.00 12.54 28.81
CA PHE C 307 22.85 11.39 29.10
C PHE C 307 23.94 11.76 30.10
N LYS C 308 24.54 12.94 29.93
CA LYS C 308 25.59 13.35 30.86
C LYS C 308 25.03 13.51 32.27
N GLU C 309 23.85 14.12 32.41
CA GLU C 309 23.23 14.28 33.71
C GLU C 309 22.90 12.94 34.33
N ALA C 310 22.39 12.00 33.54
CA ALA C 310 22.11 10.66 34.06
C ALA C 310 23.39 9.98 34.52
N GLU C 311 24.47 10.14 33.75
CA GLU C 311 25.76 9.59 34.17
C GLU C 311 26.20 10.20 35.48
N LYS C 312 26.04 11.51 35.64
CA LYS C 312 26.40 12.16 36.89
C LYS C 312 25.58 11.62 38.05
N PHE C 313 24.28 11.45 37.85
CA PHE C 313 23.44 10.87 38.89
C PHE C 313 23.91 9.48 39.27
N TYR C 314 24.15 8.62 38.28
CA TYR C 314 24.55 7.26 38.59
C TYR C 314 25.89 7.23 39.32
N SER C 315 26.83 8.07 38.90
CA SER C 315 28.12 8.13 39.56
C SER C 315 28.02 8.69 40.98
N SER C 316 27.02 9.54 41.25
CA SER C 316 26.92 10.15 42.56
C SER C 316 26.84 9.10 43.67
N VAL C 317 26.28 7.93 43.38
CA VAL C 317 26.20 6.88 44.38
C VAL C 317 27.50 6.09 44.52
N GLY C 318 28.45 6.29 43.62
CA GLY C 318 29.74 5.65 43.70
C GLY C 318 30.05 4.65 42.61
N LEU C 319 29.09 4.34 41.74
CA LEU C 319 29.35 3.38 40.68
C LEU C 319 30.36 3.94 39.69
N PRO C 320 31.20 3.09 39.10
CA PRO C 320 32.16 3.57 38.10
C PRO C 320 31.45 4.15 36.89
N ASN C 321 32.06 5.20 36.33
CA ASN C 321 31.49 5.84 35.15
C ASN C 321 31.83 5.03 33.90
N MET C 322 31.13 5.33 32.81
CA MET C 322 31.24 4.55 31.60
C MET C 322 32.58 4.79 30.91
N THR C 323 32.98 3.82 30.10
CA THR C 323 34.25 3.89 29.39
C THR C 323 34.25 5.10 28.46
N PRO C 324 35.31 5.91 28.44
CA PRO C 324 35.33 7.07 27.53
C PRO C 324 35.20 6.68 26.06
N GLY C 325 35.75 5.53 25.67
CA GLY C 325 35.64 5.10 24.29
C GLY C 325 34.21 4.91 23.82
N PHE C 326 33.28 4.74 24.76
CA PHE C 326 31.88 4.56 24.38
C PHE C 326 31.32 5.79 23.68
N TRP C 327 31.62 6.98 24.19
CA TRP C 327 30.87 8.16 23.81
C TRP C 327 30.89 8.43 22.32
N ARG C 328 31.91 7.94 21.60
CA ARG C 328 31.96 8.11 20.15
C ARG C 328 31.06 7.11 19.44
N ASP C 329 31.32 5.82 19.61
CA ASP C 329 30.55 4.77 18.96
C ASP C 329 29.24 4.58 19.72
N SER C 330 28.16 5.16 19.17
CA SER C 330 26.86 5.08 19.82
C SER C 330 25.79 5.39 18.77
N MET C 331 24.54 5.45 19.22
CA MET C 331 23.40 5.73 18.37
C MET C 331 22.46 6.69 19.08
N LEU C 332 23.04 7.74 19.69
CA LEU C 332 22.25 8.63 20.54
C LEU C 332 21.17 9.34 19.74
N THR C 333 21.51 9.82 18.54
CA THR C 333 20.64 10.69 17.78
C THR C 333 20.09 9.98 16.55
N GLU C 334 19.13 10.64 15.90
CA GLU C 334 18.54 10.10 14.67
C GLU C 334 19.56 10.16 13.54
N PRO C 335 19.74 9.07 12.78
CA PRO C 335 20.78 9.10 11.74
C PRO C 335 20.53 10.14 10.66
N SER C 336 19.27 10.47 10.39
CA SER C 336 18.91 11.47 9.37
C SER C 336 19.44 11.05 8.00
N ASP C 337 18.94 9.89 7.54
CA ASP C 337 19.30 9.38 6.23
C ASP C 337 18.21 8.40 5.79
N GLY C 338 18.39 7.83 4.60
CA GLY C 338 17.42 6.89 4.06
C GLY C 338 17.41 5.52 4.70
N ARG C 339 18.43 5.20 5.51
CA ARG C 339 18.50 3.91 6.19
C ARG C 339 17.54 3.95 7.37
N GLN C 340 16.31 3.53 7.12
CA GLN C 340 15.28 3.58 8.15
C GLN C 340 15.64 2.65 9.31
N VAL C 341 15.35 3.10 10.53
CA VAL C 341 15.62 2.35 11.75
C VAL C 341 14.39 2.39 12.64
N VAL C 342 14.34 1.46 13.58
CA VAL C 342 13.24 1.37 14.55
C VAL C 342 13.73 1.88 15.89
N CYS C 343 12.83 2.48 16.66
CA CYS C 343 13.19 3.27 17.84
C CYS C 343 12.99 2.50 19.14
N HIS C 344 12.92 1.17 19.10
CA HIS C 344 12.80 0.40 20.32
C HIS C 344 14.08 0.55 21.14
N PRO C 345 14.02 1.04 22.38
CA PRO C 345 15.24 1.17 23.18
C PRO C 345 15.84 -0.18 23.51
N THR C 346 17.13 -0.34 23.23
CA THR C 346 17.84 -1.58 23.50
C THR C 346 19.18 -1.26 24.14
N ALA C 347 19.65 -2.18 24.99
CA ALA C 347 20.94 -2.07 25.66
C ALA C 347 21.78 -3.26 25.24
N TRP C 348 22.47 -3.10 24.11
CA TRP C 348 23.27 -4.18 23.52
C TRP C 348 24.58 -4.35 24.29
N ASP C 349 24.91 -5.59 24.67
CA ASP C 349 26.16 -5.91 25.34
C ASP C 349 26.98 -6.80 24.41
N LEU C 350 27.84 -6.18 23.61
CA LEU C 350 28.62 -6.89 22.61
C LEU C 350 29.80 -7.64 23.21
N GLY C 351 30.13 -7.38 24.47
CA GLY C 351 31.27 -8.01 25.10
C GLY C 351 32.57 -7.29 24.77
N LYS C 352 33.64 -7.73 25.43
CA LYS C 352 34.96 -7.15 25.24
C LYS C 352 34.91 -5.64 25.46
N ASN C 353 34.17 -5.22 26.48
CA ASN C 353 34.01 -3.81 26.82
C ASN C 353 33.51 -3.00 25.63
N ASP C 354 32.58 -3.57 24.88
CA ASP C 354 31.92 -2.89 23.77
C ASP C 354 30.45 -2.76 24.10
N PHE C 355 29.98 -1.52 24.28
CA PHE C 355 28.61 -1.25 24.70
C PHE C 355 27.98 -0.20 23.79
N ARG C 356 26.68 -0.34 23.57
CA ARG C 356 25.95 0.54 22.67
C ARG C 356 24.51 0.66 23.17
N ILE C 357 23.97 1.87 23.07
CA ILE C 357 22.56 2.13 23.38
C ILE C 357 21.89 2.63 22.11
N LYS C 358 20.81 1.98 21.72
CA LYS C 358 20.13 2.25 20.46
C LYS C 358 18.77 2.86 20.75
N MET C 359 18.60 4.14 20.41
CA MET C 359 17.32 4.79 20.61
C MET C 359 17.36 6.18 19.98
N CYS C 360 16.22 6.60 19.46
CA CYS C 360 16.03 7.96 18.97
C CYS C 360 15.54 8.82 20.13
N THR C 361 16.20 9.95 20.35
CA THR C 361 16.02 10.75 21.55
C THR C 361 15.20 11.99 21.24
N LYS C 362 14.16 12.21 22.05
CA LYS C 362 13.37 13.44 22.02
C LYS C 362 13.48 14.10 23.39
N VAL C 363 12.70 15.16 23.60
CA VAL C 363 12.73 15.91 24.85
C VAL C 363 11.37 15.71 25.52
N THR C 364 11.27 14.68 26.37
CA THR C 364 10.05 14.40 27.12
C THR C 364 10.43 13.65 28.39
N MET C 365 9.53 13.71 29.37
CA MET C 365 9.78 12.98 30.62
C MET C 365 9.84 11.48 30.39
N ASP C 366 8.94 10.95 29.55
CA ASP C 366 8.98 9.51 29.27
C ASP C 366 10.32 9.12 28.65
N ASP C 367 10.82 9.95 27.74
CA ASP C 367 12.16 9.72 27.20
C ASP C 367 13.21 9.75 28.31
N PHE C 368 13.05 10.67 29.26
CA PHE C 368 14.00 10.77 30.36
C PHE C 368 14.04 9.48 31.17
N LEU C 369 12.87 8.97 31.55
CA LEU C 369 12.82 7.77 32.38
C LEU C 369 13.27 6.55 31.59
N THR C 370 12.97 6.50 30.29
CA THR C 370 13.44 5.38 29.47
C THR C 370 14.96 5.41 29.34
N ALA C 371 15.54 6.60 29.19
CA ALA C 371 16.99 6.71 29.16
C ALA C 371 17.60 6.25 30.48
N HIS C 372 16.99 6.64 31.60
CA HIS C 372 17.49 6.17 32.89
C HIS C 372 17.38 4.66 33.00
N HIS C 373 16.29 4.09 32.49
CA HIS C 373 16.13 2.64 32.51
C HIS C 373 17.23 1.94 31.72
N GLU C 374 17.51 2.44 30.51
CA GLU C 374 18.56 1.84 29.70
C GLU C 374 19.93 2.00 30.36
N MET C 375 20.18 3.16 30.97
CA MET C 375 21.44 3.36 31.68
C MET C 375 21.58 2.36 32.82
N GLY C 376 20.50 2.12 33.57
CA GLY C 376 20.55 1.11 34.60
C GLY C 376 20.84 -0.27 34.03
N HIS C 377 20.18 -0.61 32.93
CA HIS C 377 20.43 -1.89 32.28
C HIS C 377 21.91 -2.05 31.98
N ILE C 378 22.49 -1.06 31.30
CA ILE C 378 23.88 -1.19 30.86
C ILE C 378 24.82 -1.16 32.06
N GLN C 379 24.51 -0.37 33.09
CA GLN C 379 25.34 -0.36 34.28
C GLN C 379 25.38 -1.74 34.92
N TYR C 380 24.22 -2.37 35.09
CA TYR C 380 24.20 -3.70 35.69
C TYR C 380 24.97 -4.68 34.82
N ASP C 381 24.77 -4.61 33.50
CA ASP C 381 25.46 -5.56 32.63
C ASP C 381 26.97 -5.39 32.72
N MET C 382 27.45 -4.15 32.70
CA MET C 382 28.89 -3.89 32.71
C MET C 382 29.51 -4.23 34.05
N ALA C 383 28.77 -4.05 35.15
CA ALA C 383 29.38 -4.18 36.46
C ALA C 383 30.03 -5.55 36.65
N TYR C 384 29.55 -6.55 35.92
CA TYR C 384 30.14 -7.89 35.96
C TYR C 384 30.76 -8.20 34.61
N ALA C 385 32.07 -8.41 34.59
CA ALA C 385 32.75 -8.92 33.41
C ALA C 385 33.79 -9.98 33.71
N ASN C 386 34.17 -10.16 34.98
CA ASN C 386 35.22 -11.12 35.32
C ASN C 386 34.76 -12.56 35.20
N GLN C 387 33.46 -12.81 35.32
CA GLN C 387 32.96 -14.17 35.29
C GLN C 387 33.04 -14.75 33.88
N SER C 388 33.12 -16.07 33.80
CA SER C 388 33.25 -16.75 32.53
C SER C 388 32.05 -16.44 31.63
N TYR C 389 32.18 -16.79 30.35
CA TYR C 389 31.16 -16.46 29.38
C TYR C 389 29.81 -17.10 29.73
N LEU C 390 29.81 -18.39 30.06
CA LEU C 390 28.57 -19.12 30.25
C LEU C 390 27.74 -18.57 31.41
N LEU C 391 28.37 -17.86 32.34
CA LEU C 391 27.67 -17.30 33.49
C LEU C 391 27.29 -15.84 33.29
N ARG C 392 27.48 -15.30 32.09
CA ARG C 392 27.21 -13.89 31.82
C ARG C 392 25.72 -13.67 31.55
N ASN C 393 24.94 -13.79 32.63
CA ASN C 393 23.50 -13.57 32.57
C ASN C 393 23.02 -13.23 33.98
N GLY C 394 21.74 -12.88 34.07
CA GLY C 394 21.13 -12.67 35.37
C GLY C 394 20.90 -13.99 36.08
N ALA C 395 20.74 -13.89 37.40
CA ALA C 395 20.50 -15.10 38.20
C ALA C 395 19.20 -15.76 37.80
N ASN C 396 18.16 -14.97 37.58
CA ASN C 396 16.85 -15.49 37.16
C ASN C 396 16.33 -14.59 36.05
N GLU C 397 15.06 -14.75 35.71
CA GLU C 397 14.42 -13.99 34.65
C GLU C 397 13.90 -12.64 35.11
N GLY C 398 14.06 -12.29 36.39
CA GLY C 398 13.47 -11.09 36.94
C GLY C 398 14.46 -10.01 37.31
N PHE C 399 15.64 -10.41 37.80
CA PHE C 399 16.61 -9.41 38.26
C PHE C 399 16.97 -8.43 37.15
N HIS C 400 17.17 -8.94 35.94
CA HIS C 400 17.79 -8.12 34.90
C HIS C 400 16.94 -6.90 34.59
N GLU C 401 15.62 -7.01 34.72
CA GLU C 401 14.74 -5.86 34.57
C GLU C 401 14.42 -5.19 35.90
N ALA C 402 14.49 -5.94 37.00
CA ALA C 402 14.23 -5.36 38.31
C ALA C 402 15.25 -4.28 38.65
N VAL C 403 16.52 -4.49 38.27
CA VAL C 403 17.55 -3.52 38.57
C VAL C 403 17.22 -2.19 37.91
N GLY C 404 16.78 -2.21 36.65
CA GLY C 404 16.38 -0.98 36.00
C GLY C 404 15.12 -0.39 36.60
N GLU C 405 14.15 -1.24 36.92
CA GLU C 405 12.86 -0.74 37.39
C GLU C 405 12.99 -0.05 38.75
N VAL C 406 13.83 -0.57 39.63
CA VAL C 406 13.99 0.07 40.94
C VAL C 406 14.56 1.47 40.78
N MET C 407 15.58 1.63 39.95
CA MET C 407 16.15 2.95 39.72
C MET C 407 15.13 3.88 39.08
N SER C 408 14.36 3.36 38.11
CA SER C 408 13.34 4.18 37.47
C SER C 408 12.33 4.67 38.48
N LEU C 409 11.90 3.80 39.39
CA LEU C 409 10.98 4.22 40.45
C LEU C 409 11.61 5.28 41.33
N SER C 410 12.88 5.09 41.69
CA SER C 410 13.54 6.03 42.59
C SER C 410 13.66 7.42 41.97
N VAL C 411 14.03 7.49 40.69
CA VAL C 411 14.36 8.78 40.09
C VAL C 411 13.12 9.64 39.87
N ALA C 412 11.93 9.05 39.85
CA ALA C 412 10.72 9.79 39.54
C ALA C 412 10.25 10.68 40.68
N THR C 413 10.85 10.56 41.87
CA THR C 413 10.36 11.31 43.02
C THR C 413 10.48 12.81 42.75
N PRO C 414 9.47 13.60 43.14
CA PRO C 414 9.52 15.05 42.84
C PRO C 414 10.55 15.79 43.68
N LYS C 415 10.79 15.34 44.91
CA LYS C 415 11.72 16.03 45.78
C LYS C 415 13.13 16.04 45.17
N HIS C 416 13.59 14.90 44.68
CA HIS C 416 14.90 14.87 44.04
C HIS C 416 14.95 15.76 42.82
N LEU C 417 13.92 15.68 41.96
CA LEU C 417 13.90 16.53 40.77
C LEU C 417 13.98 17.99 41.15
N LYS C 418 13.35 18.37 42.27
CA LYS C 418 13.51 19.73 42.78
C LYS C 418 14.94 19.98 43.23
N GLY C 419 15.57 19.00 43.86
CA GLY C 419 16.90 19.18 44.42
C GLY C 419 18.05 19.12 43.44
N MET C 420 17.80 18.72 42.19
CA MET C 420 18.87 18.59 41.21
C MET C 420 18.94 19.76 40.24
N GLY C 421 18.09 20.77 40.42
CA GLY C 421 18.14 21.95 39.57
C GLY C 421 16.82 22.26 38.87
N LEU C 422 16.11 21.23 38.42
CA LEU C 422 14.82 21.42 37.81
C LEU C 422 13.73 21.53 38.88
N LEU C 423 12.52 21.85 38.45
CA LEU C 423 11.40 21.94 39.37
C LEU C 423 11.73 22.87 40.54
N PRO C 424 11.78 24.18 40.30
CA PRO C 424 12.12 25.11 41.39
C PRO C 424 11.21 24.90 42.59
N SER C 425 11.60 25.54 43.70
CA SER C 425 10.89 25.39 44.97
C SER C 425 9.50 26.04 44.97
N ASP C 426 9.03 26.58 43.84
CA ASP C 426 7.71 27.19 43.79
C ASP C 426 6.62 26.13 43.62
N PHE C 427 6.61 25.14 44.51
CA PHE C 427 5.59 24.09 44.46
C PHE C 427 5.44 23.50 45.86
N SER C 428 4.26 23.63 46.44
CA SER C 428 3.97 23.12 47.77
C SER C 428 3.03 21.92 47.63
N GLU C 429 3.56 20.73 47.85
CA GLU C 429 2.76 19.52 47.75
C GLU C 429 1.74 19.46 48.89
N ASN C 430 0.60 18.85 48.60
CA ASN C 430 -0.49 18.69 49.56
C ASN C 430 -0.68 17.21 49.86
N ASN C 431 -1.69 16.91 50.68
CA ASN C 431 -1.99 15.55 51.10
C ASN C 431 -2.96 14.86 50.16
N GLU C 432 -3.02 15.28 48.90
CA GLU C 432 -3.89 14.63 47.92
C GLU C 432 -3.14 14.34 46.62
N THR C 433 -2.15 15.18 46.30
CA THR C 433 -1.38 14.94 45.07
C THR C 433 -0.61 13.63 45.15
N GLU C 434 0.03 13.38 46.28
CA GLU C 434 0.70 12.09 46.47
C GLU C 434 -0.29 10.94 46.36
N ILE C 435 -1.53 11.15 46.81
CA ILE C 435 -2.55 10.13 46.66
C ILE C 435 -2.82 9.87 45.18
N ASN C 436 -2.89 10.92 44.37
CA ASN C 436 -3.10 10.73 42.94
C ASN C 436 -1.93 9.97 42.32
N PHE C 437 -0.70 10.31 42.71
CA PHE C 437 0.46 9.60 42.19
C PHE C 437 0.40 8.12 42.57
N LEU C 438 0.04 7.84 43.84
CA LEU C 438 -0.04 6.46 44.27
C LEU C 438 -1.12 5.71 43.51
N LEU C 439 -2.26 6.34 43.26
CA LEU C 439 -3.31 5.69 42.50
C LEU C 439 -2.85 5.40 41.07
N LYS C 440 -2.16 6.36 40.46
CA LYS C 440 -1.64 6.14 39.11
C LYS C 440 -0.70 4.95 39.09
N GLN C 441 0.22 4.87 40.07
CA GLN C 441 1.13 3.74 40.12
C GLN C 441 0.37 2.44 40.34
N ALA C 442 -0.62 2.45 41.23
CA ALA C 442 -1.33 1.21 41.58
C ALA C 442 -2.15 0.69 40.41
N LEU C 443 -2.70 1.58 39.58
CA LEU C 443 -3.53 1.12 38.48
C LEU C 443 -2.77 0.29 37.48
N THR C 444 -1.44 0.29 37.52
CA THR C 444 -0.62 -0.55 36.66
C THR C 444 0.17 -1.60 37.41
N ILE C 445 0.68 -1.29 38.60
CA ILE C 445 1.55 -2.23 39.30
C ILE C 445 0.77 -3.44 39.78
N VAL C 446 -0.46 -3.23 40.24
CA VAL C 446 -1.25 -4.32 40.83
C VAL C 446 -2.30 -4.89 39.89
N GLY C 447 -2.72 -4.14 38.87
CA GLY C 447 -3.81 -4.61 38.03
C GLY C 447 -3.49 -5.92 37.32
N THR C 448 -2.24 -6.10 36.91
CA THR C 448 -1.89 -7.23 36.06
C THR C 448 -1.62 -8.52 36.85
N LEU C 449 -1.50 -8.46 38.17
CA LEU C 449 -1.17 -9.66 38.93
C LEU C 449 -2.26 -10.73 38.83
N PRO C 450 -3.53 -10.43 39.08
CA PRO C 450 -4.55 -11.49 38.96
C PRO C 450 -4.60 -12.09 37.57
N PHE C 451 -4.50 -11.26 36.54
CA PHE C 451 -4.56 -11.76 35.17
C PHE C 451 -3.39 -12.70 34.90
N THR C 452 -2.18 -12.28 35.27
CA THR C 452 -1.01 -13.13 35.04
C THR C 452 -1.14 -14.44 35.78
N TYR C 453 -1.56 -14.40 37.04
CA TYR C 453 -1.71 -15.62 37.82
C TYR C 453 -2.72 -16.56 37.17
N MET C 454 -3.87 -16.02 36.77
CA MET C 454 -4.91 -16.85 36.16
C MET C 454 -4.40 -17.49 34.89
N LEU C 455 -3.79 -16.69 34.00
CA LEU C 455 -3.34 -17.22 32.72
C LEU C 455 -2.30 -18.31 32.91
N GLU C 456 -1.34 -18.08 33.81
CA GLU C 456 -0.32 -19.09 34.00
C GLU C 456 -0.90 -20.37 34.57
N LYS C 457 -1.82 -20.25 35.52
CA LYS C 457 -2.45 -21.45 36.08
C LYS C 457 -3.20 -22.23 35.01
N TRP C 458 -3.96 -21.52 34.17
CA TRP C 458 -4.72 -22.17 33.14
C TRP C 458 -3.81 -22.92 32.18
N ARG C 459 -2.74 -22.28 31.73
CA ARG C 459 -1.83 -22.95 30.81
C ARG C 459 -1.18 -24.16 31.46
N TRP C 460 -0.75 -24.03 32.72
CA TRP C 460 -0.14 -25.16 33.41
C TRP C 460 -1.10 -26.35 33.44
N MET C 461 -2.33 -26.12 33.90
CA MET C 461 -3.25 -27.24 34.03
C MET C 461 -3.65 -27.81 32.69
N VAL C 462 -3.78 -26.99 31.64
CA VAL C 462 -4.08 -27.53 30.33
C VAL C 462 -2.93 -28.42 29.84
N PHE C 463 -1.69 -27.96 30.00
CA PHE C 463 -0.56 -28.76 29.53
C PHE C 463 -0.44 -30.07 30.29
N GLU C 464 -0.49 -30.03 31.63
CA GLU C 464 -0.27 -31.25 32.39
C GLU C 464 -1.35 -32.29 32.09
N GLY C 465 -2.59 -31.87 31.90
CA GLY C 465 -3.60 -32.73 31.32
C GLY C 465 -4.76 -33.14 32.21
N LYS C 466 -4.98 -32.46 33.34
CA LYS C 466 -6.14 -32.79 34.16
C LYS C 466 -7.43 -32.41 33.44
N ILE C 467 -7.45 -31.28 32.76
CA ILE C 467 -8.62 -30.82 32.03
C ILE C 467 -8.58 -31.44 30.63
N PRO C 468 -9.56 -32.25 30.24
CA PRO C 468 -9.58 -32.77 28.87
C PRO C 468 -9.86 -31.67 27.86
N LYS C 469 -9.58 -31.97 26.59
CA LYS C 469 -9.72 -30.97 25.54
C LYS C 469 -11.15 -30.44 25.47
N GLU C 470 -12.14 -31.30 25.64
CA GLU C 470 -13.53 -30.90 25.46
C GLU C 470 -13.95 -29.82 26.44
N GLN C 471 -13.25 -29.67 27.56
CA GLN C 471 -13.59 -28.69 28.58
C GLN C 471 -12.64 -27.50 28.58
N TRP C 472 -11.98 -27.25 27.45
CA TRP C 472 -10.99 -26.18 27.41
C TRP C 472 -11.62 -24.83 27.71
N MET C 473 -12.78 -24.55 27.13
CA MET C 473 -13.36 -23.22 27.22
C MET C 473 -14.37 -23.08 28.34
N GLU C 474 -14.98 -24.18 28.80
CA GLU C 474 -15.95 -24.07 29.89
C GLU C 474 -15.28 -23.68 31.19
N LYS C 475 -13.97 -23.93 31.32
CA LYS C 475 -13.26 -23.63 32.56
C LYS C 475 -12.81 -22.18 32.59
N TRP C 476 -12.45 -21.63 31.43
CA TRP C 476 -11.84 -20.31 31.38
C TRP C 476 -12.76 -19.24 31.95
N TRP C 477 -14.01 -19.23 31.51
CA TRP C 477 -14.92 -18.19 31.97
C TRP C 477 -15.29 -18.37 33.42
N GLU C 478 -15.40 -19.61 33.89
CA GLU C 478 -15.56 -19.84 35.32
C GLU C 478 -14.42 -19.16 36.08
N MET C 479 -13.19 -19.40 35.63
CA MET C 479 -12.05 -18.79 36.32
C MET C 479 -12.15 -17.27 36.30
N LYS C 480 -12.42 -16.69 35.12
CA LYS C 480 -12.55 -15.25 35.02
C LYS C 480 -13.60 -14.70 35.97
N ARG C 481 -14.70 -15.44 36.16
CA ARG C 481 -15.68 -15.06 37.17
C ARG C 481 -15.13 -15.17 38.57
N GLU C 482 -14.24 -16.12 38.83
CA GLU C 482 -13.77 -16.41 40.18
C GLU C 482 -12.71 -15.43 40.68
N ILE C 483 -11.58 -15.35 39.99
CA ILE C 483 -10.42 -14.64 40.53
C ILE C 483 -10.42 -13.19 40.09
N VAL C 484 -10.29 -12.94 38.79
CA VAL C 484 -10.07 -11.59 38.30
C VAL C 484 -11.29 -10.71 38.57
N GLY C 485 -12.47 -11.20 38.22
CA GLY C 485 -13.68 -10.42 38.41
C GLY C 485 -14.22 -9.81 37.14
N VAL C 486 -14.22 -10.59 36.05
CA VAL C 486 -14.73 -10.15 34.75
C VAL C 486 -15.67 -11.23 34.23
N VAL C 487 -16.77 -10.80 33.62
CA VAL C 487 -17.79 -11.71 33.10
C VAL C 487 -17.94 -11.48 31.60
N GLU C 488 -18.12 -12.57 30.87
CA GLU C 488 -18.22 -12.50 29.42
C GLU C 488 -19.44 -11.69 29.00
N PRO C 489 -19.38 -11.03 27.85
CA PRO C 489 -20.54 -10.24 27.40
C PRO C 489 -21.59 -11.09 26.70
N LEU C 490 -21.16 -12.15 26.04
CA LEU C 490 -22.05 -13.05 25.32
C LEU C 490 -21.60 -14.48 25.51
N PRO C 491 -22.52 -15.43 25.55
CA PRO C 491 -22.12 -16.84 25.71
C PRO C 491 -21.24 -17.29 24.56
N HIS C 492 -20.27 -18.14 24.88
CA HIS C 492 -19.32 -18.67 23.91
C HIS C 492 -19.35 -20.19 23.97
N ASP C 493 -19.43 -20.82 22.80
CA ASP C 493 -19.50 -22.27 22.73
C ASP C 493 -18.08 -22.86 22.82
N GLU C 494 -17.97 -24.17 22.59
CA GLU C 494 -16.69 -24.85 22.71
C GLU C 494 -15.75 -24.60 21.53
N THR C 495 -16.30 -24.37 20.33
CA THR C 495 -15.45 -24.25 19.15
C THR C 495 -14.52 -23.04 19.20
N TYR C 496 -14.77 -22.08 20.08
CA TYR C 496 -13.90 -20.92 20.19
C TYR C 496 -12.55 -21.32 20.78
N CYS C 497 -11.57 -20.43 20.64
CA CYS C 497 -10.24 -20.65 21.20
C CYS C 497 -9.72 -19.35 21.82
N ASP C 498 -10.56 -18.72 22.65
CA ASP C 498 -10.22 -17.42 23.23
C ASP C 498 -8.78 -17.30 23.72
N PRO C 499 -8.24 -18.22 24.54
CA PRO C 499 -6.93 -17.97 25.15
C PRO C 499 -5.80 -17.80 24.14
N ALA C 500 -5.96 -18.30 22.91
CA ALA C 500 -4.91 -18.19 21.91
C ALA C 500 -4.92 -16.87 21.16
N SER C 501 -5.90 -16.00 21.39
CA SER C 501 -5.97 -14.72 20.72
C SER C 501 -4.97 -13.72 21.27
N LEU C 502 -4.27 -14.05 22.35
CA LEU C 502 -3.32 -13.13 22.97
C LEU C 502 -2.04 -13.11 22.14
N PHE C 503 -0.98 -12.52 22.70
CA PHE C 503 0.30 -12.41 22.01
C PHE C 503 1.28 -13.49 22.46
N HIS C 504 1.55 -13.56 23.76
CA HIS C 504 2.56 -14.49 24.26
C HIS C 504 2.13 -15.93 24.06
N VAL C 505 0.82 -16.20 24.14
CA VAL C 505 0.34 -17.55 23.92
C VAL C 505 0.71 -18.03 22.52
N ALA C 506 0.62 -17.15 21.53
CA ALA C 506 0.86 -17.53 20.15
C ALA C 506 2.34 -17.63 19.81
N ASN C 507 3.24 -17.23 20.71
CA ASN C 507 4.66 -17.22 20.44
C ASN C 507 5.43 -18.09 21.42
N ASP C 508 4.74 -18.94 22.18
CA ASP C 508 5.35 -19.87 23.12
C ASP C 508 6.45 -19.20 23.93
N TYR C 509 6.07 -18.15 24.65
CA TYR C 509 6.97 -17.44 25.57
C TYR C 509 6.48 -17.65 26.99
N SER C 510 7.37 -18.09 27.86
CA SER C 510 7.01 -18.27 29.27
C SER C 510 6.52 -16.95 29.84
N PHE C 511 5.44 -17.01 30.62
CA PHE C 511 4.71 -15.82 31.03
C PHE C 511 4.72 -15.57 32.54
N ILE C 512 5.49 -16.34 33.30
CA ILE C 512 5.43 -16.22 34.76
C ILE C 512 6.40 -15.21 35.33
N ARG C 513 7.42 -14.81 34.58
CA ARG C 513 8.44 -13.92 35.12
C ARG C 513 7.85 -12.65 35.72
N TYR C 514 6.75 -12.16 35.13
CA TYR C 514 6.25 -10.84 35.48
C TYR C 514 5.83 -10.76 36.95
N PHE C 515 5.19 -11.81 37.47
CA PHE C 515 4.75 -11.79 38.86
C PHE C 515 5.93 -11.66 39.81
N THR C 516 6.92 -12.54 39.64
CA THR C 516 8.07 -12.51 40.54
C THR C 516 8.80 -11.18 40.44
N ARG C 517 8.95 -10.65 39.22
CA ARG C 517 9.60 -9.36 39.09
C ARG C 517 8.80 -8.26 39.79
N THR C 518 7.47 -8.30 39.66
CA THR C 518 6.64 -7.27 40.25
C THR C 518 6.76 -7.27 41.77
N ILE C 519 6.92 -8.46 42.36
CA ILE C 519 7.17 -8.51 43.80
C ILE C 519 8.58 -8.01 44.11
N LEU C 520 9.56 -8.43 43.31
CA LEU C 520 10.95 -8.20 43.65
C LEU C 520 11.33 -6.72 43.62
N GLU C 521 10.69 -5.91 42.77
CA GLU C 521 11.09 -4.50 42.77
C GLU C 521 10.95 -3.92 44.16
N PHE C 522 9.76 -4.06 44.77
CA PHE C 522 9.55 -3.49 46.09
C PHE C 522 10.28 -4.27 47.16
N GLN C 523 10.45 -5.58 46.97
CA GLN C 523 11.29 -6.33 47.90
C GLN C 523 12.66 -5.68 48.04
N PHE C 524 13.30 -5.39 46.91
CA PHE C 524 14.59 -4.69 46.95
C PHE C 524 14.45 -3.28 47.50
N GLN C 525 13.41 -2.56 47.10
CA GLN C 525 13.29 -1.15 47.45
C GLN C 525 13.27 -0.98 48.97
N GLU C 526 12.41 -1.73 49.65
CA GLU C 526 12.30 -1.58 51.10
C GLU C 526 13.63 -1.85 51.78
N ALA C 527 14.24 -2.99 51.45
CA ALA C 527 15.48 -3.38 52.12
C ALA C 527 16.58 -2.35 51.88
N LEU C 528 16.73 -1.90 50.63
CA LEU C 528 17.79 -0.93 50.35
C LEU C 528 17.53 0.39 51.06
N CYS C 529 16.29 0.87 51.04
CA CYS C 529 15.98 2.11 51.75
C CYS C 529 16.20 1.97 53.24
N ARG C 530 16.11 0.76 53.77
CA ARG C 530 16.39 0.56 55.19
C ARG C 530 17.77 1.12 55.57
N THR C 531 18.75 0.92 54.68
CA THR C 531 20.09 1.44 54.94
C THR C 531 20.12 2.96 54.95
N ALA C 532 19.34 3.60 54.08
CA ALA C 532 19.36 5.05 53.97
C ALA C 532 18.77 5.74 55.19
N LYS C 533 18.06 5.02 56.05
CA LYS C 533 17.47 5.59 57.26
C LYS C 533 16.49 6.72 56.92
N HIS C 534 15.44 6.36 56.20
CA HIS C 534 14.37 7.29 55.91
C HIS C 534 13.43 7.41 57.12
N GLN C 535 12.60 8.45 57.09
CA GLN C 535 11.69 8.75 58.19
C GLN C 535 10.22 8.56 57.82
N GLY C 536 9.77 9.19 56.73
CA GLY C 536 8.38 9.15 56.36
C GLY C 536 8.02 7.91 55.55
N PRO C 537 6.90 7.97 54.82
CA PRO C 537 6.49 6.81 54.03
C PRO C 537 7.52 6.45 52.97
N LEU C 538 7.58 5.15 52.65
CA LEU C 538 8.60 4.64 51.75
C LEU C 538 8.57 5.33 50.39
N HIS C 539 7.43 5.86 49.96
CA HIS C 539 7.36 6.51 48.67
C HIS C 539 8.20 7.78 48.63
N LYS C 540 8.65 8.29 49.77
CA LYS C 540 9.49 9.48 49.83
C LYS C 540 10.98 9.15 49.94
N CYS C 541 11.34 7.88 49.80
CA CYS C 541 12.74 7.49 49.93
C CYS C 541 13.56 8.01 48.75
N ASP C 542 14.86 8.11 48.97
CA ASP C 542 15.78 8.63 47.96
C ASP C 542 17.07 7.83 47.98
N ILE C 543 17.77 7.87 46.85
CA ILE C 543 19.06 7.21 46.68
C ILE C 543 20.10 8.28 46.43
N SER C 544 19.91 9.44 47.06
CA SER C 544 20.77 10.59 46.83
C SER C 544 22.19 10.27 47.30
N ASN C 545 23.05 11.28 47.25
CA ASN C 545 24.48 11.11 47.52
C ASN C 545 24.72 10.21 48.72
N SER C 546 25.44 9.11 48.48
CA SER C 546 25.77 8.13 49.52
C SER C 546 26.64 7.06 48.86
N THR C 547 27.29 6.24 49.70
CA THR C 547 28.23 5.24 49.20
C THR C 547 27.87 3.84 49.69
N GLU C 548 27.41 3.72 50.93
CA GLU C 548 27.14 2.39 51.49
C GLU C 548 26.07 1.68 50.69
N ALA C 549 25.02 2.40 50.26
CA ALA C 549 24.02 1.79 49.39
C ALA C 549 24.64 1.33 48.09
N GLY C 550 25.52 2.15 47.51
CA GLY C 550 26.22 1.74 46.31
C GLY C 550 27.09 0.50 46.55
N LYS C 551 27.73 0.42 47.72
CA LYS C 551 28.52 -0.75 48.03
C LYS C 551 27.64 -2.00 48.12
N LYS C 552 26.48 -1.89 48.76
CA LYS C 552 25.57 -3.02 48.82
C LYS C 552 25.12 -3.43 47.43
N LEU C 553 24.79 -2.46 46.58
CA LEU C 553 24.36 -2.78 45.22
C LEU C 553 25.47 -3.46 44.45
N ASN C 554 26.70 -2.99 44.59
CA ASN C 554 27.82 -3.65 43.93
C ASN C 554 27.97 -5.09 44.41
N ASP C 555 27.84 -5.29 45.73
CA ASP C 555 27.94 -6.64 46.27
C ASP C 555 26.86 -7.54 45.67
N MET C 556 25.64 -7.01 45.54
CA MET C 556 24.55 -7.77 44.94
C MET C 556 24.86 -8.12 43.49
N LEU C 557 25.26 -7.12 42.70
CA LEU C 557 25.35 -7.31 41.26
C LEU C 557 26.56 -8.15 40.85
N LYS C 558 27.72 -7.92 41.46
CA LYS C 558 28.94 -8.56 40.98
C LYS C 558 28.88 -10.08 41.09
N LEU C 559 27.97 -10.63 41.90
CA LEU C 559 27.95 -12.07 42.11
C LEU C 559 27.69 -12.82 40.80
N GLY C 560 26.78 -12.33 39.98
CA GLY C 560 26.49 -13.02 38.74
C GLY C 560 25.72 -14.32 38.97
N LYS C 561 25.86 -15.23 38.02
CA LYS C 561 25.14 -16.50 38.04
C LYS C 561 25.90 -17.60 38.77
N SER C 562 27.07 -17.31 39.34
CA SER C 562 27.88 -18.34 39.97
C SER C 562 27.27 -18.86 41.27
N THR C 563 26.23 -18.22 41.80
CA THR C 563 25.67 -18.59 43.08
C THR C 563 24.15 -18.72 43.00
N PRO C 564 23.55 -19.52 43.89
CA PRO C 564 22.09 -19.54 43.98
C PRO C 564 21.53 -18.17 44.31
N TRP C 565 20.35 -17.87 43.74
CA TRP C 565 19.76 -16.54 43.90
C TRP C 565 19.27 -16.31 45.33
N THR C 566 18.85 -17.35 46.03
CA THR C 566 18.44 -17.18 47.42
C THR C 566 19.58 -16.56 48.23
N TYR C 567 20.82 -16.95 47.96
CA TYR C 567 21.96 -16.32 48.61
C TYR C 567 22.05 -14.85 48.23
N ALA C 568 21.77 -14.51 46.98
CA ALA C 568 21.76 -13.11 46.58
C ALA C 568 20.76 -12.31 47.40
N LEU C 569 19.54 -12.84 47.53
CA LEU C 569 18.55 -12.15 48.37
C LEU C 569 19.04 -12.03 49.80
N GLU C 570 19.57 -13.11 50.37
CA GLU C 570 20.08 -13.06 51.73
C GLU C 570 21.13 -11.96 51.88
N LYS C 571 21.90 -11.70 50.82
CA LYS C 571 22.94 -10.68 50.91
C LYS C 571 22.36 -9.32 51.26
N ILE C 572 21.25 -8.94 50.62
CA ILE C 572 20.61 -7.65 50.86
C ILE C 572 19.22 -7.83 51.46
N ALA C 573 18.44 -8.77 50.94
CA ALA C 573 17.10 -8.99 51.49
C ALA C 573 17.17 -9.71 52.83
N GLU C 574 18.22 -10.50 53.06
CA GLU C 574 18.41 -11.21 54.33
C GLU C 574 17.22 -12.10 54.65
N THR C 575 16.54 -12.59 53.62
CA THR C 575 15.41 -13.50 53.78
C THR C 575 15.46 -14.52 52.66
N LYS C 576 14.98 -15.73 52.94
CA LYS C 576 15.03 -16.81 51.97
C LYS C 576 13.82 -16.84 51.05
N GLU C 577 12.85 -15.95 51.23
CA GLU C 577 11.63 -15.99 50.45
C GLU C 577 11.06 -14.58 50.31
N MET C 578 10.20 -14.41 49.32
CA MET C 578 9.57 -13.14 49.04
C MET C 578 8.31 -12.96 49.89
N ASP C 579 7.86 -11.71 49.99
CA ASP C 579 6.67 -11.40 50.77
C ASP C 579 6.00 -10.17 50.19
N ALA C 580 4.70 -10.04 50.47
CA ALA C 580 3.91 -8.90 50.06
C ALA C 580 3.86 -7.82 51.13
N LYS C 581 4.44 -8.05 52.30
CA LYS C 581 4.37 -7.06 53.37
C LYS C 581 4.96 -5.72 52.95
N PRO C 582 6.14 -5.65 52.34
CA PRO C 582 6.60 -4.35 51.82
C PRO C 582 5.63 -3.74 50.82
N LEU C 583 5.01 -4.56 49.96
CA LEU C 583 4.10 -4.01 48.97
C LEU C 583 2.91 -3.33 49.62
N LEU C 584 2.23 -4.04 50.53
CA LEU C 584 1.08 -3.44 51.20
C LEU C 584 1.49 -2.27 52.07
N ASN C 585 2.67 -2.33 52.68
CA ASN C 585 3.16 -1.19 53.45
C ASN C 585 3.33 0.03 52.55
N TYR C 586 3.85 -0.17 51.34
CA TYR C 586 4.03 0.95 50.42
C TYR C 586 2.69 1.58 50.06
N PHE C 587 1.60 0.83 50.11
CA PHE C 587 0.28 1.31 49.75
C PHE C 587 -0.58 1.65 50.96
N ASN C 588 0.00 1.63 52.17
CA ASN C 588 -0.82 1.81 53.37
C ASN C 588 -1.63 3.10 53.33
N PRO C 589 -1.08 4.26 52.98
CA PRO C 589 -1.94 5.45 52.87
C PRO C 589 -3.06 5.27 51.87
N LEU C 590 -2.79 4.61 50.75
CA LEU C 590 -3.84 4.35 49.77
C LEU C 590 -4.92 3.45 50.36
N PHE C 591 -4.51 2.42 51.10
CA PHE C 591 -5.48 1.52 51.71
C PHE C 591 -6.38 2.28 52.67
N ARG C 592 -5.78 3.10 53.54
CA ARG C 592 -6.60 3.84 54.50
C ARG C 592 -7.51 4.84 53.80
N TRP C 593 -7.02 5.49 52.74
CA TRP C 593 -7.87 6.41 51.99
C TRP C 593 -9.07 5.69 51.39
N LEU C 594 -8.85 4.52 50.81
CA LEU C 594 -9.95 3.77 50.19
C LEU C 594 -10.88 3.16 51.22
N LYS C 595 -10.41 2.90 52.44
CA LYS C 595 -11.28 2.30 53.45
C LYS C 595 -12.47 3.18 53.79
N GLU C 596 -12.41 4.47 53.44
CA GLU C 596 -13.48 5.41 53.76
C GLU C 596 -14.47 5.58 52.61
N GLN C 597 -14.39 4.77 51.57
CA GLN C 597 -15.24 4.92 50.40
C GLN C 597 -16.14 3.72 50.13
N ASN C 598 -15.72 2.50 50.49
CA ASN C 598 -16.48 1.29 50.24
C ASN C 598 -16.56 0.45 51.51
N GLY C 599 -16.86 1.11 52.63
CA GLY C 599 -16.90 0.45 53.92
C GLY C 599 -18.16 -0.33 54.19
N ASN C 600 -19.07 -0.44 53.23
CA ASN C 600 -20.34 -1.13 53.41
C ASN C 600 -20.44 -2.45 52.67
N SER C 601 -20.11 -2.47 51.38
CA SER C 601 -20.25 -3.67 50.56
C SER C 601 -19.05 -3.84 49.65
N VAL C 602 -18.62 -5.08 49.48
CA VAL C 602 -17.54 -5.41 48.55
C VAL C 602 -17.59 -6.91 48.30
N GLY C 603 -17.34 -7.29 47.06
CA GLY C 603 -17.34 -8.68 46.65
C GLY C 603 -18.08 -8.86 45.36
N TRP C 604 -18.37 -10.12 45.04
CA TRP C 604 -19.06 -10.45 43.80
C TRP C 604 -19.67 -11.83 43.90
N SER C 605 -20.59 -12.11 43.00
CA SER C 605 -21.20 -13.43 42.86
C SER C 605 -20.95 -13.94 41.45
N VAL C 606 -20.62 -15.23 41.34
CA VAL C 606 -20.15 -15.79 40.07
C VAL C 606 -21.34 -16.19 39.20
N ASP C 607 -22.54 -15.78 39.58
CA ASP C 607 -23.76 -16.18 38.87
C ASP C 607 -24.29 -15.09 37.94
N SER C 608 -24.42 -13.85 38.43
CA SER C 608 -25.04 -12.80 37.66
C SER C 608 -24.31 -12.59 36.33
N SER C 609 -25.01 -11.98 35.39
CA SER C 609 -24.45 -11.67 34.08
C SER C 609 -25.39 -10.70 33.37
N PRO C 610 -24.90 -9.98 32.37
CA PRO C 610 -25.80 -9.06 31.65
C PRO C 610 -27.02 -9.74 31.05
N TYR C 611 -26.86 -10.94 30.51
CA TYR C 611 -27.96 -11.68 29.89
C TYR C 611 -28.59 -12.65 30.89
N SER C 612 -29.00 -12.14 32.06
CA SER C 612 -29.57 -12.95 33.12
C SER C 612 -31.04 -12.68 33.34
N ASN C 613 -31.45 -11.41 33.31
CA ASN C 613 -32.84 -11.03 33.51
C ASN C 613 -33.64 -11.05 32.21
N GLN C 614 -33.05 -11.51 31.11
CA GLN C 614 -33.66 -11.48 29.79
C GLN C 614 -33.49 -12.82 29.10
N SER C 615 -33.75 -13.90 29.85
CA SER C 615 -33.67 -15.24 29.29
C SER C 615 -34.71 -16.12 29.97
N ILE C 616 -35.05 -17.23 29.31
CA ILE C 616 -36.12 -18.11 29.76
C ILE C 616 -35.61 -19.54 29.72
N LYS C 617 -35.87 -20.29 30.78
CA LYS C 617 -35.45 -21.68 30.80
C LYS C 617 -36.20 -22.50 29.77
N VAL C 618 -35.56 -23.56 29.29
CA VAL C 618 -36.16 -24.52 28.38
C VAL C 618 -35.67 -25.90 28.81
N ARG C 619 -36.56 -26.66 29.46
CA ARG C 619 -36.10 -27.85 30.17
C ARG C 619 -37.02 -29.06 29.98
N ILE C 620 -38.07 -28.94 29.17
CA ILE C 620 -39.07 -30.01 29.08
C ILE C 620 -38.35 -31.34 28.87
N SER C 621 -38.59 -32.28 29.79
CA SER C 621 -37.96 -33.59 29.71
C SER C 621 -38.65 -34.44 28.67
N LEU C 622 -38.55 -34.02 27.40
CA LEU C 622 -39.27 -34.70 26.33
C LEU C 622 -38.82 -36.15 26.17
N LYS C 623 -37.50 -36.38 26.24
CA LYS C 623 -36.98 -37.73 26.02
C LYS C 623 -37.29 -38.63 27.21
N SER C 624 -36.77 -38.28 28.39
CA SER C 624 -36.90 -39.16 29.55
C SER C 624 -38.35 -39.38 29.97
N ALA C 625 -39.24 -38.43 29.66
CA ALA C 625 -40.63 -38.57 30.07
C ALA C 625 -41.31 -39.77 29.43
N LEU C 626 -41.10 -39.99 28.13
CA LEU C 626 -41.76 -41.09 27.43
C LEU C 626 -40.75 -42.13 26.95
N GLY C 627 -39.76 -41.69 26.17
CA GLY C 627 -38.72 -42.59 25.70
C GLY C 627 -38.84 -42.94 24.22
N GLU C 628 -40.07 -43.08 23.73
CA GLU C 628 -40.30 -43.48 22.36
C GLU C 628 -40.33 -42.27 21.42
N LYS C 629 -39.81 -42.46 20.21
CA LYS C 629 -39.76 -41.46 19.14
C LYS C 629 -38.77 -40.35 19.43
N ALA C 630 -38.10 -40.35 20.59
CA ALA C 630 -37.10 -39.36 20.93
C ALA C 630 -35.78 -40.05 21.21
N TYR C 631 -34.69 -39.29 21.08
CA TYR C 631 -33.34 -39.82 21.27
C TYR C 631 -32.50 -38.80 22.02
N GLU C 632 -31.36 -39.26 22.53
CA GLU C 632 -30.46 -38.39 23.24
C GLU C 632 -29.99 -37.25 22.35
N TRP C 633 -29.69 -36.12 22.98
CA TRP C 633 -29.22 -34.95 22.23
C TRP C 633 -27.88 -35.27 21.58
N ASN C 634 -27.79 -35.04 20.27
CA ASN C 634 -26.61 -35.38 19.49
C ASN C 634 -26.08 -34.16 18.77
N GLU C 635 -26.19 -32.98 19.39
CA GLU C 635 -25.69 -31.74 18.83
C GLU C 635 -26.31 -31.41 17.48
N ASN C 636 -27.34 -32.13 17.08
CA ASN C 636 -27.99 -31.93 15.79
C ASN C 636 -29.40 -31.40 15.93
N GLU C 637 -30.27 -32.08 16.67
CA GLU C 637 -31.59 -31.56 16.96
C GLU C 637 -31.55 -30.13 17.46
N MET C 638 -30.43 -29.70 18.05
CA MET C 638 -30.27 -28.28 18.33
C MET C 638 -30.52 -27.45 17.09
N TYR C 639 -30.07 -27.94 15.93
CA TYR C 639 -30.33 -27.27 14.67
C TYR C 639 -31.83 -27.16 14.41
N LEU C 640 -32.56 -28.26 14.64
CA LEU C 640 -34.00 -28.23 14.43
C LEU C 640 -34.65 -27.20 15.34
N PHE C 641 -34.25 -27.17 16.60
CA PHE C 641 -34.80 -26.20 17.55
C PHE C 641 -34.50 -24.78 17.10
N GLN C 642 -33.26 -24.54 16.67
CA GLN C 642 -32.89 -23.20 16.20
C GLN C 642 -33.77 -22.76 15.05
N SER C 643 -33.90 -23.61 14.03
CA SER C 643 -34.71 -23.23 12.88
C SER C 643 -36.16 -23.03 13.27
N SER C 644 -36.68 -23.92 14.13
CA SER C 644 -38.09 -23.84 14.51
C SER C 644 -38.39 -22.54 15.24
N VAL C 645 -37.58 -22.20 16.24
CA VAL C 645 -37.83 -20.96 16.97
C VAL C 645 -37.61 -19.75 16.07
N ALA C 646 -36.65 -19.81 15.15
CA ALA C 646 -36.47 -18.70 14.22
C ALA C 646 -37.72 -18.51 13.37
N TYR C 647 -38.31 -19.61 12.90
CA TYR C 647 -39.55 -19.53 12.12
C TYR C 647 -40.68 -18.96 12.97
N ALA C 648 -40.76 -19.37 14.23
CA ALA C 648 -41.82 -18.86 15.10
C ALA C 648 -41.68 -17.36 15.27
N MET C 649 -40.47 -16.87 15.49
CA MET C 649 -40.26 -15.43 15.62
C MET C 649 -40.59 -14.73 14.30
N ARG C 650 -40.20 -15.32 13.18
CA ARG C 650 -40.51 -14.74 11.87
C ARG C 650 -42.00 -14.52 11.73
N VAL C 651 -42.80 -15.56 11.97
CA VAL C 651 -44.24 -15.42 11.78
C VAL C 651 -44.84 -14.52 12.84
N TYR C 652 -44.29 -14.50 14.05
CA TYR C 652 -44.80 -13.59 15.06
C TYR C 652 -44.65 -12.14 14.62
N PHE C 653 -43.48 -11.80 14.05
CA PHE C 653 -43.31 -10.43 13.56
C PHE C 653 -44.18 -10.17 12.35
N LEU C 654 -44.27 -11.12 11.42
CA LEU C 654 -44.99 -10.87 10.18
C LEU C 654 -46.50 -10.81 10.38
N LYS C 655 -47.03 -11.48 11.39
CA LYS C 655 -48.48 -11.59 11.52
C LYS C 655 -49.12 -10.24 11.83
N ALA C 656 -48.51 -9.46 12.71
CA ALA C 656 -49.08 -8.16 13.08
C ALA C 656 -48.12 -7.00 12.92
N LYS C 657 -46.84 -7.20 13.23
CA LYS C 657 -45.90 -6.08 13.16
C LYS C 657 -45.68 -5.64 11.72
N ASN C 658 -45.78 -6.57 10.76
CA ASN C 658 -45.68 -6.25 9.33
C ASN C 658 -44.31 -5.65 9.00
N GLU C 659 -43.27 -6.46 9.24
CA GLU C 659 -41.91 -6.12 8.87
C GLU C 659 -41.21 -7.36 8.30
N SER C 660 -40.13 -7.11 7.57
CA SER C 660 -39.38 -8.16 6.89
C SER C 660 -38.01 -8.26 7.54
N ILE C 661 -37.88 -9.17 8.51
CA ILE C 661 -36.61 -9.42 9.19
C ILE C 661 -36.20 -10.85 8.87
N PRO C 662 -35.34 -11.08 7.87
CA PRO C 662 -34.95 -12.45 7.54
C PRO C 662 -34.11 -13.10 8.62
N PHE C 663 -34.76 -13.53 9.70
CA PHE C 663 -34.06 -14.16 10.80
C PHE C 663 -33.25 -15.35 10.30
N ARG C 664 -32.00 -15.42 10.74
CA ARG C 664 -31.07 -16.45 10.31
C ARG C 664 -31.12 -17.64 11.26
N ALA C 665 -30.30 -18.65 10.99
CA ALA C 665 -30.14 -19.75 11.93
C ALA C 665 -29.27 -19.33 13.11
N GLU C 666 -28.18 -18.61 12.84
CA GLU C 666 -27.25 -18.17 13.87
C GLU C 666 -27.80 -16.92 14.56
N ASP C 667 -28.96 -17.10 15.20
CA ASP C 667 -29.61 -16.02 15.91
C ASP C 667 -30.17 -16.43 17.26
N VAL C 668 -29.88 -17.65 17.72
CA VAL C 668 -30.30 -18.11 19.03
C VAL C 668 -29.07 -18.61 19.77
N ARG C 669 -28.87 -18.12 21.00
CA ARG C 669 -27.64 -18.33 21.74
C ARG C 669 -27.82 -19.48 22.71
N VAL C 670 -27.15 -20.61 22.42
CA VAL C 670 -27.14 -21.74 23.34
C VAL C 670 -26.25 -21.41 24.52
N SER C 671 -26.63 -21.90 25.70
CA SER C 671 -25.93 -21.58 26.93
C SER C 671 -25.50 -22.84 27.68
N ASP C 672 -25.03 -22.67 28.90
CA ASP C 672 -24.52 -23.78 29.69
C ASP C 672 -25.34 -25.05 29.48
N GLU C 673 -24.63 -26.19 29.48
CA GLU C 673 -25.22 -27.47 29.11
C GLU C 673 -24.83 -28.52 30.13
N LYS C 674 -25.72 -29.50 30.30
CA LYS C 674 -25.44 -30.67 31.13
C LYS C 674 -25.91 -31.98 30.53
N LYS C 675 -26.50 -31.97 29.34
CA LYS C 675 -27.15 -33.14 28.74
C LYS C 675 -28.40 -33.55 29.51
N ARG C 676 -28.74 -32.79 30.56
CA ARG C 676 -29.88 -33.09 31.42
C ARG C 676 -31.13 -32.33 30.98
N VAL C 677 -31.28 -32.11 29.68
CA VAL C 677 -32.46 -31.49 29.09
C VAL C 677 -32.82 -30.21 29.84
N SER C 678 -31.83 -29.35 30.06
CA SER C 678 -32.05 -28.05 30.67
C SER C 678 -31.02 -27.06 30.13
N PHE C 679 -31.47 -25.85 29.79
CA PHE C 679 -30.58 -24.80 29.33
C PHE C 679 -31.40 -23.53 29.11
N LYS C 680 -30.69 -22.45 28.80
CA LYS C 680 -31.29 -21.14 28.56
C LYS C 680 -30.89 -20.65 27.18
N PHE C 681 -31.43 -19.49 26.81
CA PHE C 681 -31.03 -18.81 25.58
C PHE C 681 -31.77 -17.47 25.51
N PHE C 682 -31.39 -16.67 24.52
CA PHE C 682 -32.17 -15.51 24.12
C PHE C 682 -31.91 -15.26 22.64
N VAL C 683 -32.79 -14.51 22.02
CA VAL C 683 -32.69 -14.24 20.59
C VAL C 683 -32.06 -12.87 20.39
N THR C 684 -31.44 -12.67 19.22
CA THR C 684 -30.74 -11.45 18.90
C THR C 684 -31.09 -10.99 17.49
N SER C 685 -31.05 -9.67 17.28
CA SER C 685 -31.38 -9.12 15.98
C SER C 685 -30.34 -9.54 14.95
N PRO C 686 -30.72 -9.63 13.67
CA PRO C 686 -29.76 -10.12 12.67
C PRO C 686 -28.51 -9.27 12.55
N THR C 687 -28.61 -7.94 12.66
CA THR C 687 -27.51 -7.04 12.34
C THR C 687 -27.38 -5.92 13.36
N ASN C 688 -27.48 -6.24 14.64
CA ASN C 688 -27.17 -5.27 15.70
C ASN C 688 -26.30 -5.82 16.81
N MET C 689 -26.23 -7.14 17.00
CA MET C 689 -25.33 -7.73 17.98
C MET C 689 -25.63 -7.28 19.39
N SER C 690 -26.77 -6.61 19.59
CA SER C 690 -27.18 -6.12 20.91
C SER C 690 -28.70 -6.17 20.95
N ASP C 691 -29.24 -7.26 21.50
CA ASP C 691 -30.67 -7.52 21.44
C ASP C 691 -31.44 -6.73 22.50
N ILE C 692 -32.70 -6.44 22.19
CA ILE C 692 -33.66 -5.97 23.18
C ILE C 692 -34.75 -7.02 23.40
N ILE C 693 -35.54 -7.30 22.37
CA ILE C 693 -36.39 -8.49 22.28
C ILE C 693 -36.87 -8.95 23.65
N PRO C 694 -37.67 -8.15 24.35
CA PRO C 694 -38.06 -8.52 25.71
C PRO C 694 -38.66 -9.92 25.80
N ARG C 695 -38.73 -10.42 27.04
CA ARG C 695 -39.23 -11.77 27.28
C ARG C 695 -40.64 -11.95 26.72
N SER C 696 -41.49 -10.93 26.85
CA SER C 696 -42.90 -11.08 26.51
C SER C 696 -43.08 -11.47 25.04
N GLU C 697 -42.34 -10.81 24.15
CA GLU C 697 -42.53 -11.05 22.72
C GLU C 697 -42.18 -12.49 22.35
N VAL C 698 -41.00 -12.95 22.76
CA VAL C 698 -40.58 -14.30 22.42
C VAL C 698 -41.50 -15.32 23.09
N GLU C 699 -41.95 -15.04 24.31
CA GLU C 699 -42.87 -15.95 24.98
C GLU C 699 -44.17 -16.10 24.21
N ASP C 700 -44.73 -14.97 23.76
CA ASP C 700 -45.95 -15.03 22.96
C ASP C 700 -45.72 -15.79 21.67
N ALA C 701 -44.59 -15.53 21.00
CA ALA C 701 -44.32 -16.18 19.73
C ALA C 701 -44.22 -17.69 19.91
N ILE C 702 -43.50 -18.14 20.94
CA ILE C 702 -43.36 -19.57 21.14
C ILE C 702 -44.68 -20.21 21.57
N ARG C 703 -45.48 -19.51 22.38
CA ARG C 703 -46.77 -20.06 22.77
C ARG C 703 -47.70 -20.19 21.57
N MET C 704 -47.62 -19.26 20.62
CA MET C 704 -48.52 -19.30 19.48
C MET C 704 -48.37 -20.60 18.71
N SER C 705 -47.13 -21.03 18.49
CA SER C 705 -46.89 -22.19 17.64
C SER C 705 -47.49 -23.44 18.26
N ARG C 706 -47.36 -24.55 17.53
CA ARG C 706 -48.04 -25.79 17.87
C ARG C 706 -47.04 -26.93 17.72
N SER C 707 -47.54 -28.17 17.69
CA SER C 707 -46.70 -29.36 17.67
C SER C 707 -45.77 -29.43 16.47
N ARG C 708 -45.82 -28.42 15.59
CA ARG C 708 -44.85 -28.38 14.49
C ARG C 708 -43.43 -28.41 15.00
N ILE C 709 -43.20 -27.98 16.24
CA ILE C 709 -41.87 -27.92 16.82
C ILE C 709 -41.69 -29.07 17.81
N ASN C 710 -42.58 -29.16 18.79
CA ASN C 710 -42.45 -30.15 19.85
C ASN C 710 -43.83 -30.57 20.34
N GLN D 389 77.47 20.27 30.23
CA GLN D 389 76.65 20.11 28.99
C GLN D 389 75.38 20.91 29.19
N GLU D 390 74.59 21.04 28.13
CA GLU D 390 73.35 21.80 28.22
C GLU D 390 72.18 20.84 28.23
N CYS D 391 71.31 20.98 29.23
CA CYS D 391 70.16 20.10 29.39
C CYS D 391 69.18 20.42 28.26
N ASP D 392 69.54 19.95 27.07
CA ASP D 392 68.77 20.17 25.86
C ASP D 392 68.15 18.85 25.40
N PHE D 393 66.93 18.93 24.89
CA PHE D 393 66.23 17.78 24.37
C PHE D 393 65.90 18.00 22.89
N THR D 394 66.88 18.52 22.15
CA THR D 394 66.66 18.82 20.74
C THR D 394 66.12 17.62 19.96
N PRO D 395 66.64 16.39 20.13
CA PRO D 395 66.18 15.30 19.26
C PRO D 395 64.74 14.86 19.52
N MET D 396 64.03 15.55 20.42
CA MET D 396 62.62 15.23 20.62
C MET D 396 61.81 15.52 19.36
N LEU D 397 62.11 16.63 18.68
CA LEU D 397 61.45 16.96 17.42
C LEU D 397 62.02 16.10 16.29
N THR D 398 61.74 14.80 16.39
CA THR D 398 62.27 13.81 15.46
C THR D 398 61.19 13.13 14.62
N GLY D 399 60.10 12.68 15.24
CA GLY D 399 59.06 11.99 14.50
C GLY D 399 57.86 11.58 15.32
N THR D 400 57.38 10.36 15.11
CA THR D 400 56.17 9.90 15.76
C THR D 400 56.38 9.75 17.26
N PRO D 401 55.50 10.28 18.10
CA PRO D 401 55.64 10.08 19.55
C PRO D 401 55.27 8.66 19.93
N PRO D 402 55.65 8.21 21.13
CA PRO D 402 55.32 6.85 21.55
C PRO D 402 53.82 6.63 21.57
N PRO D 403 53.34 5.47 21.13
CA PRO D 403 51.88 5.23 21.11
C PRO D 403 51.34 4.74 22.46
N TYR D 405 51.16 3.07 25.02
CA TYR D 405 51.71 1.95 25.77
C TYR D 405 53.24 2.01 25.82
N ASN D 406 53.88 2.37 24.71
CA ASN D 406 55.32 2.52 24.71
C ASN D 406 55.74 3.70 25.58
N PHE D 407 56.95 3.61 26.12
CA PHE D 407 57.47 4.62 27.03
C PHE D 407 58.97 4.75 26.84
N LYS D 408 59.56 5.73 27.53
CA LYS D 408 61.00 5.96 27.44
C LYS D 408 61.44 6.77 28.66
N ARG D 409 62.76 6.83 28.85
CA ARG D 409 63.36 7.50 30.00
C ARG D 409 64.41 8.48 29.51
N LEU D 410 64.29 9.74 29.93
CA LEU D 410 65.24 10.79 29.59
C LEU D 410 65.72 11.48 30.86
N VAL D 411 67.04 11.62 30.99
CA VAL D 411 67.65 12.25 32.16
C VAL D 411 68.91 12.97 31.70
N PHE D 412 69.32 13.96 32.48
CA PHE D 412 70.49 14.79 32.17
C PHE D 412 71.34 14.97 33.43
N THR D 413 72.40 15.76 33.30
CA THR D 413 73.37 15.98 34.36
C THR D 413 73.55 17.49 34.59
N ASN D 414 74.56 17.83 35.39
CA ASN D 414 74.84 19.24 35.68
C ASN D 414 74.95 20.02 34.39
N CYS D 415 74.25 21.15 34.33
CA CYS D 415 73.98 21.84 33.06
C CYS D 415 73.47 23.24 33.37
N ASN D 416 72.97 23.90 32.34
CA ASN D 416 72.20 25.14 32.46
C ASN D 416 71.00 25.03 31.52
N TYR D 417 69.88 25.63 31.94
CA TYR D 417 68.68 25.63 31.12
C TYR D 417 68.00 26.98 31.26
N ASN D 418 67.58 27.54 30.12
CA ASN D 418 66.95 28.85 30.07
C ASN D 418 65.44 28.70 30.01
N LEU D 419 64.73 29.64 30.64
CA LEU D 419 63.28 29.65 30.58
C LEU D 419 62.77 30.20 29.25
N THR D 420 63.60 30.97 28.53
CA THR D 420 63.16 31.53 27.25
C THR D 420 62.85 30.42 26.25
N LYS D 421 63.77 29.46 26.11
CA LYS D 421 63.51 28.35 25.20
C LYS D 421 62.33 27.50 25.68
N LEU D 422 62.20 27.32 27.00
CA LEU D 422 61.06 26.57 27.52
C LEU D 422 59.74 27.24 27.12
N LEU D 423 59.66 28.55 27.25
CA LEU D 423 58.46 29.27 26.83
C LEU D 423 58.26 29.16 25.33
N SER D 424 59.33 29.31 24.55
CA SER D 424 59.22 29.23 23.10
C SER D 424 58.88 27.84 22.61
N LEU D 425 59.00 26.82 23.47
CA LEU D 425 58.70 25.46 23.04
C LEU D 425 57.29 25.35 22.49
N PHE D 426 56.32 25.91 23.20
CA PHE D 426 54.92 25.79 22.80
C PHE D 426 54.11 26.81 23.56
N GLN D 427 52.96 27.18 23.00
CA GLN D 427 52.11 28.22 23.57
C GLN D 427 51.45 27.80 24.88
N SER D 429 48.73 25.34 25.75
CA SER D 429 47.28 25.45 25.69
C SER D 429 46.67 25.39 27.10
N GLU D 430 47.15 24.47 27.93
CA GLU D 430 46.71 24.37 29.31
C GLU D 430 47.78 23.65 30.11
N PHE D 431 48.07 24.16 31.30
CA PHE D 431 49.05 23.55 32.20
C PHE D 431 48.44 23.44 33.59
N SER D 432 48.68 22.30 34.24
CA SER D 432 48.19 22.05 35.58
C SER D 432 49.31 21.42 36.40
N CYS D 433 49.76 22.11 37.43
CA CYS D 433 50.82 21.63 38.30
C CYS D 433 50.25 21.23 39.65
N HIS D 434 50.91 20.25 40.28
CA HIS D 434 50.46 19.69 41.55
C HIS D 434 50.84 20.66 42.67
N GLN D 435 50.04 21.71 42.79
CA GLN D 435 50.21 22.74 43.83
C GLN D 435 51.65 23.26 43.87
N VAL D 436 52.29 23.38 42.71
CA VAL D 436 53.64 23.92 42.60
C VAL D 436 53.62 24.99 41.51
N SER D 437 54.08 26.18 41.86
CA SER D 437 54.09 27.28 40.90
C SER D 437 55.16 27.04 39.85
N PRO D 438 54.83 27.11 38.55
CA PRO D 438 55.89 26.96 37.54
C PRO D 438 56.99 27.98 37.67
N SER D 439 56.67 29.21 38.11
CA SER D 439 57.70 30.23 38.25
C SER D 439 58.75 29.83 39.27
N SER D 440 58.32 29.26 40.40
CA SER D 440 59.26 28.84 41.43
C SER D 440 60.22 27.77 40.92
N LEU D 441 59.86 27.07 39.85
CA LEU D 441 60.71 26.02 39.29
C LEU D 441 61.86 26.58 38.46
N ALA D 442 61.88 27.88 38.19
CA ALA D 442 62.91 28.48 37.36
C ALA D 442 64.22 28.70 38.10
N THR D 443 64.25 28.47 39.41
CA THR D 443 65.46 28.68 40.21
C THR D 443 65.76 27.42 41.01
N GLY D 444 67.05 27.17 41.22
CA GLY D 444 67.48 26.03 42.00
C GLY D 444 67.83 24.82 41.15
N CYS D 445 68.98 24.22 41.42
CA CYS D 445 69.42 23.02 40.73
C CYS D 445 69.22 21.82 41.66
N TYR D 446 68.50 20.82 41.19
CA TYR D 446 68.18 19.68 42.03
C TYR D 446 67.84 18.47 41.16
N SER D 447 67.58 17.34 41.83
CA SER D 447 67.92 16.01 41.32
C SER D 447 67.70 15.79 39.83
N SER D 448 66.46 15.95 39.35
CA SER D 448 66.20 15.64 37.95
C SER D 448 64.78 16.04 37.59
N LEU D 449 64.55 16.13 36.29
CA LEU D 449 63.22 16.32 35.73
C LEU D 449 62.72 15.02 35.11
N THR D 450 61.44 15.01 34.74
CA THR D 450 60.81 13.85 34.10
C THR D 450 59.99 14.36 32.91
N VAL D 451 60.61 14.43 31.75
CA VAL D 451 59.97 14.92 30.54
C VAL D 451 59.54 13.72 29.69
N ASP D 452 58.26 13.66 29.35
CA ASP D 452 57.72 12.65 28.46
C ASP D 452 56.52 13.23 27.72
N TYR D 453 56.41 12.85 26.45
CA TYR D 453 55.36 13.35 25.56
C TYR D 453 54.59 12.17 24.99
N PHE D 454 53.26 12.25 25.07
CA PHE D 454 52.39 11.14 24.69
C PHE D 454 51.27 11.66 23.82
N ALA D 455 51.10 11.03 22.65
CA ALA D 455 49.99 11.38 21.77
C ALA D 455 48.66 11.14 22.49
N TYR D 456 47.73 12.08 22.34
CA TYR D 456 46.51 12.05 23.13
C TYR D 456 45.46 12.95 22.50
N SER D 457 44.27 13.02 23.08
CA SER D 457 43.20 13.85 22.55
C SER D 457 42.72 14.80 23.63
N THR D 458 42.23 15.97 23.20
CA THR D 458 41.85 17.00 24.14
C THR D 458 40.67 16.59 25.00
N ASP D 459 39.62 16.04 24.39
CA ASP D 459 38.40 15.75 25.13
C ASP D 459 38.63 14.71 26.23
N MET D 460 39.42 13.66 25.93
CA MET D 460 39.71 12.66 26.95
C MET D 460 40.54 13.23 28.09
N SER D 461 41.13 14.42 27.92
CA SER D 461 41.87 15.02 29.01
C SER D 461 41.00 15.27 30.23
N SER D 462 39.69 15.42 30.04
CA SER D 462 38.78 15.51 31.18
C SER D 462 38.84 14.24 32.01
N TYR D 463 38.84 13.08 31.36
CA TYR D 463 38.99 11.81 32.05
C TYR D 463 40.41 11.55 32.50
N LEU D 464 41.39 12.30 31.97
CA LEU D 464 42.77 12.13 32.41
C LEU D 464 42.88 12.30 33.93
N GLN D 465 42.20 13.29 34.49
CA GLN D 465 42.26 13.52 35.92
C GLN D 465 41.80 12.25 36.66
N PRO D 466 42.58 11.75 37.62
CA PRO D 466 42.16 10.51 38.31
C PRO D 466 40.97 10.73 39.22
N GLY D 467 39.80 10.32 38.76
CA GLY D 467 38.59 10.38 39.56
C GLY D 467 37.70 9.19 39.33
N SER D 468 38.20 8.20 38.60
CA SER D 468 37.45 7.00 38.27
C SER D 468 38.41 5.88 37.95
N ALA D 469 37.88 4.67 37.84
CA ALA D 469 38.67 3.48 37.56
C ALA D 469 38.65 3.12 36.08
N GLY D 470 38.58 4.13 35.20
CA GLY D 470 38.58 3.86 33.78
C GLY D 470 39.83 3.13 33.34
N ALA D 471 39.72 2.46 32.19
CA ALA D 471 40.80 1.62 31.70
C ALA D 471 42.09 2.39 31.44
N ILE D 472 42.03 3.71 31.32
CA ILE D 472 43.22 4.48 30.98
C ILE D 472 44.33 4.28 32.00
N VAL D 473 44.00 4.03 33.26
CA VAL D 473 44.97 3.98 34.34
C VAL D 473 45.39 2.55 34.66
N GLN D 474 44.44 1.64 34.86
CA GLN D 474 44.78 0.27 35.23
C GLN D 474 45.07 -0.63 34.04
N PHE D 475 44.59 -0.28 32.84
CA PHE D 475 44.82 -1.08 31.65
C PHE D 475 45.60 -0.34 30.59
N ASN D 476 46.08 0.86 30.88
CA ASN D 476 46.87 1.64 29.92
C ASN D 476 47.95 2.37 30.71
N TYR D 477 48.59 3.36 30.08
CA TYR D 477 49.68 4.08 30.72
C TYR D 477 49.31 4.48 32.14
N LYS D 478 50.14 4.06 33.09
CA LYS D 478 49.92 4.40 34.49
C LYS D 478 49.93 5.90 34.68
N GLN D 479 49.00 6.39 35.50
CA GLN D 479 49.01 7.81 35.90
C GLN D 479 49.79 7.93 37.21
N ASP D 480 51.09 7.68 37.09
CA ASP D 480 51.95 7.59 38.27
C ASP D 480 51.89 8.88 39.07
N PHE D 481 51.79 8.72 40.39
CA PHE D 481 51.74 9.83 41.33
C PHE D 481 53.03 9.84 42.15
N SER D 482 53.69 10.99 42.19
CA SER D 482 54.96 11.11 42.87
C SER D 482 55.12 12.56 43.34
N ASN D 483 56.35 12.93 43.66
CA ASN D 483 56.70 14.32 43.91
C ASN D 483 55.93 15.22 42.96
N PRO D 484 55.31 16.32 43.45
CA PRO D 484 54.49 17.18 42.58
C PRO D 484 55.04 17.37 41.17
N THR D 485 54.16 17.15 40.20
CA THR D 485 54.44 17.15 38.78
C THR D 485 53.56 18.18 38.08
N CYS D 486 53.65 18.22 36.75
CA CYS D 486 52.85 19.15 35.95
C CYS D 486 52.36 18.45 34.70
N ARG D 487 51.09 18.69 34.36
CA ARG D 487 50.47 18.13 33.17
C ARG D 487 50.15 19.27 32.21
N VAL D 488 50.48 19.08 30.94
CA VAL D 488 50.32 20.10 29.92
C VAL D 488 49.69 19.48 28.69
N LEU D 489 48.75 20.21 28.08
CA LEU D 489 48.11 19.80 26.83
C LEU D 489 48.65 20.63 25.69
N ALA D 490 48.75 20.02 24.51
CA ALA D 490 49.32 20.70 23.36
C ALA D 490 48.68 20.18 22.06
N THR D 491 48.62 21.07 21.08
CA THR D 491 48.19 20.76 19.71
C THR D 491 49.30 21.25 18.79
N VAL D 492 50.21 20.36 18.43
CA VAL D 492 51.45 20.75 17.75
C VAL D 492 51.15 21.31 16.37
N PRO D 493 51.69 22.48 16.01
CA PRO D 493 51.52 22.99 14.64
C PRO D 493 52.42 22.28 13.65
N GLN D 494 52.40 22.77 12.41
CA GLN D 494 53.13 22.16 11.31
C GLN D 494 54.43 22.88 10.97
N ASN D 495 54.88 23.82 11.81
CA ASN D 495 56.07 24.60 11.48
C ASN D 495 57.28 23.70 11.27
N LEU D 496 57.56 22.82 12.24
CA LEU D 496 58.68 21.89 12.13
C LEU D 496 58.16 20.59 11.53
N THR D 497 58.45 20.38 10.25
CA THR D 497 57.96 19.20 9.54
C THR D 497 58.66 17.92 9.98
N THR D 498 59.73 18.02 10.78
CA THR D 498 60.41 16.81 11.24
C THR D 498 59.46 15.90 12.02
N ILE D 499 58.49 16.49 12.72
CA ILE D 499 57.54 15.68 13.47
C ILE D 499 56.62 14.97 12.50
N THR D 500 56.49 13.66 12.67
CA THR D 500 55.70 12.84 11.75
C THR D 500 54.36 12.49 12.37
N LYS D 501 53.29 12.76 11.64
CA LYS D 501 51.95 12.48 12.14
C LYS D 501 51.69 10.97 12.12
N PRO D 502 51.35 10.36 13.25
CA PRO D 502 51.06 8.92 13.24
C PRO D 502 49.78 8.61 12.47
N SER D 503 49.71 7.38 11.96
CA SER D 503 48.54 6.96 11.20
C SER D 503 47.28 7.02 12.05
N ASN D 504 47.26 6.28 13.17
CA ASN D 504 46.11 6.25 14.06
C ASN D 504 46.60 6.05 15.49
N TYR D 505 45.80 6.54 16.43
CA TYR D 505 46.08 6.34 17.85
C TYR D 505 45.72 4.92 18.27
N ALA D 506 46.28 4.50 19.40
CA ALA D 506 46.00 3.16 19.91
C ALA D 506 46.22 3.16 21.42
N TYR D 507 45.18 2.82 22.18
CA TYR D 507 45.27 2.63 23.61
C TYR D 507 44.66 1.28 23.97
N LEU D 508 45.28 0.58 24.91
CA LEU D 508 44.84 -0.74 25.27
C LEU D 508 43.46 -0.69 25.93
N THR D 509 42.71 -1.79 25.79
CA THR D 509 41.42 -1.93 26.44
C THR D 509 41.38 -3.10 27.41
N GLU D 510 41.90 -4.27 27.02
CA GLU D 510 41.92 -5.44 27.88
C GLU D 510 43.17 -6.25 27.59
N CYS D 511 44.12 -6.25 28.52
CA CYS D 511 45.22 -7.20 28.53
C CYS D 511 45.17 -7.95 29.86
N TYR D 512 45.07 -9.27 29.79
CA TYR D 512 44.79 -10.05 30.99
C TYR D 512 45.45 -11.43 30.89
N LYS D 513 45.51 -12.10 32.03
CA LYS D 513 46.11 -13.42 32.17
C LYS D 513 44.98 -14.43 32.22
N THR D 514 44.73 -15.12 31.09
CA THR D 514 43.60 -16.02 31.01
C THR D 514 43.73 -17.14 32.03
N SER D 515 42.59 -17.55 32.61
CA SER D 515 42.57 -18.60 33.61
C SER D 515 41.36 -19.50 33.41
N ALA D 516 41.05 -20.34 34.41
CA ALA D 516 39.96 -21.29 34.27
C ALA D 516 38.60 -20.62 34.49
N TYR D 517 38.37 -20.08 35.69
CA TYR D 517 37.08 -19.46 36.00
C TYR D 517 37.00 -18.06 35.41
N GLY D 518 37.87 -17.17 35.86
CA GLY D 518 37.97 -15.82 35.36
C GLY D 518 39.11 -15.67 34.38
N LYS D 519 39.66 -14.45 34.30
CA LYS D 519 40.80 -14.20 33.42
C LYS D 519 41.83 -13.26 34.05
N ASN D 520 41.81 -13.08 35.36
CA ASN D 520 42.88 -12.40 36.09
C ASN D 520 43.10 -10.97 35.57
N TYR D 521 42.09 -10.14 35.83
CA TYR D 521 42.13 -8.73 35.43
C TYR D 521 43.18 -8.01 36.28
N LEU D 522 44.45 -8.28 35.98
CA LEU D 522 45.54 -7.59 36.66
C LEU D 522 45.51 -6.10 36.30
N TYR D 523 45.95 -5.29 37.24
CA TYR D 523 45.93 -3.83 37.11
C TYR D 523 47.34 -3.28 37.08
N ASN D 524 47.51 -2.16 36.37
CA ASN D 524 48.80 -1.49 36.30
C ASN D 524 49.15 -0.90 37.66
N ALA D 525 50.44 -0.73 37.89
CA ALA D 525 50.97 -0.19 39.14
C ALA D 525 51.98 0.90 38.83
N PRO D 526 52.21 1.81 39.77
CA PRO D 526 53.23 2.86 39.53
C PRO D 526 54.59 2.25 39.24
N GLY D 527 55.32 2.90 38.34
CA GLY D 527 56.64 2.42 37.96
C GLY D 527 56.62 1.06 37.29
N ALA D 528 55.61 0.78 36.47
CA ALA D 528 55.49 -0.50 35.79
C ALA D 528 55.36 -0.35 34.28
N TYR D 529 54.61 0.65 33.80
CA TYR D 529 54.48 0.94 32.37
C TYR D 529 53.91 -0.26 31.61
N THR D 530 52.66 -0.61 31.96
CA THR D 530 51.91 -1.63 31.23
C THR D 530 52.71 -2.92 31.10
N PRO D 531 52.89 -3.69 32.18
CA PRO D 531 53.73 -4.89 32.11
C PRO D 531 53.29 -5.90 31.06
N CYS D 532 52.08 -5.80 30.54
CA CYS D 532 51.60 -6.79 29.58
C CYS D 532 52.55 -6.89 28.39
N LEU D 533 52.67 -5.82 27.62
CA LEU D 533 53.63 -5.74 26.52
C LEU D 533 53.70 -7.04 25.73
N SER D 534 54.90 -7.50 25.39
CA SER D 534 55.12 -8.79 24.72
C SER D 534 54.40 -8.77 23.39
N LEU D 535 53.37 -9.59 23.17
CA LEU D 535 52.73 -9.68 21.86
C LEU D 535 52.03 -8.40 21.44
N ALA D 536 51.83 -7.45 22.36
CA ALA D 536 51.25 -6.17 21.98
C ALA D 536 52.09 -5.45 20.93
N SER D 537 53.38 -5.79 20.83
CA SER D 537 54.24 -5.21 19.81
C SER D 537 53.83 -5.60 18.40
N ARG D 538 52.99 -6.63 18.25
CA ARG D 538 52.61 -7.06 16.90
C ARG D 538 51.90 -5.95 16.15
N GLY D 539 51.01 -5.23 16.81
CA GLY D 539 50.29 -4.13 16.21
C GLY D 539 48.79 -4.40 16.12
N PHE D 540 48.05 -3.34 15.80
CA PHE D 540 46.60 -3.39 15.70
C PHE D 540 46.18 -2.92 14.32
N SER D 541 45.19 -3.60 13.74
CA SER D 541 44.79 -3.32 12.37
C SER D 541 43.29 -3.04 12.26
N THR D 542 42.49 -3.72 13.07
CA THR D 542 41.03 -3.66 12.95
C THR D 542 40.43 -3.20 14.27
N LYS D 543 39.15 -2.82 14.21
CA LYS D 543 38.42 -2.44 15.40
C LYS D 543 38.33 -3.61 16.36
N TYR D 544 38.64 -3.35 17.64
CA TYR D 544 38.62 -4.38 18.66
C TYR D 544 39.47 -5.58 18.26
N GLN D 545 40.58 -5.31 17.57
CA GLN D 545 41.48 -6.37 17.16
C GLN D 545 42.01 -7.09 18.40
N SER D 546 42.08 -8.42 18.30
CA SER D 546 42.46 -9.25 19.44
C SER D 546 43.43 -10.33 18.99
N HIS D 547 44.43 -10.60 19.82
CA HIS D 547 45.33 -11.72 19.61
C HIS D 547 45.90 -12.15 20.95
N SER D 548 46.15 -13.45 21.09
CA SER D 548 46.68 -14.04 22.30
C SER D 548 47.86 -14.93 21.96
N ASP D 549 48.84 -14.98 22.86
CA ASP D 549 50.01 -15.82 22.71
C ASP D 549 50.28 -16.53 24.03
N GLY D 550 50.68 -17.80 23.93
CA GLY D 550 50.79 -18.62 25.12
C GLY D 550 49.44 -18.68 25.82
N GLU D 551 49.33 -17.99 26.95
CA GLU D 551 48.02 -17.77 27.57
C GLU D 551 47.90 -16.32 28.05
N LEU D 552 48.48 -15.40 27.31
CA LEU D 552 48.29 -13.96 27.51
C LEU D 552 47.44 -13.42 26.38
N THR D 553 46.37 -12.71 26.73
CA THR D 553 45.43 -12.17 25.76
C THR D 553 45.46 -10.65 25.79
N THR D 554 45.37 -10.04 24.61
CA THR D 554 45.43 -8.60 24.47
C THR D 554 44.37 -8.13 23.49
N THR D 555 43.75 -6.99 23.79
CA THR D 555 42.77 -6.38 22.91
C THR D 555 42.82 -4.87 23.11
N GLY D 556 42.91 -4.13 22.01
CA GLY D 556 43.03 -2.69 22.06
C GLY D 556 42.05 -2.02 21.11
N TYR D 557 42.14 -0.69 21.07
CA TYR D 557 41.26 0.14 20.26
C TYR D 557 42.09 1.01 19.34
N ILE D 558 41.60 1.22 18.13
CA ILE D 558 42.26 2.06 17.13
C ILE D 558 41.37 3.27 16.87
N TYR D 559 41.94 4.46 17.04
CA TYR D 559 41.18 5.71 16.89
C TYR D 559 41.70 6.49 15.70
N PRO D 560 40.95 6.60 14.60
CA PRO D 560 41.41 7.43 13.48
C PRO D 560 41.60 8.87 13.90
N VAL D 561 42.58 9.52 13.28
CA VAL D 561 42.96 10.90 13.60
C VAL D 561 42.47 11.80 12.48
N THR D 562 41.80 12.89 12.86
CA THR D 562 41.33 13.89 11.92
C THR D 562 41.87 15.25 12.33
N GLY D 563 42.36 16.02 11.36
CA GLY D 563 42.90 17.33 11.65
C GLY D 563 44.28 17.24 12.28
N ASN D 564 44.68 18.34 12.91
CA ASN D 564 45.99 18.41 13.55
C ASN D 564 46.03 17.50 14.76
N LEU D 565 47.18 16.84 14.95
CA LEU D 565 47.35 15.93 16.08
C LEU D 565 47.45 16.72 17.38
N GLN D 566 47.20 16.02 18.49
CA GLN D 566 47.24 16.60 19.82
C GLN D 566 48.08 15.71 20.73
N MET D 567 48.77 16.35 21.68
CA MET D 567 49.75 15.67 22.49
C MET D 567 49.89 16.38 23.83
N ALA D 568 50.42 15.66 24.82
CA ALA D 568 50.51 16.14 26.18
C ALA D 568 51.88 15.88 26.76
N PHE D 569 52.31 16.75 27.67
CA PHE D 569 53.58 16.61 28.38
C PHE D 569 53.34 16.23 29.83
N ILE D 570 54.34 15.59 30.43
CA ILE D 570 54.37 15.32 31.86
C ILE D 570 55.74 15.71 32.41
N ILE D 571 55.75 16.51 33.47
CA ILE D 571 56.97 17.02 34.10
C ILE D 571 56.90 16.66 35.57
N SER D 572 57.52 15.55 35.95
CA SER D 572 57.60 15.12 37.35
C SER D 572 59.03 15.30 37.82
N VAL D 573 59.27 16.34 38.61
CA VAL D 573 60.63 16.71 38.97
C VAL D 573 61.01 16.04 40.28
N GLN D 574 62.30 15.74 40.43
CA GLN D 574 62.85 15.07 41.60
C GLN D 574 63.66 16.05 42.43
N TYR D 575 63.37 16.09 43.74
CA TYR D 575 63.99 17.03 44.65
C TYR D 575 65.47 16.70 44.88
N GLY D 576 66.16 17.63 45.53
CA GLY D 576 67.52 17.38 46.00
C GLY D 576 68.62 17.74 45.02
N THR D 577 69.66 18.41 45.52
CA THR D 577 70.80 18.78 44.70
C THR D 577 71.82 17.64 44.66
N ASP D 578 72.22 17.25 43.47
CA ASP D 578 73.16 16.15 43.29
C ASP D 578 73.84 16.32 41.93
N THR D 579 74.62 15.33 41.52
CA THR D 579 75.35 15.40 40.27
C THR D 579 74.43 15.45 39.05
N ASN D 580 73.37 14.65 39.03
CA ASN D 580 72.46 14.66 37.90
C ASN D 580 71.46 15.82 37.96
N SER D 581 71.59 16.70 38.95
CA SER D 581 70.65 17.80 39.10
C SER D 581 70.67 18.70 37.86
N VAL D 582 69.50 19.17 37.47
CA VAL D 582 69.35 20.07 36.33
C VAL D 582 69.33 21.50 36.87
N CYS D 583 70.27 22.33 36.40
CA CYS D 583 70.44 23.65 36.96
C CYS D 583 69.87 24.72 36.03
N PRO D 584 69.26 25.77 36.57
CA PRO D 584 68.76 26.86 35.73
C PRO D 584 69.87 27.87 35.42
N MET D 585 69.49 28.94 34.72
CA MET D 585 70.41 30.03 34.42
C MET D 585 69.63 31.34 34.25
C1 NAG E . -15.05 25.18 -45.04
C2 NAG E . -16.01 25.99 -45.91
C3 NAG E . -16.41 25.18 -47.15
C4 NAG E . -15.15 24.76 -47.88
C5 NAG E . -14.30 23.93 -46.92
C6 NAG E . -13.01 23.39 -47.52
C7 NAG E . -17.48 27.69 -44.93
C8 NAG E . -18.75 27.90 -44.14
N2 NAG E . -17.17 26.40 -45.18
O3 NAG E . -17.25 25.98 -47.93
O4 NAG E . -15.52 24.02 -49.02
O5 NAG E . -13.96 24.73 -45.80
O6 NAG E . -13.31 22.35 -48.42
O7 NAG E . -16.79 28.64 -45.27
C1 NAG E . -15.75 24.92 -50.15
C2 NAG E . -14.89 24.44 -51.32
C3 NAG E . -15.11 25.37 -52.52
C4 NAG E . -16.60 25.46 -52.83
C5 NAG E . -17.38 25.84 -51.57
C6 NAG E . -18.88 25.90 -51.77
C7 NAG E . -12.64 23.39 -50.98
C8 NAG E . -13.18 22.06 -51.47
N2 NAG E . -13.50 24.43 -50.95
O3 NAG E . -14.37 24.88 -53.60
O4 NAG E . -16.75 26.43 -53.85
O5 NAG E . -17.10 24.89 -50.56
O6 NAG E . -19.51 26.13 -50.53
O7 NAG E . -11.47 23.49 -50.64
C1 NAG F . -14.59 -31.01 -5.50
C2 NAG F . -13.07 -31.05 -5.41
C3 NAG F . -12.49 -31.39 -6.78
C4 NAG F . -13.15 -32.64 -7.36
C5 NAG F . -14.68 -32.51 -7.27
C6 NAG F . -15.42 -33.74 -7.77
C7 NAG F . -11.99 -29.57 -3.75
C8 NAG F . -11.52 -28.16 -3.50
N2 NAG F . -12.55 -29.78 -4.96
O3 NAG F . -11.11 -31.56 -6.64
O4 NAG F . -12.74 -32.73 -8.70
O5 NAG F . -15.05 -32.26 -5.93
O6 NAG F . -14.92 -34.88 -7.12
O7 NAG F . -11.88 -30.44 -2.91
C1 NAG F . -11.92 -33.89 -8.95
C2 NAG F . -12.18 -34.35 -10.39
C3 NAG F . -11.27 -35.51 -10.75
C4 NAG F . -9.82 -35.14 -10.48
C5 NAG F . -9.69 -34.70 -9.02
C6 NAG F . -8.28 -34.32 -8.61
C7 NAG F . -14.44 -34.06 -11.34
C8 NAG F . -15.83 -34.64 -11.37
N2 NAG F . -13.56 -34.72 -10.56
O3 NAG F . -11.49 -35.83 -12.10
O4 NAG F . -9.02 -36.26 -10.76
O5 NAG F . -10.56 -33.60 -8.78
O6 NAG F . -7.44 -35.43 -8.75
O7 NAG F . -14.14 -33.07 -11.99
C1 NAG G . 36.85 -10.74 39.37
C2 NAG G . 36.71 -11.68 40.57
C3 NAG G . 36.22 -10.92 41.80
C4 NAG G . 37.16 -9.77 42.06
C5 NAG G . 37.13 -8.88 40.81
C6 NAG G . 37.93 -7.61 40.94
C7 NAG G . 36.21 -14.04 40.13
C8 NAG G . 35.09 -15.01 39.79
N2 NAG G . 35.82 -12.77 40.25
O3 NAG G . 36.18 -11.83 42.88
O4 NAG G . 36.72 -9.08 43.21
O5 NAG G . 37.64 -9.64 39.72
O6 NAG G . 37.92 -6.91 39.72
O7 NAG G . 37.35 -14.42 40.27
C1 NAG G . 37.49 -9.50 44.36
C2 NAG G . 37.44 -8.37 45.40
C3 NAG G . 38.21 -8.80 46.65
C4 NAG G . 37.66 -10.13 47.16
C5 NAG G . 37.71 -11.16 46.02
C6 NAG G . 37.16 -12.52 46.40
C7 NAG G . 37.28 -6.03 44.65
C8 NAG G . 38.08 -4.88 44.07
N2 NAG G . 37.99 -7.16 44.86
O3 NAG G . 38.11 -7.78 47.60
O4 NAG G . 38.46 -10.52 48.25
O5 NAG G . 36.95 -10.67 44.92
O6 NAG G . 37.93 -13.06 47.45
O7 NAG G . 36.10 -5.92 44.91
C1 NAG H . -29.08 -1.77 18.60
C2 NAG H . -28.81 -0.47 17.83
C3 NAG H . -28.48 0.63 18.84
C4 NAG H . -29.56 0.74 19.91
C5 NAG H . -29.92 -0.64 20.48
C6 NAG H . -31.11 -0.61 21.40
C7 NAG H . -27.69 -0.06 15.67
C8 NAG H . -26.44 -0.33 14.87
N2 NAG H . -27.71 -0.60 16.91
O3 NAG H . -28.32 1.83 18.14
O4 NAG H . -29.03 1.56 20.93
O5 NAG H . -30.20 -1.54 19.43
O6 NAG H . -30.81 0.19 22.53
O7 NAG H . -28.61 0.61 15.22
C1 NAG H . -29.86 2.73 21.09
C2 NAG H . -29.25 3.57 22.22
C3 NAG H . -30.00 4.90 22.38
C4 NAG H . -30.09 5.60 21.04
C5 NAG H . -30.73 4.64 20.03
C6 NAG H . -30.92 5.23 18.65
C7 NAG H . -30.06 2.39 24.32
C8 NAG H . -31.52 2.69 24.04
N2 NAG H . -29.11 2.83 23.45
O3 NAG H . -29.32 5.67 23.34
O4 NAG H . -30.87 6.76 21.21
O5 NAG H . -29.91 3.49 19.91
O6 NAG H . -31.44 4.25 17.78
O7 NAG H . -29.75 1.76 25.32
C1 NAG I . 2.82 4.70 -55.35
C2 NAG I . 3.04 3.47 -54.46
C3 NAG I . 4.50 3.32 -54.07
C4 NAG I . 5.39 3.36 -55.31
C5 NAG I . 5.09 4.67 -56.06
C6 NAG I . 5.95 4.87 -57.30
C7 NAG I . 1.25 2.67 -52.96
C8 NAG I . 0.53 2.96 -51.67
N2 NAG I . 2.22 3.56 -53.28
O3 NAG I . 4.65 2.11 -53.38
O4 NAG I . 6.73 3.30 -54.88
O5 NAG I . 3.73 4.67 -56.44
O6 NAG I . 7.30 4.95 -56.92
O7 NAG I . 0.98 1.71 -53.65
C1 NAG J . -2.02 -18.16 -25.97
C2 NAG J . -1.69 -17.71 -24.55
C3 NAG J . -0.36 -16.95 -24.56
C4 NAG J . 0.72 -17.79 -25.22
C5 NAG J . 0.24 -18.22 -26.61
C6 NAG J . 1.23 -19.06 -27.38
C7 NAG J . -3.38 -15.89 -24.59
C8 NAG J . -4.44 -15.21 -23.75
N2 NAG J . -2.73 -16.90 -23.97
O3 NAG J . -0.04 -16.63 -23.23
O4 NAG J . 1.88 -16.98 -25.30
O5 NAG J . -0.96 -18.94 -26.47
O6 NAG J . 0.64 -19.50 -28.58
O7 NAG J . -3.15 -15.52 -25.73
C1 NAG K . -37.71 24.24 -20.32
C2 NAG K . -39.15 24.56 -20.70
C3 NAG K . -39.38 26.06 -20.59
C4 NAG K . -38.99 26.54 -19.20
C5 NAG K . -37.57 26.06 -18.86
C6 NAG K . -37.13 26.45 -17.46
C7 NAG K . -38.72 24.14 -23.11
C8 NAG K . -39.35 23.56 -24.35
N2 NAG K . -39.50 24.09 -22.01
O3 NAG K . -40.72 26.33 -20.88
O4 NAG K . -39.09 27.94 -19.20
O5 NAG K . -37.49 24.66 -19.00
O6 NAG K . -38.09 26.04 -16.53
O7 NAG K . -37.59 24.60 -23.13
C1 NAG L . -44.04 8.09 -42.56
C2 NAG L . -44.74 9.32 -41.98
C3 NAG L . -45.88 8.86 -41.06
C4 NAG L . -46.79 7.90 -41.81
C5 NAG L . -45.96 6.76 -42.42
C6 NAG L . -46.79 5.77 -43.22
C7 NAG L . -43.06 11.12 -41.85
C8 NAG L . -42.11 11.85 -40.95
N2 NAG L . -43.78 10.14 -41.28
O3 NAG L . -46.56 10.01 -40.62
O4 NAG L . -47.73 7.41 -40.88
O5 NAG L . -44.97 7.31 -43.27
O6 NAG L . -47.50 6.45 -44.22
O7 NAG L . -43.17 11.41 -43.04
C1 NAG M . 25.36 15.38 47.72
C2 NAG M . 24.51 15.95 46.58
C3 NAG M . 25.35 16.85 45.67
C4 NAG M . 26.07 17.90 46.51
C5 NAG M . 26.88 17.18 47.59
C6 NAG M . 27.65 18.13 48.49
C7 NAG M . 22.58 14.70 45.70
C8 NAG M . 22.17 13.53 44.83
N2 NAG M . 23.90 14.90 45.80
O3 NAG M . 24.49 17.44 44.73
O4 NAG M . 26.91 18.62 45.63
O5 NAG M . 25.99 16.43 48.40
O6 NAG M . 26.80 19.10 49.01
O7 NAG M . 21.74 15.39 46.26
C1 NAG N . -7.34 11.39 28.88
C2 NAG N . -7.35 11.11 27.36
C3 NAG N . -6.37 12.04 26.65
C4 NAG N . -6.67 13.49 27.03
C5 NAG N . -6.65 13.62 28.55
C6 NAG N . -6.91 15.02 29.05
C7 NAG N . -6.00 9.03 27.59
C8 NAG N . -5.90 7.62 27.11
N2 NAG N . -7.03 9.74 27.07
O3 NAG N . -6.50 11.82 25.27
O4 NAG N . -5.67 14.28 26.43
O5 NAG N . -7.63 12.76 29.09
O6 NAG N . -6.99 15.01 30.46
O7 NAG N . -5.19 9.49 28.38
C1 NAG O . 21.22 -37.47 25.20
C2 NAG O . 20.96 -38.56 26.24
C3 NAG O . 22.18 -39.48 26.31
C4 NAG O . 22.52 -40.01 24.92
C5 NAG O . 22.65 -38.84 23.94
C6 NAG O . 22.95 -39.28 22.53
C7 NAG O . 21.22 -36.95 28.11
C8 NAG O . 20.68 -36.63 29.48
N2 NAG O . 20.64 -38.03 27.54
O3 NAG O . 21.89 -40.51 27.22
O4 NAG O . 23.72 -40.74 25.04
O5 NAG O . 21.46 -38.08 23.95
O6 NAG O . 21.95 -40.19 22.10
O7 NAG O . 22.11 -36.28 27.62
C1 NAG P . 13.44 -30.50 51.36
C2 NAG P . 14.59 -31.42 50.94
C3 NAG P . 14.07 -32.83 50.67
C4 NAG P . 13.23 -33.33 51.84
C5 NAG P . 12.14 -32.30 52.15
C6 NAG P . 11.22 -32.69 53.28
C7 NAG P . 16.44 -30.28 49.79
C8 NAG P . 16.93 -29.82 48.44
N2 NAG P . 15.25 -30.90 49.78
O3 NAG P . 15.18 -33.66 50.44
O4 NAG P . 12.68 -34.58 51.47
O5 NAG P . 12.74 -31.07 52.45
O6 NAG P . 11.98 -32.97 54.44
O7 NAG P . 17.08 -30.08 50.81
#